data_5UMB
#
_entry.id   5UMB
#
_cell.length_a   84.531
_cell.length_b   112.264
_cell.length_c   93.157
_cell.angle_alpha   90.000
_cell.angle_beta   90.130
_cell.angle_gamma   90.000
#
_symmetry.space_group_name_H-M   'P 1 21 1'
#
loop_
_entity.id
_entity.type
_entity.pdbx_description
1 polymer 'Chaperone DnaK'
2 non-polymer 'MAGNESIUM ION'
3 non-polymer 'PHOSPHATE ION'
4 non-polymer "ADENOSINE-5'-DIPHOSPHATE"
5 water water
#
_entity_poly.entity_id   1
_entity_poly.type   'polypeptide(L)'
_entity_poly.pdbx_seq_one_letter_code
;EGPVIGIDLGTTYSCVGVFKNGRVEILNNELGNRITPSYVSFVDGERKVGEAAKLEATLHPTQTVFDVKRLIGRKFDDQE
VVKDRSLLPYEIVNNQGKPNIKVQIKDKDTTFAPEQISAMVLEKMKEIAQSFLGKPVKNAVVTVPAYFNDAQRQATKDAG
TIAGLNIVRIINEPTAAALAYGLDKKEETSILVYDLGGGTFDVSILVIDNGVFEVYATAGNTHLGGEDFDQRVMDYFIKM
FKKKNNIDLRTDKRAIQKLRKEVEIAKRNLSVVHSTQIEIEDIVEGHNFSETLTRAKFEELNDDLFRETLEPVKKVLDDA
KYEKSKIDEIVLVGGSTRIPKIQQIIKEFFNGKEPNRGINPDEAVAYGAAIQAGIILG
;
_entity_poly.pdbx_strand_id   A,B,C,D
#
loop_
_chem_comp.id
_chem_comp.type
_chem_comp.name
_chem_comp.formula
ADP non-polymer ADENOSINE-5'-DIPHOSPHATE 'C10 H15 N5 O10 P2'
MG non-polymer 'MAGNESIUM ION' 'Mg 2'
PO4 non-polymer 'PHOSPHATE ION' 'O4 P -3'
#
# COMPACT_ATOMS: atom_id res chain seq x y z
N GLU A 1 -1.87 51.36 46.14
CA GLU A 1 -2.77 52.07 47.02
C GLU A 1 -4.27 51.79 46.89
N GLY A 2 -4.95 52.44 45.96
CA GLY A 2 -6.39 52.32 45.79
C GLY A 2 -6.93 51.13 45.07
N PRO A 3 -7.98 51.31 44.29
CA PRO A 3 -8.52 50.20 43.53
C PRO A 3 -7.61 49.84 42.38
N VAL A 4 -7.50 48.55 42.12
CA VAL A 4 -6.73 48.06 41.01
C VAL A 4 -7.63 47.16 40.22
N ILE A 5 -7.76 47.48 38.95
CA ILE A 5 -8.64 46.74 38.04
C ILE A 5 -7.82 45.90 37.03
N GLY A 6 -8.37 44.81 36.54
CA GLY A 6 -7.73 44.01 35.53
C GLY A 6 -8.41 44.22 34.18
N ILE A 7 -7.65 44.45 33.12
CA ILE A 7 -8.19 44.70 31.78
C ILE A 7 -7.62 43.85 30.68
N ASP A 8 -8.50 43.20 29.94
CA ASP A 8 -8.15 42.46 28.79
C ASP A 8 -8.34 43.32 27.56
N LEU A 9 -7.23 43.87 27.06
CA LEU A 9 -7.23 44.75 25.89
C LEU A 9 -6.88 43.85 24.70
N GLY A 10 -7.93 43.31 24.09
CA GLY A 10 -7.83 42.35 22.98
C GLY A 10 -7.86 43.00 21.62
N THR A 11 -7.42 42.24 20.59
CA THR A 11 -7.36 42.66 19.19
C THR A 11 -8.72 43.09 18.67
N THR A 12 -9.71 42.29 19.01
CA THR A 12 -11.09 42.47 18.63
C THR A 12 -12.10 42.87 19.73
N TYR A 13 -12.00 42.28 20.90
CA TYR A 13 -12.87 42.62 21.99
C TYR A 13 -12.06 42.95 23.20
N SER A 14 -12.64 43.78 24.06
CA SER A 14 -12.09 44.17 25.33
C SER A 14 -13.02 43.87 26.48
N CYS A 15 -12.44 43.52 27.62
CA CYS A 15 -13.12 43.12 28.80
C CYS A 15 -12.45 43.61 30.12
N VAL A 16 -13.23 44.09 31.06
CA VAL A 16 -12.77 44.65 32.34
C VAL A 16 -13.37 43.89 33.55
N GLY A 17 -12.54 43.61 34.54
CA GLY A 17 -12.93 42.95 35.77
C GLY A 17 -12.42 43.66 37.00
N VAL A 18 -13.16 43.50 38.09
CA VAL A 18 -12.79 44.09 39.37
C VAL A 18 -12.73 42.99 40.44
N PHE A 19 -11.82 43.14 41.41
CA PHE A 19 -11.66 42.21 42.52
C PHE A 19 -12.13 42.93 43.78
N LYS A 20 -13.33 42.58 44.25
CA LYS A 20 -13.96 43.15 45.44
C LYS A 20 -14.70 42.02 46.19
N ASN A 21 -14.64 42.07 47.55
CA ASN A 21 -15.24 41.10 48.49
C ASN A 21 -14.68 39.66 48.29
N GLY A 22 -13.38 39.59 47.99
CA GLY A 22 -12.64 38.35 47.75
C GLY A 22 -13.01 37.55 46.51
N ARG A 23 -13.62 38.23 45.52
CA ARG A 23 -14.04 37.62 44.25
C ARG A 23 -14.01 38.61 43.10
N VAL A 24 -13.96 38.08 41.89
CA VAL A 24 -13.90 38.85 40.66
C VAL A 24 -15.29 39.09 40.08
N GLU A 25 -15.56 40.32 39.66
CA GLU A 25 -16.79 40.73 38.98
C GLU A 25 -16.38 41.25 37.58
N ILE A 26 -16.82 40.57 36.52
CA ILE A 26 -16.61 40.97 35.14
C ILE A 26 -17.73 41.94 34.86
N LEU A 27 -17.37 43.15 34.47
CA LEU A 27 -18.33 44.22 34.32
C LEU A 27 -19.01 44.35 32.95
N ASN A 28 -20.26 44.82 33.00
CA ASN A 28 -21.09 45.08 31.82
C ASN A 28 -20.86 46.50 31.32
N ASN A 29 -20.95 46.68 30.00
CA ASN A 29 -20.83 48.00 29.39
C ASN A 29 -22.23 48.64 29.30
N GLU A 30 -22.34 49.80 28.63
CA GLU A 30 -23.60 50.54 28.42
C GLU A 30 -24.72 49.69 27.80
N LEU A 31 -24.37 48.69 26.97
CA LEU A 31 -25.33 47.81 26.30
C LEU A 31 -25.59 46.48 27.01
N GLY A 32 -25.03 46.35 28.21
CA GLY A 32 -25.17 45.17 29.05
C GLY A 32 -24.41 43.97 28.53
N ASN A 33 -23.24 44.21 27.96
CA ASN A 33 -22.38 43.13 27.47
C ASN A 33 -21.11 43.08 28.32
N ARG A 34 -20.67 41.90 28.68
CA ARG A 34 -19.45 41.79 29.42
C ARG A 34 -18.22 41.98 28.52
N ILE A 35 -18.42 42.07 27.20
CA ILE A 35 -17.39 42.31 26.25
C ILE A 35 -17.74 43.49 25.37
N THR A 36 -16.71 44.29 25.05
CA THR A 36 -16.75 45.48 24.23
C THR A 36 -15.84 45.44 22.99
N PRO A 37 -16.34 45.65 21.76
CA PRO A 37 -15.43 45.64 20.60
C PRO A 37 -14.34 46.73 20.68
N SER A 38 -13.09 46.36 20.32
CA SER A 38 -11.94 47.28 20.32
C SER A 38 -11.96 48.07 18.99
N TYR A 39 -13.03 48.83 18.78
CA TYR A 39 -13.28 49.65 17.61
C TYR A 39 -13.53 51.09 18.04
N VAL A 40 -13.05 52.04 17.22
CA VAL A 40 -13.24 53.49 17.40
C VAL A 40 -13.63 54.08 16.03
N SER A 41 -14.67 54.91 15.96
CA SER A 41 -15.07 55.59 14.71
C SER A 41 -15.08 57.10 14.88
N PHE A 42 -14.95 57.81 13.76
CA PHE A 42 -14.92 59.27 13.74
C PHE A 42 -15.84 59.77 12.60
N VAL A 43 -17.00 59.12 12.44
CA VAL A 43 -17.99 59.42 11.41
C VAL A 43 -18.70 60.74 11.76
N ASP A 44 -18.73 61.70 10.80
CA ASP A 44 -19.36 63.02 10.96
C ASP A 44 -18.91 63.77 12.23
N GLY A 45 -17.62 63.68 12.52
CA GLY A 45 -16.99 64.30 13.68
C GLY A 45 -17.46 63.77 15.02
N GLU A 46 -18.14 62.61 15.05
CA GLU A 46 -18.63 62.03 16.29
C GLU A 46 -17.78 60.82 16.65
N ARG A 47 -16.99 60.92 17.73
CA ARG A 47 -16.14 59.83 18.21
C ARG A 47 -16.99 58.80 18.96
N LYS A 48 -16.91 57.53 18.54
CA LYS A 48 -17.66 56.43 19.14
C LYS A 48 -16.72 55.29 19.43
N VAL A 49 -16.88 54.64 20.58
CA VAL A 49 -16.02 53.54 21.00
C VAL A 49 -16.91 52.31 21.30
N GLY A 50 -16.58 51.17 20.68
CA GLY A 50 -17.31 49.93 20.91
C GLY A 50 -18.24 49.48 19.80
N GLU A 51 -19.38 48.87 20.18
CA GLU A 51 -20.37 48.31 19.25
C GLU A 51 -20.99 49.37 18.32
N ALA A 52 -21.11 50.62 18.77
CA ALA A 52 -21.64 51.74 18.00
C ALA A 52 -20.63 52.10 16.86
N ALA A 53 -19.33 51.88 17.13
CA ALA A 53 -18.24 52.11 16.18
C ALA A 53 -18.17 50.93 15.22
N LYS A 54 -18.22 49.68 15.76
CA LYS A 54 -18.20 48.42 15.00
C LYS A 54 -19.31 48.37 13.90
N LEU A 55 -20.47 49.02 14.14
CA LEU A 55 -21.58 49.07 13.19
C LEU A 55 -21.30 49.95 11.96
N GLU A 56 -20.47 50.98 12.14
CA GLU A 56 -20.06 51.93 11.08
C GLU A 56 -18.99 51.35 10.15
N ALA A 57 -18.32 50.24 10.57
CA ALA A 57 -17.20 49.59 9.88
C ALA A 57 -17.43 49.34 8.38
N THR A 58 -18.63 48.88 7.99
CA THR A 58 -18.92 48.60 6.58
C THR A 58 -19.27 49.85 5.81
N LEU A 59 -20.13 50.71 6.37
CA LEU A 59 -20.56 51.94 5.68
C LEU A 59 -19.49 53.00 5.59
N HIS A 60 -18.58 53.05 6.59
CA HIS A 60 -17.50 54.03 6.65
C HIS A 60 -16.14 53.35 6.98
N PRO A 61 -15.55 52.60 6.00
CA PRO A 61 -14.26 51.91 6.27
C PRO A 61 -13.04 52.81 6.49
N THR A 62 -13.05 54.07 6.02
CA THR A 62 -11.92 55.00 6.25
C THR A 62 -12.02 55.71 7.59
N GLN A 63 -13.24 55.80 8.17
CA GLN A 63 -13.49 56.48 9.44
C GLN A 63 -13.57 55.54 10.66
N THR A 64 -13.50 54.23 10.44
CA THR A 64 -13.59 53.25 11.50
C THR A 64 -12.26 52.53 11.64
N VAL A 65 -11.69 52.57 12.86
CA VAL A 65 -10.39 52.01 13.23
C VAL A 65 -10.58 50.84 14.17
N PHE A 66 -9.80 49.77 13.97
CA PHE A 66 -9.84 48.52 14.72
C PHE A 66 -8.51 47.79 14.46
N ASP A 67 -8.25 46.66 15.16
CA ASP A 67 -7.04 45.83 15.04
C ASP A 67 -5.72 46.61 15.20
N VAL A 68 -5.78 47.68 15.96
CA VAL A 68 -4.70 48.59 16.29
C VAL A 68 -3.62 47.88 17.16
N LYS A 69 -4.02 46.80 17.84
CA LYS A 69 -3.13 45.93 18.63
C LYS A 69 -2.03 45.25 17.72
N ARG A 70 -2.31 45.14 16.41
CA ARG A 70 -1.38 44.58 15.41
C ARG A 70 -0.27 45.59 15.00
N LEU A 71 -0.44 46.86 15.38
CA LEU A 71 0.46 47.96 15.01
C LEU A 71 1.27 48.50 16.18
N ILE A 72 0.69 48.38 17.40
CA ILE A 72 1.23 48.89 18.66
C ILE A 72 2.67 48.38 18.94
N GLY A 73 3.56 49.31 19.24
CA GLY A 73 4.97 49.06 19.52
C GLY A 73 5.85 48.67 18.34
N ARG A 74 5.31 48.79 17.12
CA ARG A 74 5.98 48.40 15.87
C ARG A 74 6.37 49.55 14.94
N LYS A 75 7.27 49.26 13.98
CA LYS A 75 7.75 50.18 12.94
C LYS A 75 6.94 49.87 11.67
N PHE A 76 6.60 50.90 10.87
CA PHE A 76 5.82 50.77 9.62
C PHE A 76 6.43 49.72 8.68
N ASP A 77 7.77 49.59 8.77
CA ASP A 77 8.61 48.70 7.96
C ASP A 77 8.63 47.26 8.46
N ASP A 78 8.01 46.97 9.63
CA ASP A 78 7.94 45.61 10.20
C ASP A 78 7.14 44.74 9.24
N GLN A 79 7.65 43.52 9.02
CA GLN A 79 7.14 42.51 8.09
C GLN A 79 5.67 42.20 8.36
N GLU A 80 5.31 42.13 9.66
CA GLU A 80 3.95 41.90 10.14
C GLU A 80 3.03 43.11 9.86
N VAL A 81 3.55 44.37 10.00
CA VAL A 81 2.79 45.61 9.74
C VAL A 81 2.57 45.81 8.22
N VAL A 82 3.50 45.31 7.38
CA VAL A 82 3.38 45.39 5.91
C VAL A 82 2.26 44.45 5.46
N LYS A 83 2.25 43.22 6.00
CA LYS A 83 1.20 42.22 5.76
C LYS A 83 -0.16 42.74 6.26
N ASP A 84 -0.23 43.36 7.48
CA ASP A 84 -1.45 43.94 8.10
C ASP A 84 -2.06 45.12 7.35
N ARG A 85 -1.23 46.08 6.90
CA ARG A 85 -1.67 47.29 6.19
C ARG A 85 -2.39 46.93 4.90
N SER A 86 -1.91 45.90 4.20
CA SER A 86 -2.54 45.37 2.98
C SER A 86 -3.95 44.81 3.27
N LEU A 87 -4.19 44.37 4.53
CA LEU A 87 -5.45 43.76 4.99
C LEU A 87 -6.41 44.75 5.66
N LEU A 88 -5.88 45.81 6.30
CA LEU A 88 -6.72 46.79 7.00
C LEU A 88 -7.36 47.83 6.03
N PRO A 89 -8.69 48.04 6.11
CA PRO A 89 -9.37 48.93 5.14
C PRO A 89 -9.18 50.42 5.33
N TYR A 90 -8.72 50.84 6.51
CA TYR A 90 -8.47 52.23 6.85
C TYR A 90 -7.03 52.62 6.47
N GLU A 91 -6.75 53.92 6.37
CA GLU A 91 -5.44 54.39 5.96
C GLU A 91 -4.39 54.38 7.07
N ILE A 92 -3.26 53.72 6.78
CA ILE A 92 -2.10 53.67 7.67
C ILE A 92 -0.96 54.36 6.94
N VAL A 93 -0.47 55.46 7.53
CA VAL A 93 0.62 56.24 6.95
C VAL A 93 1.92 55.97 7.70
N ASN A 94 3.06 56.27 7.04
CA ASN A 94 4.40 56.18 7.60
C ASN A 94 4.79 57.54 8.17
N ASN A 95 4.66 57.70 9.49
CA ASN A 95 5.06 58.95 10.12
C ASN A 95 6.51 58.82 10.62
N GLN A 96 7.45 59.07 9.70
CA GLN A 96 8.91 59.02 9.97
C GLN A 96 9.35 57.69 10.66
N GLY A 97 8.91 56.57 10.09
CA GLY A 97 9.24 55.22 10.58
C GLY A 97 8.18 54.53 11.42
N LYS A 98 7.29 55.31 12.03
CA LYS A 98 6.23 54.82 12.90
C LYS A 98 4.86 54.84 12.20
N PRO A 99 4.07 53.74 12.23
CA PRO A 99 2.74 53.77 11.61
C PRO A 99 1.77 54.71 12.33
N ASN A 100 0.96 55.41 11.57
CA ASN A 100 -0.06 56.31 12.06
C ASN A 100 -1.37 56.06 11.32
N ILE A 101 -2.50 56.15 12.02
CA ILE A 101 -3.82 55.96 11.42
C ILE A 101 -4.31 57.34 10.94
N LYS A 102 -4.61 57.48 9.65
CA LYS A 102 -5.05 58.75 9.08
C LYS A 102 -6.56 58.76 8.88
N VAL A 103 -7.27 59.68 9.57
CA VAL A 103 -8.71 59.86 9.47
C VAL A 103 -9.08 61.33 9.25
N GLN A 104 -10.26 61.60 8.66
CA GLN A 104 -10.74 62.96 8.46
C GLN A 104 -11.58 63.41 9.67
N ILE A 105 -11.24 64.54 10.30
CA ILE A 105 -11.96 65.06 11.48
C ILE A 105 -12.19 66.56 11.26
N LYS A 106 -13.48 67.00 11.26
CA LYS A 106 -13.88 68.39 10.99
C LYS A 106 -13.25 68.84 9.66
N ASP A 107 -13.37 67.97 8.63
CA ASP A 107 -12.84 68.14 7.27
C ASP A 107 -11.29 68.22 7.21
N LYS A 108 -10.58 67.91 8.33
CA LYS A 108 -9.11 67.95 8.41
C LYS A 108 -8.42 66.57 8.55
N ASP A 109 -7.27 66.36 7.86
CA ASP A 109 -6.51 65.10 8.00
C ASP A 109 -5.95 65.03 9.43
N THR A 110 -6.26 63.92 10.13
CA THR A 110 -5.86 63.72 11.53
C THR A 110 -5.15 62.39 11.66
N THR A 111 -3.96 62.42 12.27
CA THR A 111 -3.16 61.21 12.46
C THR A 111 -3.11 60.81 13.92
N PHE A 112 -3.23 59.49 14.15
CA PHE A 112 -3.19 58.88 15.46
C PHE A 112 -2.13 57.80 15.53
N ALA A 113 -1.37 57.78 16.63
CA ALA A 113 -0.44 56.72 16.93
C ALA A 113 -1.30 55.53 17.40
N PRO A 114 -0.88 54.28 17.16
CA PRO A 114 -1.71 53.14 17.63
C PRO A 114 -2.08 53.18 19.13
N GLU A 115 -1.19 53.74 20.00
CA GLU A 115 -1.45 53.82 21.44
C GLU A 115 -2.55 54.85 21.76
N GLN A 116 -2.85 55.79 20.83
CA GLN A 116 -3.90 56.81 21.00
C GLN A 116 -5.29 56.21 20.79
N ILE A 117 -5.43 55.21 19.91
CA ILE A 117 -6.69 54.49 19.65
C ILE A 117 -6.95 53.48 20.80
N SER A 118 -5.90 52.72 21.20
CA SER A 118 -5.96 51.73 22.29
C SER A 118 -6.36 52.40 23.60
N ALA A 119 -5.92 53.65 23.82
CA ALA A 119 -6.20 54.50 24.97
C ALA A 119 -7.66 54.87 25.03
N MET A 120 -8.30 55.08 23.87
CA MET A 120 -9.74 55.39 23.80
C MET A 120 -10.58 54.17 24.28
N VAL A 121 -10.14 52.95 23.93
CA VAL A 121 -10.74 51.69 24.36
C VAL A 121 -10.48 51.54 25.89
N LEU A 122 -9.25 51.85 26.37
CA LEU A 122 -8.93 51.79 27.81
C LEU A 122 -9.73 52.84 28.60
N GLU A 123 -10.02 54.01 27.99
CA GLU A 123 -10.82 55.09 28.61
C GLU A 123 -12.22 54.55 28.89
N LYS A 124 -12.79 53.79 27.93
CA LYS A 124 -14.13 53.19 28.07
C LYS A 124 -14.12 52.12 29.18
N MET A 125 -13.08 51.26 29.24
CA MET A 125 -12.95 50.21 30.25
C MET A 125 -12.79 50.81 31.64
N LYS A 126 -11.98 51.87 31.75
CA LYS A 126 -11.75 52.62 33.00
C LYS A 126 -13.06 53.24 33.54
N GLU A 127 -13.90 53.80 32.64
CA GLU A 127 -15.16 54.45 33.02
C GLU A 127 -16.19 53.47 33.52
N ILE A 128 -16.23 52.24 32.91
CA ILE A 128 -17.12 51.17 33.32
C ILE A 128 -16.76 50.83 34.79
N ALA A 129 -15.43 50.64 35.07
CA ALA A 129 -14.93 50.35 36.43
C ALA A 129 -15.20 51.48 37.44
N GLN A 130 -15.14 52.76 37.00
CA GLN A 130 -15.37 53.90 37.89
C GLN A 130 -16.79 54.05 38.34
N SER A 131 -17.75 53.91 37.43
CA SER A 131 -19.16 53.98 37.80
C SER A 131 -19.61 52.73 38.60
N PHE A 132 -18.98 51.57 38.37
CA PHE A 132 -19.36 50.37 39.12
C PHE A 132 -18.86 50.44 40.56
N LEU A 133 -17.57 50.80 40.73
CA LEU A 133 -16.93 50.86 42.04
C LEU A 133 -17.30 52.09 42.87
N GLY A 134 -17.78 53.15 42.21
CA GLY A 134 -18.14 54.40 42.85
C GLY A 134 -16.94 55.14 43.43
N LYS A 135 -15.73 54.85 42.89
CA LYS A 135 -14.44 55.41 43.32
C LYS A 135 -13.58 55.72 42.11
N PRO A 136 -12.61 56.67 42.21
CA PRO A 136 -11.69 56.90 41.08
C PRO A 136 -10.71 55.72 40.87
N VAL A 137 -10.50 55.35 39.62
CA VAL A 137 -9.58 54.27 39.24
C VAL A 137 -8.36 54.84 38.51
N LYS A 138 -7.18 54.56 39.05
CA LYS A 138 -5.93 54.97 38.42
C LYS A 138 -5.13 53.73 38.06
N ASN A 139 -4.94 52.80 39.02
CA ASN A 139 -4.15 51.59 38.80
C ASN A 139 -4.90 50.46 38.08
N ALA A 140 -4.18 49.82 37.16
CA ALA A 140 -4.69 48.69 36.38
C ALA A 140 -3.62 47.66 36.06
N VAL A 141 -4.04 46.40 35.90
CA VAL A 141 -3.24 45.27 35.43
C VAL A 141 -3.78 45.05 34.02
N VAL A 142 -2.90 45.10 33.01
CA VAL A 142 -3.34 44.91 31.64
C VAL A 142 -2.61 43.70 31.04
N THR A 143 -3.31 42.89 30.24
CA THR A 143 -2.75 41.69 29.63
C THR A 143 -2.25 41.95 28.23
N VAL A 144 -1.28 41.12 27.79
CA VAL A 144 -0.68 41.19 26.46
C VAL A 144 -0.36 39.77 25.99
N PRO A 145 -0.29 39.52 24.67
CA PRO A 145 0.18 38.20 24.19
C PRO A 145 1.55 37.86 24.79
N ALA A 146 1.83 36.55 25.03
CA ALA A 146 3.12 36.10 25.56
C ALA A 146 4.32 36.40 24.62
N TYR A 147 4.04 36.59 23.31
CA TYR A 147 5.06 36.85 22.31
C TYR A 147 5.44 38.34 22.23
N PHE A 148 4.64 39.24 22.82
CA PHE A 148 4.89 40.69 22.83
C PHE A 148 6.27 41.02 23.38
N ASN A 149 7.03 41.81 22.63
CA ASN A 149 8.38 42.21 23.03
C ASN A 149 8.31 43.41 23.99
N ASP A 150 9.49 43.99 24.37
CA ASP A 150 9.56 45.14 25.28
C ASP A 150 8.89 46.41 24.73
N ALA A 151 9.02 46.65 23.41
CA ALA A 151 8.43 47.80 22.72
C ALA A 151 6.90 47.73 22.74
N GLN A 152 6.35 46.55 22.48
CA GLN A 152 4.90 46.29 22.48
C GLN A 152 4.28 46.39 23.90
N ARG A 153 5.01 45.92 24.92
CA ARG A 153 4.62 46.00 26.32
C ARG A 153 4.63 47.44 26.82
N GLN A 154 5.66 48.22 26.44
CA GLN A 154 5.76 49.62 26.83
C GLN A 154 4.74 50.45 26.08
N ALA A 155 4.49 50.17 24.78
CA ALA A 155 3.48 50.89 24.00
C ALA A 155 2.08 50.71 24.60
N THR A 156 1.82 49.53 25.21
CA THR A 156 0.56 49.24 25.90
C THR A 156 0.49 50.09 27.18
N LYS A 157 1.60 50.19 27.94
CA LYS A 157 1.68 51.01 29.15
C LYS A 157 1.47 52.49 28.79
N ASP A 158 1.99 52.93 27.61
CA ASP A 158 1.84 54.29 27.11
C ASP A 158 0.39 54.59 26.75
N ALA A 159 -0.34 53.62 26.16
CA ALA A 159 -1.78 53.71 25.86
C ALA A 159 -2.54 53.92 27.20
N GLY A 160 -2.08 53.24 28.26
CA GLY A 160 -2.62 53.37 29.60
C GLY A 160 -2.44 54.77 30.16
N THR A 161 -1.24 55.34 29.98
CA THR A 161 -0.89 56.69 30.43
C THR A 161 -1.80 57.73 29.77
N ILE A 162 -2.00 57.65 28.43
CA ILE A 162 -2.89 58.55 27.67
C ILE A 162 -4.32 58.48 28.24
N ALA A 163 -4.79 57.26 28.60
CA ALA A 163 -6.10 56.94 29.17
C ALA A 163 -6.26 57.38 30.65
N GLY A 164 -5.17 57.75 31.30
CA GLY A 164 -5.17 58.18 32.70
C GLY A 164 -5.05 57.01 33.66
N LEU A 165 -4.47 55.91 33.19
CA LEU A 165 -4.27 54.70 33.96
C LEU A 165 -2.81 54.43 34.22
N ASN A 166 -2.49 54.03 35.45
CA ASN A 166 -1.14 53.62 35.80
C ASN A 166 -1.16 52.10 35.68
N ILE A 167 -0.61 51.57 34.56
CA ILE A 167 -0.54 50.12 34.36
C ILE A 167 0.61 49.60 35.21
N VAL A 168 0.26 49.20 36.44
CA VAL A 168 1.19 48.74 37.48
C VAL A 168 1.88 47.42 37.11
N ARG A 169 1.24 46.60 36.26
CA ARG A 169 1.79 45.32 35.84
C ARG A 169 1.17 44.88 34.52
N ILE A 170 2.02 44.38 33.64
CA ILE A 170 1.64 43.81 32.35
C ILE A 170 1.87 42.32 32.55
N ILE A 171 0.82 41.51 32.33
CA ILE A 171 0.92 40.05 32.47
C ILE A 171 0.56 39.39 31.15
N ASN A 172 1.00 38.14 30.96
CA ASN A 172 0.75 37.40 29.74
C ASN A 172 -0.65 36.86 29.78
N GLU A 173 -1.32 36.91 28.62
CA GLU A 173 -2.68 36.40 28.42
C GLU A 173 -2.86 34.90 28.82
N PRO A 174 -1.99 33.94 28.44
CA PRO A 174 -2.21 32.54 28.88
C PRO A 174 -1.99 32.34 30.37
N THR A 175 -1.11 33.16 30.97
CA THR A 175 -0.80 33.15 32.41
C THR A 175 -1.98 33.71 33.17
N ALA A 176 -2.69 34.69 32.58
CA ALA A 176 -3.89 35.31 33.17
C ALA A 176 -5.04 34.30 33.26
N ALA A 177 -5.34 33.58 32.19
CA ALA A 177 -6.40 32.56 32.09
C ALA A 177 -6.15 31.33 33.02
N ALA A 178 -4.87 30.93 33.17
CA ALA A 178 -4.49 29.84 34.08
C ALA A 178 -4.66 30.32 35.52
N LEU A 179 -4.31 31.60 35.82
CA LEU A 179 -4.48 32.24 37.13
C LEU A 179 -5.98 32.25 37.49
N ALA A 180 -6.85 32.56 36.49
CA ALA A 180 -8.31 32.62 36.63
C ALA A 180 -8.87 31.28 37.09
N TYR A 181 -8.27 30.18 36.61
CA TYR A 181 -8.68 28.84 37.00
C TYR A 181 -7.95 28.29 38.24
N GLY A 182 -7.26 29.18 38.97
CA GLY A 182 -6.51 28.88 40.18
C GLY A 182 -5.46 27.81 39.98
N LEU A 183 -4.82 27.78 38.81
CA LEU A 183 -3.84 26.73 38.48
C LEU A 183 -2.44 26.99 39.06
N ASP A 184 -2.19 28.22 39.58
CA ASP A 184 -0.95 28.62 40.24
C ASP A 184 -0.80 27.80 41.53
N LYS A 185 0.45 27.48 41.92
CA LYS A 185 0.74 26.62 43.07
C LYS A 185 0.13 25.20 42.91
N LYS A 186 0.24 24.62 41.68
CA LYS A 186 -0.22 23.25 41.41
C LYS A 186 0.99 22.30 41.45
N GLU A 187 2.15 22.89 41.80
CA GLU A 187 3.48 22.33 42.10
C GLU A 187 4.24 21.73 40.92
N GLU A 188 3.72 20.69 40.22
CA GLU A 188 4.52 20.11 39.13
C GLU A 188 3.62 19.74 37.94
N THR A 189 2.99 20.77 37.32
CA THR A 189 2.07 20.49 36.22
C THR A 189 2.37 21.31 34.98
N SER A 190 1.91 20.79 33.83
CA SER A 190 2.00 21.40 32.53
C SER A 190 0.59 21.76 32.04
N ILE A 191 0.40 23.03 31.67
CA ILE A 191 -0.88 23.57 31.22
C ILE A 191 -0.81 23.92 29.75
N LEU A 192 -1.81 23.49 28.95
CA LEU A 192 -1.92 23.88 27.55
C LEU A 192 -3.05 24.91 27.45
N VAL A 193 -2.72 26.12 27.04
CA VAL A 193 -3.73 27.15 26.89
C VAL A 193 -4.06 27.31 25.38
N TYR A 194 -5.28 26.93 24.98
CA TYR A 194 -5.78 27.04 23.62
C TYR A 194 -6.67 28.30 23.60
N ASP A 195 -6.18 29.35 22.94
CA ASP A 195 -6.77 30.67 22.84
C ASP A 195 -7.14 31.03 21.39
N LEU A 196 -8.41 30.94 21.06
CA LEU A 196 -8.95 31.24 19.74
C LEU A 196 -9.88 32.41 19.87
N GLY A 197 -9.43 33.56 19.44
CA GLY A 197 -10.21 34.79 19.53
C GLY A 197 -10.82 35.21 18.22
N GLY A 198 -11.00 36.50 18.08
CA GLY A 198 -11.63 37.10 16.92
C GLY A 198 -10.75 37.17 15.70
N GLY A 199 -9.46 37.48 15.90
CA GLY A 199 -8.55 37.61 14.79
C GLY A 199 -7.31 36.76 14.86
N THR A 200 -6.93 36.34 16.08
CA THR A 200 -5.71 35.57 16.28
C THR A 200 -5.95 34.27 17.04
N PHE A 201 -5.01 33.32 16.85
CA PHE A 201 -5.00 32.04 17.52
C PHE A 201 -3.64 31.83 18.21
N ASP A 202 -3.66 31.51 19.50
CA ASP A 202 -2.45 31.27 20.30
C ASP A 202 -2.55 29.99 21.14
N VAL A 203 -1.49 29.18 21.13
CA VAL A 203 -1.32 27.99 21.96
C VAL A 203 -0.07 28.11 22.76
N SER A 204 -0.19 27.97 24.08
CA SER A 204 0.97 28.12 24.98
C SER A 204 1.02 26.97 25.97
N ILE A 205 2.25 26.52 26.30
CA ILE A 205 2.51 25.53 27.33
C ILE A 205 3.11 26.31 28.50
N LEU A 206 2.45 26.21 29.66
CA LEU A 206 2.82 26.84 30.92
C LEU A 206 3.23 25.77 31.93
N VAL A 207 4.31 26.01 32.67
CA VAL A 207 4.78 25.09 33.72
C VAL A 207 4.70 25.85 35.07
N ILE A 208 4.06 25.27 36.13
CA ILE A 208 3.96 25.97 37.44
C ILE A 208 4.81 25.27 38.46
N ASP A 209 5.73 26.02 39.06
CA ASP A 209 6.66 25.51 40.07
C ASP A 209 6.82 26.55 41.19
N ASN A 210 6.05 26.33 42.29
CA ASN A 210 5.99 27.15 43.51
C ASN A 210 5.28 28.50 43.28
N GLY A 211 4.16 28.46 42.55
CA GLY A 211 3.32 29.62 42.26
C GLY A 211 3.82 30.53 41.16
N VAL A 212 4.90 30.13 40.50
CA VAL A 212 5.52 30.90 39.44
C VAL A 212 5.29 30.20 38.08
N PHE A 213 4.55 30.85 37.18
CA PHE A 213 4.31 30.35 35.83
C PHE A 213 5.49 30.66 34.93
N GLU A 214 5.91 29.66 34.19
CA GLU A 214 6.99 29.74 33.21
C GLU A 214 6.31 29.45 31.87
N VAL A 215 6.55 30.30 30.84
CA VAL A 215 6.00 30.08 29.51
C VAL A 215 7.03 29.19 28.82
N TYR A 216 6.74 27.88 28.79
CA TYR A 216 7.63 26.86 28.25
C TYR A 216 7.72 26.90 26.71
N ALA A 217 6.59 26.92 26.02
CA ALA A 217 6.53 26.96 24.54
C ALA A 217 5.29 27.72 24.06
N THR A 218 5.40 28.42 22.90
CA THR A 218 4.30 29.15 22.25
C THR A 218 4.28 28.89 20.73
N ALA A 219 3.06 28.96 20.12
CA ALA A 219 2.83 28.82 18.68
C ALA A 219 1.45 29.39 18.37
N GLY A 220 1.20 29.68 17.11
CA GLY A 220 -0.10 30.20 16.70
C GLY A 220 -0.24 30.59 15.25
N ASN A 221 -1.32 31.31 14.97
CA ASN A 221 -1.68 31.88 13.69
C ASN A 221 -2.29 33.26 13.98
N THR A 222 -1.57 34.29 13.61
CA THR A 222 -1.96 35.71 13.80
C THR A 222 -3.17 36.13 12.95
N HIS A 223 -3.54 35.30 11.96
CA HIS A 223 -4.66 35.57 11.05
C HIS A 223 -5.64 34.39 10.99
N LEU A 224 -6.02 33.87 12.16
CA LEU A 224 -6.99 32.80 12.31
C LEU A 224 -7.79 33.03 13.57
N GLY A 225 -9.10 33.11 13.41
CA GLY A 225 -10.04 33.31 14.48
C GLY A 225 -11.44 33.55 13.94
N GLY A 226 -12.34 33.86 14.87
CA GLY A 226 -13.77 34.08 14.71
C GLY A 226 -14.25 34.85 13.50
N GLU A 227 -13.62 35.99 13.21
CA GLU A 227 -13.99 36.82 12.05
C GLU A 227 -13.79 36.05 10.72
N ASP A 228 -12.90 35.02 10.74
CA ASP A 228 -12.69 34.15 9.57
C ASP A 228 -13.86 33.22 9.35
N PHE A 229 -14.40 32.65 10.44
CA PHE A 229 -15.59 31.76 10.46
C PHE A 229 -16.84 32.48 9.93
N ASP A 230 -16.92 33.80 10.17
CA ASP A 230 -17.96 34.74 9.72
C ASP A 230 -17.89 34.90 8.22
N GLN A 231 -16.69 35.30 7.72
CA GLN A 231 -16.39 35.50 6.31
C GLN A 231 -16.79 34.30 5.49
N ARG A 232 -16.58 33.06 6.02
CA ARG A 232 -16.97 31.82 5.35
C ARG A 232 -18.49 31.69 5.20
N VAL A 233 -19.26 32.14 6.22
CA VAL A 233 -20.72 32.14 6.24
C VAL A 233 -21.21 33.26 5.31
N MET A 234 -20.50 34.38 5.33
CA MET A 234 -20.75 35.57 4.52
C MET A 234 -20.64 35.21 3.02
N ASP A 235 -19.53 34.55 2.63
CA ASP A 235 -19.23 34.08 1.27
C ASP A 235 -20.34 33.18 0.75
N TYR A 236 -20.76 32.19 1.56
CA TYR A 236 -21.82 31.23 1.26
C TYR A 236 -23.15 31.91 0.93
N PHE A 237 -23.57 32.90 1.75
CA PHE A 237 -24.83 33.61 1.52
C PHE A 237 -24.77 34.60 0.35
N ILE A 238 -23.60 35.20 0.05
CA ILE A 238 -23.44 36.12 -1.08
C ILE A 238 -23.59 35.28 -2.36
N LYS A 239 -22.88 34.13 -2.41
CA LYS A 239 -22.90 33.16 -3.51
C LYS A 239 -24.35 32.71 -3.77
N MET A 240 -25.07 32.33 -2.70
CA MET A 240 -26.47 31.87 -2.70
C MET A 240 -27.42 32.95 -3.26
N PHE A 241 -27.25 34.19 -2.78
CA PHE A 241 -28.04 35.35 -3.20
C PHE A 241 -27.81 35.68 -4.69
N LYS A 242 -26.58 35.50 -5.17
CA LYS A 242 -26.21 35.75 -6.57
C LYS A 242 -26.88 34.71 -7.49
N LYS A 243 -26.87 33.43 -7.09
CA LYS A 243 -27.48 32.36 -7.88
C LYS A 243 -29.01 32.39 -7.90
N LYS A 244 -29.64 32.92 -6.83
CA LYS A 244 -31.10 33.02 -6.72
C LYS A 244 -31.68 34.28 -7.39
N ASN A 245 -31.12 35.47 -7.08
CA ASN A 245 -31.63 36.75 -7.56
C ASN A 245 -30.78 37.46 -8.63
N ASN A 246 -29.58 36.92 -8.95
CA ASN A 246 -28.62 37.49 -9.91
C ASN A 246 -28.09 38.87 -9.45
N ILE A 247 -27.94 39.05 -8.12
CA ILE A 247 -27.46 40.29 -7.51
C ILE A 247 -26.24 40.02 -6.63
N ASP A 248 -25.12 40.73 -6.88
CA ASP A 248 -23.91 40.66 -6.07
C ASP A 248 -24.10 41.67 -4.93
N LEU A 249 -24.29 41.15 -3.69
CA LEU A 249 -24.50 41.97 -2.50
C LEU A 249 -23.28 42.84 -2.13
N ARG A 250 -22.07 42.45 -2.57
CA ARG A 250 -20.81 43.15 -2.30
C ARG A 250 -20.74 44.57 -2.90
N THR A 251 -21.61 44.86 -3.89
CA THR A 251 -21.69 46.16 -4.55
C THR A 251 -22.41 47.18 -3.66
N ASP A 252 -23.32 46.69 -2.80
CA ASP A 252 -24.13 47.46 -1.86
C ASP A 252 -23.60 47.27 -0.43
N LYS A 253 -22.98 48.34 0.13
CA LYS A 253 -22.41 48.31 1.48
C LYS A 253 -23.45 48.30 2.59
N ARG A 254 -24.62 48.92 2.38
CA ARG A 254 -25.71 48.90 3.37
C ARG A 254 -26.22 47.46 3.53
N ALA A 255 -26.26 46.70 2.41
CA ALA A 255 -26.66 45.29 2.36
C ALA A 255 -25.65 44.41 3.12
N ILE A 256 -24.33 44.63 2.89
CA ILE A 256 -23.23 43.90 3.53
C ILE A 256 -23.21 44.16 5.02
N GLN A 257 -23.50 45.41 5.46
CA GLN A 257 -23.56 45.78 6.87
C GLN A 257 -24.69 45.04 7.60
N LYS A 258 -25.87 44.93 6.98
CA LYS A 258 -27.02 44.20 7.56
C LYS A 258 -26.72 42.70 7.66
N LEU A 259 -26.14 42.12 6.59
CA LEU A 259 -25.81 40.70 6.54
C LEU A 259 -24.72 40.31 7.56
N ARG A 260 -23.66 41.14 7.66
CA ARG A 260 -22.52 40.98 8.58
C ARG A 260 -22.97 40.94 10.02
N LYS A 261 -23.85 41.86 10.41
CA LYS A 261 -24.38 41.93 11.77
C LYS A 261 -25.19 40.65 12.08
N GLU A 262 -26.07 40.25 11.15
CA GLU A 262 -26.91 39.06 11.28
C GLU A 262 -26.13 37.77 11.29
N VAL A 263 -24.99 37.72 10.56
CA VAL A 263 -24.13 36.53 10.49
C VAL A 263 -23.40 36.31 11.84
N GLU A 264 -23.00 37.39 12.52
CA GLU A 264 -22.30 37.33 13.81
C GLU A 264 -23.23 36.82 14.92
N ILE A 265 -24.48 37.27 14.90
CA ILE A 265 -25.56 36.87 15.81
C ILE A 265 -25.88 35.39 15.56
N ALA A 266 -26.09 35.01 14.28
CA ALA A 266 -26.41 33.63 13.88
C ALA A 266 -25.34 32.65 14.35
N LYS A 267 -24.04 33.01 14.20
CA LYS A 267 -22.91 32.18 14.65
C LYS A 267 -23.00 31.96 16.18
N ARG A 268 -23.19 33.03 16.98
CA ARG A 268 -23.32 32.97 18.43
C ARG A 268 -24.47 32.05 18.81
N ASN A 269 -25.63 32.23 18.12
CA ASN A 269 -26.83 31.45 18.36
C ASN A 269 -26.55 29.94 18.21
N LEU A 270 -25.69 29.58 17.25
CA LEU A 270 -25.33 28.18 16.95
C LEU A 270 -24.44 27.54 18.00
N SER A 271 -23.97 28.33 18.96
CA SER A 271 -23.16 27.80 20.03
C SER A 271 -24.00 27.21 21.16
N VAL A 272 -25.31 27.58 21.23
CA VAL A 272 -26.28 27.09 22.22
C VAL A 272 -27.34 26.18 21.56
N VAL A 273 -27.86 26.57 20.36
CA VAL A 273 -28.86 25.78 19.61
C VAL A 273 -28.29 25.18 18.29
N HIS A 274 -29.05 24.31 17.62
CA HIS A 274 -28.60 23.62 16.39
C HIS A 274 -29.04 24.27 15.08
N SER A 275 -29.96 25.21 15.12
CA SER A 275 -30.43 25.89 13.91
C SER A 275 -30.77 27.34 14.24
N THR A 276 -30.67 28.23 13.25
CA THR A 276 -31.01 29.65 13.43
C THR A 276 -31.58 30.24 12.14
N GLN A 277 -32.25 31.40 12.25
CA GLN A 277 -32.88 32.09 11.14
C GLN A 277 -32.24 33.46 10.91
N ILE A 278 -31.86 33.76 9.67
CA ILE A 278 -31.30 35.07 9.29
C ILE A 278 -32.36 35.73 8.43
N GLU A 279 -32.97 36.79 8.96
CA GLU A 279 -34.03 37.53 8.28
C GLU A 279 -33.69 39.01 8.20
N ILE A 280 -33.65 39.54 6.97
CA ILE A 280 -33.34 40.94 6.66
C ILE A 280 -34.39 41.46 5.67
N GLU A 281 -35.31 42.30 6.16
CA GLU A 281 -36.35 42.91 5.34
C GLU A 281 -35.68 43.97 4.48
N ASP A 282 -35.88 43.89 3.15
CA ASP A 282 -35.31 44.78 2.14
C ASP A 282 -33.78 44.94 2.28
N ILE A 283 -33.05 43.81 2.08
CA ILE A 283 -31.57 43.77 2.10
C ILE A 283 -31.07 44.66 0.94
N VAL A 284 -31.87 44.71 -0.14
CA VAL A 284 -31.75 45.51 -1.35
C VAL A 284 -33.20 45.85 -1.76
N GLU A 285 -33.41 46.92 -2.54
CA GLU A 285 -34.74 47.35 -2.97
C GLU A 285 -35.56 46.24 -3.63
N GLY A 286 -36.58 45.77 -2.92
CA GLY A 286 -37.50 44.74 -3.40
C GLY A 286 -37.09 43.30 -3.15
N HIS A 287 -36.12 43.06 -2.25
CA HIS A 287 -35.68 41.72 -1.94
C HIS A 287 -35.52 41.51 -0.44
N ASN A 288 -36.19 40.49 0.11
CA ASN A 288 -36.12 40.15 1.52
C ASN A 288 -35.22 38.93 1.68
N PHE A 289 -34.20 39.03 2.54
CA PHE A 289 -33.28 37.91 2.78
C PHE A 289 -33.86 37.07 3.92
N SER A 290 -34.08 35.77 3.66
CA SER A 290 -34.59 34.85 4.66
C SER A 290 -33.97 33.48 4.43
N GLU A 291 -32.98 33.12 5.27
CA GLU A 291 -32.29 31.85 5.17
C GLU A 291 -32.07 31.20 6.53
N THR A 292 -32.10 29.86 6.54
CA THR A 292 -31.85 29.06 7.75
C THR A 292 -30.35 28.72 7.73
N LEU A 293 -29.71 28.73 8.91
CA LEU A 293 -28.32 28.29 9.06
C LEU A 293 -28.28 27.26 10.17
N THR A 294 -27.95 26.00 9.82
CA THR A 294 -27.84 24.95 10.81
C THR A 294 -26.43 24.96 11.39
N ARG A 295 -26.27 24.40 12.61
CA ARG A 295 -24.97 24.27 13.24
C ARG A 295 -24.09 23.39 12.31
N ALA A 296 -24.67 22.36 11.71
CA ALA A 296 -24.02 21.43 10.79
C ALA A 296 -23.41 22.15 9.59
N LYS A 297 -24.19 23.07 8.96
CA LYS A 297 -23.76 23.87 7.82
C LYS A 297 -22.62 24.80 8.24
N PHE A 298 -22.76 25.48 9.41
CA PHE A 298 -21.74 26.37 9.95
C PHE A 298 -20.40 25.61 10.12
N GLU A 299 -20.46 24.36 10.60
CA GLU A 299 -19.28 23.51 10.81
C GLU A 299 -18.62 23.07 9.48
N GLU A 300 -19.45 22.67 8.50
CA GLU A 300 -19.02 22.26 7.14
C GLU A 300 -18.27 23.37 6.42
N LEU A 301 -18.72 24.63 6.57
CA LEU A 301 -18.09 25.78 5.92
C LEU A 301 -16.74 26.16 6.54
N ASN A 302 -16.49 25.76 7.80
CA ASN A 302 -15.29 26.12 8.55
C ASN A 302 -14.39 24.99 9.01
N ASP A 303 -14.68 23.73 8.61
CA ASP A 303 -13.97 22.54 9.06
C ASP A 303 -12.46 22.62 8.89
N ASP A 304 -11.97 23.11 7.74
CA ASP A 304 -10.54 23.26 7.45
C ASP A 304 -9.89 24.26 8.40
N LEU A 305 -10.56 25.39 8.68
CA LEU A 305 -10.04 26.42 9.58
C LEU A 305 -10.03 25.96 11.02
N PHE A 306 -11.06 25.14 11.39
CA PHE A 306 -11.19 24.56 12.73
C PHE A 306 -10.02 23.62 13.01
N ARG A 307 -9.74 22.67 12.09
CA ARG A 307 -8.68 21.66 12.22
C ARG A 307 -7.29 22.28 12.08
N GLU A 308 -7.20 23.40 11.34
CA GLU A 308 -5.98 24.18 11.14
C GLU A 308 -5.42 24.64 12.50
N THR A 309 -6.28 24.82 13.52
CA THR A 309 -5.88 25.24 14.87
C THR A 309 -5.07 24.13 15.59
N LEU A 310 -5.15 22.89 15.11
CA LEU A 310 -4.41 21.78 15.69
C LEU A 310 -2.94 21.77 15.25
N GLU A 311 -2.64 22.39 14.09
CA GLU A 311 -1.27 22.51 13.56
C GLU A 311 -0.34 23.23 14.58
N PRO A 312 -0.66 24.43 15.13
CA PRO A 312 0.21 25.01 16.17
C PRO A 312 0.21 24.23 17.50
N VAL A 313 -0.84 23.41 17.80
CA VAL A 313 -0.90 22.57 19.01
C VAL A 313 0.17 21.49 18.89
N LYS A 314 0.25 20.84 17.70
CA LYS A 314 1.26 19.82 17.41
C LYS A 314 2.65 20.42 17.55
N LYS A 315 2.84 21.68 17.05
CA LYS A 315 4.10 22.44 17.09
C LYS A 315 4.60 22.72 18.52
N VAL A 316 3.72 23.21 19.45
CA VAL A 316 4.14 23.47 20.84
C VAL A 316 4.59 22.18 21.52
N LEU A 317 3.86 21.09 21.30
CA LEU A 317 4.17 19.77 21.87
C LEU A 317 5.48 19.21 21.31
N ASP A 318 5.73 19.45 20.01
CA ASP A 318 6.95 19.04 19.33
C ASP A 318 8.14 19.86 19.82
N ASP A 319 7.99 21.20 19.91
CA ASP A 319 9.05 22.12 20.39
C ASP A 319 9.43 21.85 21.86
N ALA A 320 8.42 21.47 22.69
CA ALA A 320 8.58 21.16 24.12
C ALA A 320 9.08 19.72 24.33
N LYS A 321 9.03 18.89 23.25
CA LYS A 321 9.40 17.46 23.23
C LYS A 321 8.49 16.68 24.20
N TYR A 322 7.20 17.07 24.20
CA TYR A 322 6.12 16.56 25.03
C TYR A 322 5.25 15.56 24.29
N GLU A 323 4.82 14.53 25.02
CA GLU A 323 3.82 13.60 24.56
C GLU A 323 2.50 14.29 24.97
N LYS A 324 1.36 13.83 24.42
CA LYS A 324 0.06 14.43 24.75
C LYS A 324 -0.27 14.25 26.23
N SER A 325 0.13 13.09 26.81
CA SER A 325 -0.06 12.71 28.22
C SER A 325 0.57 13.67 29.23
N LYS A 326 1.65 14.37 28.85
CA LYS A 326 2.37 15.34 29.68
C LYS A 326 1.49 16.55 30.05
N ILE A 327 0.46 16.86 29.23
CA ILE A 327 -0.48 17.94 29.49
C ILE A 327 -1.44 17.53 30.63
N ASP A 328 -1.29 18.20 31.78
CA ASP A 328 -2.08 17.94 32.99
C ASP A 328 -3.38 18.73 33.02
N GLU A 329 -3.38 19.92 32.38
CA GLU A 329 -4.52 20.82 32.39
C GLU A 329 -4.71 21.49 31.02
N ILE A 330 -5.96 21.64 30.55
CA ILE A 330 -6.27 22.34 29.29
C ILE A 330 -7.14 23.51 29.64
N VAL A 331 -6.73 24.71 29.19
CA VAL A 331 -7.46 25.93 29.39
C VAL A 331 -7.90 26.43 28.01
N LEU A 332 -9.23 26.63 27.84
CA LEU A 332 -9.81 27.21 26.63
C LEU A 332 -10.07 28.71 26.86
N VAL A 333 -9.58 29.54 25.94
CA VAL A 333 -9.70 31.02 25.98
C VAL A 333 -10.19 31.51 24.60
N GLY A 334 -10.90 32.64 24.56
CA GLY A 334 -11.38 33.22 23.31
C GLY A 334 -12.84 32.92 23.03
N GLY A 335 -13.53 33.90 22.47
CA GLY A 335 -14.96 33.79 22.14
C GLY A 335 -15.31 32.60 21.26
N SER A 336 -14.38 32.23 20.38
CA SER A 336 -14.57 31.09 19.48
C SER A 336 -14.45 29.70 20.18
N THR A 337 -13.95 29.61 21.45
CA THR A 337 -13.92 28.29 22.15
C THR A 337 -15.33 27.89 22.66
N ARG A 338 -16.32 28.78 22.44
CA ARG A 338 -17.73 28.56 22.77
C ARG A 338 -18.35 27.72 21.67
N ILE A 339 -17.64 27.56 20.52
CA ILE A 339 -18.12 26.74 19.40
C ILE A 339 -18.09 25.27 19.81
N PRO A 340 -19.26 24.59 19.94
CA PRO A 340 -19.21 23.17 20.34
C PRO A 340 -18.24 22.31 19.55
N LYS A 341 -18.10 22.53 18.22
CA LYS A 341 -17.18 21.76 17.37
C LYS A 341 -15.71 21.98 17.74
N ILE A 342 -15.32 23.22 18.05
CA ILE A 342 -13.96 23.55 18.46
C ILE A 342 -13.59 22.77 19.74
N GLN A 343 -14.53 22.68 20.73
CA GLN A 343 -14.36 21.96 22.00
C GLN A 343 -14.18 20.48 21.73
N GLN A 344 -14.99 19.93 20.81
CA GLN A 344 -14.95 18.52 20.44
C GLN A 344 -13.62 18.16 19.77
N ILE A 345 -13.12 19.02 18.87
CA ILE A 345 -11.84 18.81 18.14
C ILE A 345 -10.64 18.80 19.13
N ILE A 346 -10.65 19.66 20.18
CA ILE A 346 -9.56 19.71 21.17
C ILE A 346 -9.62 18.47 22.08
N LYS A 347 -10.84 18.10 22.53
CA LYS A 347 -11.08 16.94 23.38
C LYS A 347 -10.63 15.66 22.65
N GLU A 348 -11.05 15.49 21.39
CA GLU A 348 -10.67 14.37 20.53
C GLU A 348 -9.14 14.31 20.32
N PHE A 349 -8.48 15.47 20.10
CA PHE A 349 -7.02 15.54 19.95
C PHE A 349 -6.35 15.09 21.25
N PHE A 350 -6.89 15.48 22.41
CA PHE A 350 -6.34 15.11 23.70
C PHE A 350 -6.97 13.85 24.28
N ASN A 351 -7.47 12.98 23.39
CA ASN A 351 -8.00 11.65 23.65
C ASN A 351 -9.09 11.56 24.74
N GLY A 352 -10.03 12.51 24.71
CA GLY A 352 -11.14 12.55 25.65
C GLY A 352 -10.94 13.42 26.87
N LYS A 353 -9.74 14.04 27.00
CA LYS A 353 -9.46 14.90 28.14
C LYS A 353 -10.30 16.16 28.11
N GLU A 354 -11.07 16.35 29.19
CA GLU A 354 -11.97 17.48 29.40
C GLU A 354 -11.16 18.72 29.77
N PRO A 355 -11.49 19.92 29.22
CA PRO A 355 -10.77 21.13 29.61
C PRO A 355 -11.35 21.68 30.90
N ASN A 356 -10.70 22.72 31.47
CA ASN A 356 -11.21 23.44 32.63
C ASN A 356 -12.51 24.14 32.24
N ARG A 357 -13.39 24.33 33.22
CA ARG A 357 -14.67 24.98 32.96
C ARG A 357 -15.23 25.67 34.18
N GLY A 358 -15.86 26.81 33.97
CA GLY A 358 -16.46 27.58 35.05
C GLY A 358 -16.50 29.07 34.77
N ILE A 359 -15.63 29.54 33.85
CA ILE A 359 -15.52 30.95 33.45
C ILE A 359 -15.80 31.04 31.94
N ASN A 360 -16.56 32.08 31.53
CA ASN A 360 -16.80 32.32 30.10
C ASN A 360 -15.42 32.52 29.44
N PRO A 361 -15.11 31.76 28.36
CA PRO A 361 -13.74 31.80 27.79
C PRO A 361 -13.27 33.15 27.22
N ASP A 362 -14.21 34.03 26.90
CA ASP A 362 -13.96 35.37 26.43
C ASP A 362 -13.72 36.35 27.61
N GLU A 363 -13.95 35.88 28.86
CA GLU A 363 -13.79 36.68 30.09
C GLU A 363 -12.66 36.20 31.01
N ALA A 364 -12.09 35.00 30.73
CA ALA A 364 -11.06 34.32 31.53
C ALA A 364 -9.77 35.14 31.70
N VAL A 365 -9.30 35.78 30.63
CA VAL A 365 -8.10 36.64 30.65
C VAL A 365 -8.34 37.87 31.56
N ALA A 366 -9.48 38.59 31.40
CA ALA A 366 -9.80 39.74 32.27
C ALA A 366 -10.01 39.32 33.72
N TYR A 367 -10.53 38.10 33.91
CA TYR A 367 -10.76 37.47 35.22
C TYR A 367 -9.41 37.25 35.93
N GLY A 368 -8.43 36.73 35.16
CA GLY A 368 -7.07 36.49 35.63
C GLY A 368 -6.36 37.76 36.03
N ALA A 369 -6.54 38.83 35.22
CA ALA A 369 -5.94 40.14 35.44
C ALA A 369 -6.46 40.80 36.71
N ALA A 370 -7.76 40.59 37.03
CA ALA A 370 -8.38 41.13 38.24
C ALA A 370 -7.91 40.34 39.49
N ILE A 371 -7.60 39.01 39.32
CA ILE A 371 -7.03 38.17 40.39
C ILE A 371 -5.62 38.70 40.68
N GLN A 372 -4.82 38.97 39.63
CA GLN A 372 -3.48 39.52 39.75
C GLN A 372 -3.53 40.89 40.43
N ALA A 373 -4.51 41.73 40.04
CA ALA A 373 -4.76 43.06 40.60
C ALA A 373 -4.99 43.00 42.12
N GLY A 374 -5.76 42.00 42.57
CA GLY A 374 -6.08 41.77 43.98
C GLY A 374 -4.89 41.28 44.80
N ILE A 375 -3.94 40.58 44.15
CA ILE A 375 -2.72 40.08 44.78
C ILE A 375 -1.79 41.25 45.07
N ILE A 376 -1.63 42.16 44.06
CA ILE A 376 -0.82 43.37 44.11
C ILE A 376 -1.30 44.31 45.22
N LEU A 377 -2.63 44.48 45.36
CA LEU A 377 -3.27 45.30 46.39
C LEU A 377 -2.93 44.78 47.79
N GLY A 378 -3.16 43.49 48.05
CA GLY A 378 -2.88 42.83 49.32
C GLY A 378 -3.94 43.12 50.38
N GLU B 1 43.62 -7.47 -4.80
CA GLU B 1 44.43 -6.49 -4.09
C GLU B 1 45.75 -6.13 -4.80
N GLY B 2 45.79 -6.32 -6.13
CA GLY B 2 46.91 -5.96 -7.01
C GLY B 2 46.98 -4.47 -7.25
N PRO B 3 46.87 -3.96 -8.50
CA PRO B 3 46.88 -2.48 -8.70
C PRO B 3 45.57 -1.80 -8.24
N VAL B 4 45.69 -0.72 -7.47
CA VAL B 4 44.55 0.07 -6.97
C VAL B 4 44.70 1.51 -7.49
N ILE B 5 43.68 1.99 -8.23
CA ILE B 5 43.66 3.31 -8.88
C ILE B 5 42.69 4.26 -8.18
N GLY B 6 42.88 5.56 -8.34
CA GLY B 6 42.01 6.59 -7.78
C GLY B 6 41.24 7.27 -8.90
N ILE B 7 39.91 7.36 -8.79
CA ILE B 7 39.10 8.03 -9.81
C ILE B 7 38.20 9.10 -9.18
N ASP B 8 38.26 10.30 -9.77
CA ASP B 8 37.41 11.42 -9.46
C ASP B 8 36.30 11.31 -10.50
N LEU B 9 35.12 10.81 -10.09
CA LEU B 9 33.94 10.70 -10.93
C LEU B 9 33.09 11.95 -10.63
N GLY B 10 33.34 13.02 -11.38
CA GLY B 10 32.70 14.31 -11.20
C GLY B 10 31.45 14.50 -12.02
N THR B 11 30.63 15.53 -11.62
CA THR B 11 29.35 15.88 -12.28
C THR B 11 29.53 16.21 -13.77
N THR B 12 30.55 17.02 -14.08
CA THR B 12 30.85 17.48 -15.43
C THR B 12 32.10 16.82 -16.02
N TYR B 13 33.14 16.60 -15.21
CA TYR B 13 34.42 16.02 -15.65
C TYR B 13 34.89 14.92 -14.71
N SER B 14 35.60 13.92 -15.25
CA SER B 14 36.19 12.87 -14.44
C SER B 14 37.70 12.93 -14.63
N CYS B 15 38.45 12.33 -13.69
CA CYS B 15 39.92 12.33 -13.67
C CYS B 15 40.45 11.04 -12.98
N VAL B 16 41.52 10.41 -13.54
CA VAL B 16 42.11 9.18 -13.01
C VAL B 16 43.61 9.35 -12.67
N GLY B 17 44.01 8.79 -11.53
CA GLY B 17 45.39 8.80 -11.08
C GLY B 17 45.87 7.42 -10.64
N VAL B 18 47.16 7.15 -10.83
CA VAL B 18 47.77 5.89 -10.44
C VAL B 18 48.91 6.09 -9.45
N PHE B 19 49.07 5.13 -8.53
CA PHE B 19 50.16 5.15 -7.58
C PHE B 19 51.22 4.21 -8.13
N LYS B 20 52.17 4.79 -8.86
CA LYS B 20 53.28 4.06 -9.49
C LYS B 20 54.61 4.50 -8.85
N ASN B 21 55.37 3.51 -8.33
CA ASN B 21 56.68 3.67 -7.68
C ASN B 21 56.70 4.78 -6.63
N GLY B 22 55.82 4.64 -5.63
CA GLY B 22 55.70 5.56 -4.49
C GLY B 22 55.37 7.00 -4.78
N ARG B 23 54.80 7.28 -5.98
CA ARG B 23 54.38 8.63 -6.42
C ARG B 23 53.10 8.57 -7.29
N VAL B 24 52.38 9.69 -7.38
CA VAL B 24 51.13 9.77 -8.12
C VAL B 24 51.38 10.26 -9.54
N GLU B 25 50.63 9.71 -10.49
CA GLU B 25 50.63 10.07 -11.89
C GLU B 25 49.18 10.26 -12.31
N ILE B 26 48.81 11.49 -12.67
CA ILE B 26 47.48 11.82 -13.18
C ILE B 26 47.58 11.52 -14.66
N LEU B 27 46.73 10.63 -15.14
CA LEU B 27 46.82 10.13 -16.49
C LEU B 27 46.08 10.91 -17.57
N ASN B 28 46.64 10.92 -18.77
CA ASN B 28 46.09 11.55 -19.97
C ASN B 28 45.19 10.58 -20.72
N ASN B 29 44.13 11.10 -21.35
CA ASN B 29 43.23 10.29 -22.16
C ASN B 29 43.78 10.25 -23.61
N GLU B 30 43.03 9.66 -24.56
CA GLU B 30 43.36 9.56 -26.00
C GLU B 30 43.67 10.91 -26.65
N LEU B 31 43.05 12.01 -26.14
CA LEU B 31 43.24 13.37 -26.68
C LEU B 31 44.28 14.20 -25.92
N GLY B 32 44.97 13.55 -24.98
CA GLY B 32 46.03 14.17 -24.18
C GLY B 32 45.52 15.14 -23.14
N ASN B 33 44.37 14.82 -22.54
CA ASN B 33 43.78 15.64 -21.49
C ASN B 33 43.79 14.85 -20.19
N ARG B 34 44.07 15.49 -19.05
CA ARG B 34 44.11 14.82 -17.75
C ARG B 34 42.73 14.80 -17.12
N ILE B 35 41.76 15.51 -17.71
CA ILE B 35 40.37 15.50 -17.31
C ILE B 35 39.53 15.18 -18.54
N THR B 36 38.49 14.37 -18.36
CA THR B 36 37.60 13.96 -19.42
C THR B 36 36.14 14.30 -19.06
N PRO B 37 35.35 14.87 -20.00
CA PRO B 37 33.93 15.16 -19.70
C PRO B 37 33.09 13.92 -19.37
N SER B 38 32.25 14.02 -18.33
CA SER B 38 31.36 12.94 -17.89
C SER B 38 30.08 12.96 -18.77
N TYR B 39 30.29 12.78 -20.09
CA TYR B 39 29.24 12.81 -21.11
C TYR B 39 29.29 11.52 -21.90
N VAL B 40 28.10 11.03 -22.27
CA VAL B 40 27.91 9.83 -23.09
C VAL B 40 26.85 10.19 -24.15
N SER B 41 27.12 9.85 -25.41
CA SER B 41 26.19 10.14 -26.50
C SER B 41 25.90 8.86 -27.29
N PHE B 42 24.68 8.79 -27.88
CA PHE B 42 24.21 7.63 -28.62
C PHE B 42 23.64 8.08 -29.97
N VAL B 43 24.33 9.02 -30.63
CA VAL B 43 23.94 9.60 -31.92
C VAL B 43 24.17 8.57 -33.02
N ASP B 44 23.14 8.29 -33.82
CA ASP B 44 23.12 7.33 -34.93
C ASP B 44 23.62 5.92 -34.51
N GLY B 45 23.21 5.49 -33.33
CA GLY B 45 23.62 4.22 -32.75
C GLY B 45 25.10 4.07 -32.45
N GLU B 46 25.84 5.19 -32.39
CA GLU B 46 27.27 5.14 -32.10
C GLU B 46 27.51 5.68 -30.69
N ARG B 47 27.92 4.80 -29.75
CA ARG B 47 28.22 5.17 -28.38
C ARG B 47 29.58 5.87 -28.29
N LYS B 48 29.59 7.08 -27.73
CA LYS B 48 30.79 7.88 -27.54
C LYS B 48 30.82 8.38 -26.11
N VAL B 49 32.02 8.37 -25.50
CA VAL B 49 32.20 8.78 -24.10
C VAL B 49 33.29 9.89 -24.04
N GLY B 50 32.97 11.01 -23.40
CA GLY B 50 33.92 12.12 -23.27
C GLY B 50 33.69 13.33 -24.15
N GLU B 51 34.79 13.94 -24.61
CA GLU B 51 34.75 15.17 -25.44
C GLU B 51 34.03 15.00 -26.79
N ALA B 52 34.08 13.79 -27.38
CA ALA B 52 33.37 13.47 -28.61
C ALA B 52 31.84 13.43 -28.38
N ALA B 53 31.41 13.04 -27.15
CA ALA B 53 30.00 13.04 -26.71
C ALA B 53 29.55 14.47 -26.26
N LYS B 54 30.44 15.26 -25.62
CA LYS B 54 30.16 16.64 -25.21
C LYS B 54 29.91 17.59 -26.42
N LEU B 55 30.53 17.31 -27.58
CA LEU B 55 30.37 18.10 -28.80
C LEU B 55 28.98 17.93 -29.44
N GLU B 56 28.35 16.76 -29.27
CA GLU B 56 27.02 16.40 -29.78
C GLU B 56 25.89 17.09 -28.97
N ALA B 57 26.20 17.55 -27.74
CA ALA B 57 25.23 18.09 -26.77
C ALA B 57 24.26 19.12 -27.33
N THR B 58 24.73 20.06 -28.15
CA THR B 58 23.85 21.10 -28.71
C THR B 58 23.06 20.59 -29.92
N LEU B 59 23.72 19.88 -30.84
CA LEU B 59 23.07 19.37 -32.05
C LEU B 59 22.10 18.23 -31.80
N HIS B 60 22.37 17.41 -30.75
CA HIS B 60 21.56 16.25 -30.39
C HIS B 60 21.25 16.21 -28.88
N PRO B 61 20.37 17.12 -28.39
CA PRO B 61 20.08 17.17 -26.94
C PRO B 61 19.34 15.96 -26.34
N THR B 62 18.63 15.16 -27.16
CA THR B 62 17.94 13.97 -26.65
C THR B 62 18.86 12.75 -26.61
N GLN B 63 19.92 12.74 -27.43
CA GLN B 63 20.87 11.62 -27.53
C GLN B 63 22.15 11.79 -26.70
N THR B 64 22.31 12.96 -26.07
CA THR B 64 23.44 13.28 -25.21
C THR B 64 23.04 13.25 -23.74
N VAL B 65 23.78 12.48 -22.95
CA VAL B 65 23.51 12.35 -21.52
C VAL B 65 24.73 12.87 -20.76
N PHE B 66 24.46 13.61 -19.69
CA PHE B 66 25.45 14.24 -18.81
C PHE B 66 24.74 14.54 -17.47
N ASP B 67 25.46 15.04 -16.45
CA ASP B 67 24.96 15.41 -15.10
C ASP B 67 24.18 14.30 -14.41
N VAL B 68 24.51 13.06 -14.75
CA VAL B 68 23.89 11.83 -14.25
C VAL B 68 24.20 11.63 -12.74
N LYS B 69 25.25 12.29 -12.23
CA LYS B 69 25.64 12.31 -10.82
C LYS B 69 24.57 13.00 -9.95
N ARG B 70 23.73 13.85 -10.57
CA ARG B 70 22.61 14.53 -9.89
C ARG B 70 21.39 13.60 -9.67
N LEU B 71 21.38 12.43 -10.34
CA LEU B 71 20.29 11.46 -10.31
C LEU B 71 20.62 10.19 -9.55
N ILE B 72 21.92 9.83 -9.51
CA ILE B 72 22.47 8.62 -8.92
C ILE B 72 22.08 8.44 -7.43
N GLY B 73 21.55 7.25 -7.12
CA GLY B 73 21.10 6.88 -5.79
C GLY B 73 19.82 7.54 -5.32
N ARG B 74 19.11 8.22 -6.23
CA ARG B 74 17.89 8.96 -5.89
C ARG B 74 16.59 8.37 -6.50
N LYS B 75 15.44 8.80 -5.95
CA LYS B 75 14.11 8.41 -6.42
C LYS B 75 13.59 9.54 -7.31
N PHE B 76 12.78 9.17 -8.32
CA PHE B 76 12.25 10.12 -9.30
C PHE B 76 11.49 11.34 -8.69
N ASP B 77 10.64 11.10 -7.68
CA ASP B 77 9.85 12.17 -7.09
C ASP B 77 10.59 13.02 -6.06
N ASP B 78 11.85 12.68 -5.72
CA ASP B 78 12.66 13.45 -4.78
C ASP B 78 12.79 14.91 -5.26
N GLN B 79 12.66 15.86 -4.35
CA GLN B 79 12.68 17.31 -4.60
C GLN B 79 13.81 17.79 -5.56
N GLU B 80 15.07 17.42 -5.29
CA GLU B 80 16.17 17.85 -6.18
C GLU B 80 16.14 17.16 -7.55
N VAL B 81 15.52 15.98 -7.64
CA VAL B 81 15.35 15.24 -8.90
C VAL B 81 14.24 15.93 -9.73
N VAL B 82 13.27 16.58 -9.07
CA VAL B 82 12.21 17.33 -9.74
C VAL B 82 12.81 18.56 -10.46
N LYS B 83 13.66 19.34 -9.73
CA LYS B 83 14.33 20.56 -10.19
C LYS B 83 15.39 20.27 -11.27
N ASP B 84 16.17 19.20 -11.10
CA ASP B 84 17.21 18.89 -12.09
C ASP B 84 16.56 18.39 -13.39
N ARG B 85 15.48 17.61 -13.30
CA ARG B 85 14.70 17.13 -14.46
C ARG B 85 14.30 18.31 -15.36
N SER B 86 13.77 19.39 -14.73
CA SER B 86 13.31 20.62 -15.40
C SER B 86 14.42 21.45 -16.10
N LEU B 87 15.70 21.22 -15.72
CA LEU B 87 16.91 21.87 -16.27
C LEU B 87 17.65 21.03 -17.33
N LEU B 88 17.59 19.68 -17.22
CA LEU B 88 18.24 18.72 -18.14
C LEU B 88 17.49 18.58 -19.47
N PRO B 89 18.22 18.74 -20.62
CA PRO B 89 17.55 18.72 -21.94
C PRO B 89 17.15 17.34 -22.48
N TYR B 90 17.70 16.28 -21.90
CA TYR B 90 17.41 14.91 -22.30
C TYR B 90 16.22 14.34 -21.50
N GLU B 91 15.63 13.24 -22.00
CA GLU B 91 14.45 12.66 -21.36
C GLU B 91 14.76 11.79 -20.16
N ILE B 92 14.12 12.11 -19.04
CA ILE B 92 14.20 11.38 -17.78
C ILE B 92 12.78 10.86 -17.51
N VAL B 93 12.64 9.52 -17.49
CA VAL B 93 11.37 8.86 -17.23
C VAL B 93 11.34 8.29 -15.81
N ASN B 94 10.12 8.07 -15.31
CA ASN B 94 9.87 7.48 -13.99
C ASN B 94 9.68 5.99 -14.18
N ASN B 95 10.73 5.21 -13.92
CA ASN B 95 10.64 3.76 -14.02
C ASN B 95 10.30 3.16 -12.63
N GLN B 96 9.02 3.06 -12.22
CA GLN B 96 8.54 2.54 -10.90
C GLN B 96 9.10 3.26 -9.70
N GLY B 97 9.31 4.56 -9.82
CA GLY B 97 9.87 5.33 -8.72
C GLY B 97 11.31 5.71 -8.90
N LYS B 98 12.03 5.05 -9.79
CA LYS B 98 13.44 5.30 -10.04
C LYS B 98 13.64 6.06 -11.37
N PRO B 99 14.42 7.17 -11.40
CA PRO B 99 14.64 7.85 -12.69
C PRO B 99 15.46 6.99 -13.66
N ASN B 100 15.08 7.07 -14.93
CA ASN B 100 15.76 6.40 -16.03
C ASN B 100 15.95 7.39 -17.16
N ILE B 101 17.08 7.29 -17.89
CA ILE B 101 17.37 8.14 -19.04
C ILE B 101 16.85 7.42 -20.29
N LYS B 102 15.94 8.04 -21.03
CA LYS B 102 15.36 7.43 -22.23
C LYS B 102 16.00 7.97 -23.49
N VAL B 103 16.66 7.08 -24.27
CA VAL B 103 17.30 7.41 -25.54
C VAL B 103 16.85 6.46 -26.66
N GLN B 104 16.92 6.90 -27.91
CA GLN B 104 16.56 6.08 -29.06
C GLN B 104 17.81 5.32 -29.57
N ILE B 105 17.65 3.98 -29.74
CA ILE B 105 18.65 3.01 -30.17
C ILE B 105 17.98 1.93 -31.07
N LYS B 106 18.43 1.83 -32.33
CA LYS B 106 17.92 0.94 -33.40
C LYS B 106 16.43 1.23 -33.67
N ASP B 107 16.07 2.54 -33.60
CA ASP B 107 14.71 3.09 -33.74
C ASP B 107 13.83 2.79 -32.52
N LYS B 108 14.37 2.02 -31.54
CA LYS B 108 13.65 1.64 -30.33
C LYS B 108 14.10 2.41 -29.08
N ASP B 109 13.14 2.63 -28.17
CA ASP B 109 13.30 3.30 -26.88
C ASP B 109 14.21 2.46 -25.99
N THR B 110 15.24 3.09 -25.46
CA THR B 110 16.21 2.43 -24.58
C THR B 110 16.34 3.21 -23.28
N THR B 111 16.16 2.53 -22.15
CA THR B 111 16.27 3.17 -20.85
C THR B 111 17.51 2.73 -20.09
N PHE B 112 18.15 3.70 -19.44
CA PHE B 112 19.34 3.51 -18.64
C PHE B 112 19.15 4.03 -17.23
N ALA B 113 19.62 3.25 -16.25
CA ALA B 113 19.65 3.68 -14.85
C ALA B 113 20.83 4.64 -14.76
N PRO B 114 20.80 5.65 -13.86
CA PRO B 114 21.95 6.57 -13.75
C PRO B 114 23.31 5.89 -13.55
N GLU B 115 23.34 4.74 -12.85
CA GLU B 115 24.60 4.01 -12.60
C GLU B 115 25.15 3.34 -13.89
N GLN B 116 24.28 3.13 -14.92
CA GLN B 116 24.67 2.54 -16.21
C GLN B 116 25.46 3.56 -17.08
N ILE B 117 25.12 4.86 -16.95
CA ILE B 117 25.82 5.94 -17.68
C ILE B 117 27.16 6.24 -16.97
N SER B 118 27.14 6.34 -15.62
CA SER B 118 28.32 6.59 -14.78
C SER B 118 29.38 5.50 -14.98
N ALA B 119 28.93 4.24 -15.20
CA ALA B 119 29.74 3.06 -15.46
C ALA B 119 30.49 3.18 -16.77
N MET B 120 29.87 3.80 -17.80
CA MET B 120 30.49 4.02 -19.10
C MET B 120 31.67 4.99 -18.97
N VAL B 121 31.52 6.02 -18.12
CA VAL B 121 32.56 6.99 -17.80
C VAL B 121 33.69 6.27 -16.99
N LEU B 122 33.31 5.42 -16.00
CA LEU B 122 34.29 4.62 -15.23
C LEU B 122 35.03 3.63 -16.13
N GLU B 123 34.36 3.06 -17.17
CA GLU B 123 34.97 2.12 -18.11
C GLU B 123 36.09 2.84 -18.86
N LYS B 124 35.87 4.12 -19.24
CA LYS B 124 36.88 4.93 -19.92
C LYS B 124 38.07 5.21 -19.00
N MET B 125 37.81 5.56 -17.70
CA MET B 125 38.87 5.85 -16.72
C MET B 125 39.68 4.61 -16.42
N LYS B 126 39.01 3.44 -16.31
CA LYS B 126 39.64 2.13 -16.08
C LYS B 126 40.58 1.75 -17.25
N GLU B 127 40.17 2.00 -18.49
CA GLU B 127 40.94 1.69 -19.70
C GLU B 127 42.20 2.53 -19.85
N ILE B 128 42.11 3.82 -19.48
CA ILE B 128 43.24 4.75 -19.49
C ILE B 128 44.31 4.17 -18.54
N ALA B 129 43.92 3.84 -17.30
CA ALA B 129 44.83 3.28 -16.31
C ALA B 129 45.48 1.98 -16.77
N GLN B 130 44.69 1.05 -17.36
CA GLN B 130 45.15 -0.26 -17.86
C GLN B 130 46.20 -0.16 -18.93
N SER B 131 45.98 0.66 -19.99
CA SER B 131 46.99 0.83 -21.05
C SER B 131 48.23 1.54 -20.51
N PHE B 132 48.09 2.40 -19.49
CA PHE B 132 49.23 3.08 -18.90
C PHE B 132 50.06 2.11 -18.06
N LEU B 133 49.40 1.36 -17.17
CA LEU B 133 50.06 0.44 -16.25
C LEU B 133 50.55 -0.86 -16.91
N GLY B 134 49.94 -1.24 -18.02
CA GLY B 134 50.24 -2.47 -18.74
C GLY B 134 49.82 -3.71 -17.96
N LYS B 135 48.88 -3.54 -17.00
CA LYS B 135 48.39 -4.59 -16.10
C LYS B 135 46.85 -4.50 -15.98
N PRO B 136 46.14 -5.62 -15.67
CA PRO B 136 44.69 -5.52 -15.44
C PRO B 136 44.34 -4.78 -14.15
N VAL B 137 43.33 -3.91 -14.22
CA VAL B 137 42.87 -3.12 -13.08
C VAL B 137 41.47 -3.58 -12.68
N LYS B 138 41.33 -3.97 -11.42
CA LYS B 138 40.04 -4.33 -10.86
C LYS B 138 39.71 -3.35 -9.72
N ASN B 139 40.64 -3.17 -8.76
CA ASN B 139 40.40 -2.32 -7.61
C ASN B 139 40.56 -0.83 -7.85
N ALA B 140 39.66 -0.06 -7.25
CA ALA B 140 39.66 1.40 -7.35
C ALA B 140 39.14 2.07 -6.10
N VAL B 141 39.61 3.29 -5.85
CA VAL B 141 39.16 4.20 -4.81
C VAL B 141 38.40 5.28 -5.60
N VAL B 142 37.11 5.48 -5.29
CA VAL B 142 36.32 6.45 -6.02
C VAL B 142 35.81 7.51 -5.04
N THR B 143 35.81 8.78 -5.46
CA THR B 143 35.39 9.91 -4.62
C THR B 143 33.93 10.28 -4.84
N VAL B 144 33.34 10.88 -3.81
CA VAL B 144 31.93 11.33 -3.80
C VAL B 144 31.83 12.62 -3.00
N PRO B 145 30.81 13.50 -3.23
CA PRO B 145 30.70 14.72 -2.41
C PRO B 145 30.43 14.33 -0.95
N ALA B 146 30.97 15.09 0.03
CA ALA B 146 30.78 14.76 1.45
C ALA B 146 29.32 14.65 1.87
N TYR B 147 28.39 15.32 1.15
CA TYR B 147 26.96 15.27 1.44
C TYR B 147 26.27 13.99 0.96
N PHE B 148 26.92 13.21 0.06
CA PHE B 148 26.35 11.94 -0.45
C PHE B 148 25.89 10.98 0.67
N ASN B 149 24.63 10.51 0.63
CA ASN B 149 24.09 9.58 1.64
C ASN B 149 24.52 8.14 1.30
N ASP B 150 24.00 7.13 2.06
CA ASP B 150 24.32 5.72 1.83
C ASP B 150 23.86 5.18 0.47
N ALA B 151 22.67 5.64 0.00
CA ALA B 151 22.12 5.23 -1.30
C ALA B 151 22.97 5.73 -2.46
N GLN B 152 23.43 7.00 -2.38
CA GLN B 152 24.30 7.63 -3.39
C GLN B 152 25.69 7.02 -3.43
N ARG B 153 26.23 6.61 -2.25
CA ARG B 153 27.53 5.95 -2.13
C ARG B 153 27.48 4.53 -2.71
N GLN B 154 26.40 3.79 -2.42
CA GLN B 154 26.20 2.44 -2.93
C GLN B 154 25.92 2.46 -4.41
N ALA B 155 25.10 3.43 -4.89
CA ALA B 155 24.82 3.55 -6.35
C ALA B 155 26.12 3.81 -7.14
N THR B 156 27.09 4.52 -6.53
CA THR B 156 28.40 4.76 -7.13
C THR B 156 29.19 3.45 -7.16
N LYS B 157 29.13 2.65 -6.08
CA LYS B 157 29.80 1.34 -6.03
C LYS B 157 29.19 0.40 -7.08
N ASP B 158 27.87 0.49 -7.32
CA ASP B 158 27.13 -0.29 -8.31
C ASP B 158 27.54 0.09 -9.73
N ALA B 159 27.79 1.40 -9.99
CA ALA B 159 28.30 1.91 -11.27
C ALA B 159 29.69 1.28 -11.52
N GLY B 160 30.48 1.14 -10.45
CA GLY B 160 31.80 0.51 -10.47
C GLY B 160 31.71 -0.95 -10.85
N THR B 161 30.74 -1.68 -10.27
CA THR B 161 30.49 -3.11 -10.54
C THR B 161 30.17 -3.31 -12.02
N ILE B 162 29.25 -2.49 -12.60
CA ILE B 162 28.87 -2.57 -14.03
C ILE B 162 30.12 -2.38 -14.91
N ALA B 163 31.00 -1.43 -14.53
CA ALA B 163 32.26 -1.08 -15.19
C ALA B 163 33.38 -2.15 -15.03
N GLY B 164 33.18 -3.11 -14.12
CA GLY B 164 34.16 -4.17 -13.88
C GLY B 164 35.21 -3.77 -12.86
N LEU B 165 34.85 -2.82 -12.00
CA LEU B 165 35.71 -2.31 -10.94
C LEU B 165 35.21 -2.68 -9.57
N ASN B 166 36.13 -3.09 -8.70
CA ASN B 166 35.80 -3.34 -7.30
C ASN B 166 36.18 -2.06 -6.57
N ILE B 167 35.16 -1.22 -6.26
CA ILE B 167 35.38 0.03 -5.54
C ILE B 167 35.60 -0.32 -4.07
N VAL B 168 36.87 -0.53 -3.71
CA VAL B 168 37.31 -0.97 -2.38
C VAL B 168 37.07 0.08 -1.30
N ARG B 169 36.97 1.36 -1.69
CA ARG B 169 36.74 2.45 -0.75
C ARG B 169 36.17 3.66 -1.46
N ILE B 170 35.15 4.26 -0.85
CA ILE B 170 34.53 5.49 -1.30
C ILE B 170 35.03 6.52 -0.30
N ILE B 171 35.66 7.59 -0.79
CA ILE B 171 36.17 8.67 0.09
C ILE B 171 35.52 10.00 -0.30
N ASN B 172 35.47 10.95 0.65
CA ASN B 172 34.88 12.28 0.44
C ASN B 172 35.83 13.16 -0.38
N GLU B 173 35.29 13.83 -1.41
CA GLU B 173 36.02 14.75 -2.29
C GLU B 173 36.86 15.77 -1.51
N PRO B 174 36.34 16.46 -0.45
CA PRO B 174 37.19 17.41 0.30
C PRO B 174 38.39 16.73 0.99
N THR B 175 38.12 15.53 1.54
CA THR B 175 39.10 14.72 2.25
C THR B 175 40.19 14.25 1.28
N ALA B 176 39.81 13.93 0.03
CA ALA B 176 40.72 13.47 -1.02
C ALA B 176 41.68 14.63 -1.37
N ALA B 177 41.10 15.84 -1.54
CA ALA B 177 41.82 17.09 -1.84
C ALA B 177 42.82 17.46 -0.74
N ALA B 178 42.45 17.25 0.52
CA ALA B 178 43.31 17.55 1.68
C ALA B 178 44.41 16.52 1.81
N LEU B 179 44.13 15.27 1.45
CA LEU B 179 45.09 14.15 1.45
C LEU B 179 46.19 14.42 0.41
N ALA B 180 45.79 14.93 -0.78
CA ALA B 180 46.67 15.27 -1.90
C ALA B 180 47.69 16.28 -1.49
N TYR B 181 47.33 17.24 -0.60
CA TYR B 181 48.28 18.26 -0.12
C TYR B 181 49.02 17.82 1.17
N GLY B 182 48.95 16.53 1.50
CA GLY B 182 49.58 15.94 2.68
C GLY B 182 49.16 16.60 3.97
N LEU B 183 47.88 17.02 4.07
CA LEU B 183 47.43 17.73 5.27
C LEU B 183 47.06 16.80 6.43
N ASP B 184 47.07 15.47 6.19
CA ASP B 184 46.77 14.41 7.15
C ASP B 184 47.81 14.30 8.30
N LYS B 185 48.89 15.09 8.27
CA LYS B 185 49.92 15.02 9.30
C LYS B 185 50.06 16.31 10.13
N LYS B 186 49.20 17.27 9.88
CA LYS B 186 49.24 18.57 10.56
C LYS B 186 49.03 18.61 12.09
N GLU B 187 47.95 17.97 12.53
CA GLU B 187 47.47 17.81 13.92
C GLU B 187 46.78 19.01 14.54
N GLU B 188 45.54 18.82 14.98
CA GLU B 188 44.69 19.85 15.57
C GLU B 188 44.50 21.04 14.63
N THR B 189 44.42 20.84 13.32
CA THR B 189 44.23 21.98 12.44
C THR B 189 42.93 21.91 11.70
N SER B 190 42.48 23.05 11.26
CA SER B 190 41.27 23.19 10.53
C SER B 190 41.58 23.58 9.14
N ILE B 191 40.97 22.90 8.21
CA ILE B 191 41.12 23.10 6.77
C ILE B 191 39.82 23.55 6.14
N LEU B 192 39.86 24.63 5.35
CA LEU B 192 38.70 25.04 4.56
C LEU B 192 38.98 24.60 3.12
N VAL B 193 38.05 23.87 2.53
CA VAL B 193 38.18 23.38 1.15
C VAL B 193 37.16 24.12 0.28
N TYR B 194 37.64 24.97 -0.63
CA TYR B 194 36.78 25.71 -1.56
C TYR B 194 36.87 24.96 -2.90
N ASP B 195 35.77 24.28 -3.27
CA ASP B 195 35.61 23.43 -4.45
C ASP B 195 34.59 23.99 -5.46
N LEU B 196 35.10 24.70 -6.49
CA LEU B 196 34.28 25.29 -7.58
C LEU B 196 34.61 24.55 -8.87
N GLY B 197 33.66 23.71 -9.28
CA GLY B 197 33.75 22.85 -10.45
C GLY B 197 33.01 23.40 -11.64
N GLY B 198 32.38 22.51 -12.38
CA GLY B 198 31.65 22.83 -13.60
C GLY B 198 30.20 23.12 -13.41
N GLY B 199 29.55 22.40 -12.50
CA GLY B 199 28.13 22.60 -12.26
C GLY B 199 27.77 22.86 -10.82
N THR B 200 28.67 22.48 -9.89
CA THR B 200 28.41 22.62 -8.45
C THR B 200 29.52 23.35 -7.70
N PHE B 201 29.16 23.86 -6.54
CA PHE B 201 30.07 24.54 -5.65
C PHE B 201 29.93 23.93 -4.25
N ASP B 202 31.06 23.50 -3.64
CA ASP B 202 31.09 22.90 -2.30
C ASP B 202 32.17 23.50 -1.41
N VAL B 203 31.79 23.80 -0.15
CA VAL B 203 32.70 24.33 0.87
C VAL B 203 32.65 23.36 2.02
N SER B 204 33.82 23.03 2.59
CA SER B 204 33.91 22.11 3.70
C SER B 204 34.98 22.52 4.68
N ILE B 205 34.69 22.33 5.97
CA ILE B 205 35.65 22.50 7.06
C ILE B 205 36.03 21.09 7.52
N LEU B 206 37.32 20.79 7.46
CA LEU B 206 37.91 19.50 7.84
C LEU B 206 38.79 19.71 9.06
N VAL B 207 38.73 18.79 10.02
CA VAL B 207 39.55 18.85 11.22
C VAL B 207 40.42 17.58 11.22
N ILE B 208 41.75 17.75 11.24
CA ILE B 208 42.64 16.60 11.29
C ILE B 208 43.07 16.39 12.70
N ASP B 209 42.80 15.19 13.20
CA ASP B 209 43.18 14.74 14.54
C ASP B 209 43.63 13.29 14.40
N ASN B 210 44.91 13.04 14.77
CA ASN B 210 45.58 11.74 14.78
C ASN B 210 45.43 10.96 13.45
N GLY B 211 45.81 11.64 12.37
CA GLY B 211 45.79 11.11 11.01
C GLY B 211 44.42 10.71 10.49
N VAL B 212 43.35 11.29 11.06
CA VAL B 212 41.98 11.00 10.65
C VAL B 212 41.19 12.33 10.47
N PHE B 213 40.67 12.51 9.26
CA PHE B 213 39.89 13.67 8.88
C PHE B 213 38.46 13.53 9.34
N GLU B 214 37.94 14.60 9.92
CA GLU B 214 36.56 14.72 10.36
C GLU B 214 35.98 15.84 9.52
N VAL B 215 34.83 15.61 8.90
CA VAL B 215 34.12 16.65 8.12
C VAL B 215 33.28 17.41 9.15
N TYR B 216 33.80 18.54 9.62
CA TYR B 216 33.18 19.36 10.66
C TYR B 216 31.93 20.09 10.20
N ALA B 217 32.00 20.78 9.05
CA ALA B 217 30.87 21.53 8.48
C ALA B 217 30.95 21.56 6.95
N THR B 218 29.79 21.57 6.28
CA THR B 218 29.65 21.62 4.81
C THR B 218 28.54 22.60 4.39
N ALA B 219 28.70 23.20 3.20
CA ALA B 219 27.74 24.12 2.58
C ALA B 219 28.04 24.21 1.10
N GLY B 220 27.09 24.71 0.31
CA GLY B 220 27.30 24.87 -1.12
C GLY B 220 26.15 25.38 -1.93
N ASN B 221 26.31 25.27 -3.24
CA ASN B 221 25.33 25.64 -4.26
C ASN B 221 25.48 24.59 -5.36
N THR B 222 24.49 23.70 -5.47
CA THR B 222 24.42 22.61 -6.44
C THR B 222 24.26 23.11 -7.88
N HIS B 223 23.92 24.41 -8.06
CA HIS B 223 23.71 25.02 -9.36
C HIS B 223 24.53 26.29 -9.54
N LEU B 224 25.85 26.20 -9.25
CA LEU B 224 26.82 27.28 -9.41
C LEU B 224 28.14 26.64 -9.75
N GLY B 225 28.59 26.82 -10.98
CA GLY B 225 29.85 26.28 -11.48
C GLY B 225 30.37 27.02 -12.69
N GLY B 226 31.42 26.51 -13.30
CA GLY B 226 32.03 27.11 -14.49
C GLY B 226 31.09 27.29 -15.67
N GLU B 227 30.08 26.44 -15.78
CA GLU B 227 29.08 26.45 -16.86
C GLU B 227 28.17 27.68 -16.80
N ASP B 228 27.93 28.18 -15.60
CA ASP B 228 27.14 29.40 -15.39
C ASP B 228 27.90 30.63 -15.87
N PHE B 229 29.25 30.59 -15.75
CA PHE B 229 30.14 31.64 -16.22
C PHE B 229 30.19 31.62 -17.74
N ASP B 230 30.19 30.41 -18.35
CA ASP B 230 30.18 30.23 -19.83
C ASP B 230 28.87 30.68 -20.46
N GLN B 231 27.76 30.59 -19.70
CA GLN B 231 26.43 31.00 -20.15
C GLN B 231 26.32 32.53 -20.17
N ARG B 232 26.90 33.22 -19.15
CA ARG B 232 26.94 34.68 -19.06
C ARG B 232 27.70 35.31 -20.23
N VAL B 233 28.78 34.63 -20.68
CA VAL B 233 29.61 35.05 -21.82
C VAL B 233 28.79 34.88 -23.13
N MET B 234 28.15 33.71 -23.27
CA MET B 234 27.32 33.40 -24.43
C MET B 234 26.16 34.35 -24.57
N ASP B 235 25.49 34.68 -23.45
CA ASP B 235 24.36 35.63 -23.44
C ASP B 235 24.82 36.99 -24.00
N TYR B 236 25.98 37.47 -23.54
CA TYR B 236 26.60 38.72 -23.97
C TYR B 236 26.85 38.75 -25.49
N PHE B 237 27.42 37.65 -26.06
CA PHE B 237 27.70 37.57 -27.50
C PHE B 237 26.44 37.37 -28.34
N ILE B 238 25.40 36.73 -27.78
CA ILE B 238 24.12 36.51 -28.47
C ILE B 238 23.39 37.86 -28.63
N LYS B 239 23.41 38.66 -27.56
CA LYS B 239 22.86 40.02 -27.48
C LYS B 239 23.59 40.92 -28.49
N MET B 240 24.95 40.89 -28.48
CA MET B 240 25.84 41.64 -29.36
C MET B 240 25.59 41.33 -30.84
N PHE B 241 25.50 40.02 -31.19
CA PHE B 241 25.26 39.55 -32.55
C PHE B 241 23.88 39.97 -33.08
N LYS B 242 22.86 39.98 -32.19
CA LYS B 242 21.52 40.40 -32.54
C LYS B 242 21.49 41.91 -32.85
N LYS B 243 22.17 42.73 -32.05
CA LYS B 243 22.19 44.18 -32.27
C LYS B 243 23.05 44.63 -33.48
N LYS B 244 24.06 43.84 -33.86
CA LYS B 244 24.92 44.13 -34.99
C LYS B 244 24.36 43.62 -36.34
N ASN B 245 23.93 42.35 -36.39
CA ASN B 245 23.46 41.71 -37.63
C ASN B 245 21.95 41.46 -37.72
N ASN B 246 21.20 41.71 -36.62
CA ASN B 246 19.75 41.48 -36.51
C ASN B 246 19.39 39.98 -36.66
N ILE B 247 20.28 39.10 -36.15
CA ILE B 247 20.09 37.65 -36.18
C ILE B 247 20.17 37.05 -34.78
N ASP B 248 19.12 36.27 -34.38
CA ASP B 248 19.11 35.53 -33.11
C ASP B 248 19.82 34.19 -33.36
N LEU B 249 21.04 34.03 -32.81
CA LEU B 249 21.85 32.83 -32.94
C LEU B 249 21.22 31.57 -32.31
N ARG B 250 20.34 31.76 -31.31
CA ARG B 250 19.67 30.68 -30.57
C ARG B 250 18.72 29.84 -31.44
N THR B 251 18.34 30.36 -32.63
CA THR B 251 17.46 29.66 -33.60
C THR B 251 18.25 28.58 -34.37
N ASP B 252 19.57 28.79 -34.51
CA ASP B 252 20.50 27.93 -35.21
C ASP B 252 21.39 27.19 -34.18
N LYS B 253 21.17 25.88 -34.03
CA LYS B 253 21.90 25.02 -33.10
C LYS B 253 23.35 24.78 -33.51
N ARG B 254 23.65 24.82 -34.83
CA ARG B 254 25.01 24.67 -35.36
C ARG B 254 25.87 25.85 -34.88
N ALA B 255 25.27 27.07 -34.90
CA ALA B 255 25.88 28.34 -34.49
C ALA B 255 26.14 28.34 -32.99
N ILE B 256 25.18 27.79 -32.21
CA ILE B 256 25.27 27.73 -30.75
C ILE B 256 26.36 26.74 -30.32
N GLN B 257 26.48 25.60 -31.02
CA GLN B 257 27.50 24.59 -30.73
C GLN B 257 28.90 25.15 -30.99
N LYS B 258 29.11 25.89 -32.11
CA LYS B 258 30.41 26.52 -32.46
C LYS B 258 30.78 27.59 -31.44
N LEU B 259 29.81 28.44 -31.06
CA LEU B 259 30.02 29.54 -30.12
C LEU B 259 30.37 29.03 -28.71
N ARG B 260 29.59 28.08 -28.18
CA ARG B 260 29.78 27.43 -26.89
C ARG B 260 31.18 26.81 -26.75
N LYS B 261 31.67 26.07 -27.78
CA LYS B 261 32.99 25.44 -27.80
C LYS B 261 34.06 26.52 -27.70
N GLU B 262 33.93 27.56 -28.53
CA GLU B 262 34.88 28.68 -28.54
C GLU B 262 34.85 29.50 -27.24
N VAL B 263 33.70 29.55 -26.58
CA VAL B 263 33.54 30.26 -25.32
C VAL B 263 34.31 29.54 -24.20
N GLU B 264 34.25 28.21 -24.16
CA GLU B 264 34.91 27.37 -23.15
C GLU B 264 36.42 27.48 -23.24
N ILE B 265 36.93 27.54 -24.48
CA ILE B 265 38.36 27.71 -24.80
C ILE B 265 38.76 29.10 -24.35
N ALA B 266 38.00 30.15 -24.79
CA ALA B 266 38.25 31.55 -24.42
C ALA B 266 38.32 31.76 -22.90
N LYS B 267 37.40 31.15 -22.12
CA LYS B 267 37.37 31.23 -20.66
C LYS B 267 38.66 30.67 -20.05
N ARG B 268 39.04 29.47 -20.44
CA ARG B 268 40.24 28.84 -19.90
C ARG B 268 41.53 29.56 -20.35
N ASN B 269 41.51 30.27 -21.52
CA ASN B 269 42.63 31.09 -22.02
C ASN B 269 42.84 32.31 -21.11
N LEU B 270 41.75 32.88 -20.60
CA LEU B 270 41.76 34.04 -19.73
C LEU B 270 42.26 33.78 -18.30
N SER B 271 42.57 32.51 -17.98
CA SER B 271 43.12 32.17 -16.67
C SER B 271 44.63 32.33 -16.69
N VAL B 272 45.25 32.36 -17.89
CA VAL B 272 46.69 32.52 -18.06
C VAL B 272 47.03 33.90 -18.70
N VAL B 273 46.24 34.35 -19.72
CA VAL B 273 46.43 35.64 -20.38
C VAL B 273 45.27 36.64 -20.09
N HIS B 274 45.43 37.91 -20.48
CA HIS B 274 44.45 38.99 -20.21
C HIS B 274 43.47 39.28 -21.32
N SER B 275 43.70 38.73 -22.52
CA SER B 275 42.81 38.94 -23.66
C SER B 275 42.81 37.73 -24.55
N THR B 276 41.69 37.46 -25.22
CA THR B 276 41.58 36.33 -26.14
C THR B 276 40.69 36.68 -27.34
N GLN B 277 40.79 35.89 -28.41
CA GLN B 277 40.05 36.09 -29.66
C GLN B 277 39.12 34.93 -29.94
N ILE B 278 37.85 35.23 -30.23
CA ILE B 278 36.85 34.22 -30.59
C ILE B 278 36.56 34.45 -32.06
N GLU B 279 36.99 33.50 -32.90
CA GLU B 279 36.82 33.57 -34.34
C GLU B 279 36.12 32.32 -34.86
N ILE B 280 34.97 32.52 -35.52
CA ILE B 280 34.14 31.45 -36.10
C ILE B 280 33.79 31.85 -37.52
N GLU B 281 34.41 31.17 -38.50
CA GLU B 281 34.16 31.38 -39.93
C GLU B 281 32.79 30.78 -40.22
N ASP B 282 31.91 31.59 -40.83
CA ASP B 282 30.53 31.23 -41.18
C ASP B 282 29.76 30.60 -40.00
N ILE B 283 29.54 31.40 -38.93
CA ILE B 283 28.76 31.01 -37.74
C ILE B 283 27.31 30.75 -38.20
N VAL B 284 26.89 31.50 -39.23
CA VAL B 284 25.64 31.45 -39.98
C VAL B 284 26.02 31.81 -41.43
N GLU B 285 25.20 31.42 -42.42
CA GLU B 285 25.48 31.67 -43.83
C GLU B 285 25.73 33.14 -44.17
N GLY B 286 26.99 33.43 -44.47
CA GLY B 286 27.47 34.77 -44.83
C GLY B 286 27.87 35.68 -43.70
N HIS B 287 28.09 35.13 -42.51
CA HIS B 287 28.51 35.93 -41.35
C HIS B 287 29.65 35.27 -40.60
N ASN B 288 30.76 36.00 -40.43
CA ASN B 288 31.93 35.52 -39.71
C ASN B 288 31.94 36.17 -38.33
N PHE B 289 31.99 35.36 -37.26
CA PHE B 289 32.02 35.88 -35.89
C PHE B 289 33.49 36.14 -35.51
N SER B 290 33.80 37.39 -35.12
CA SER B 290 35.13 37.77 -34.68
C SER B 290 35.03 38.81 -33.59
N GLU B 291 35.24 38.38 -32.33
CA GLU B 291 35.17 39.25 -31.15
C GLU B 291 36.29 38.99 -30.18
N THR B 292 36.74 40.05 -29.50
CA THR B 292 37.75 39.99 -28.47
C THR B 292 37.04 39.82 -27.12
N LEU B 293 37.61 39.01 -26.22
CA LEU B 293 37.10 38.87 -24.86
C LEU B 293 38.27 39.10 -23.92
N THR B 294 38.21 40.20 -23.14
CA THR B 294 39.27 40.51 -22.18
C THR B 294 38.97 39.80 -20.88
N ARG B 295 40.00 39.59 -20.06
CA ARG B 295 39.84 39.00 -18.73
C ARG B 295 38.88 39.89 -17.93
N ALA B 296 39.04 41.23 -18.05
CA ALA B 296 38.24 42.25 -17.40
C ALA B 296 36.75 42.08 -17.70
N LYS B 297 36.42 41.89 -19.00
CA LYS B 297 35.05 41.69 -19.47
C LYS B 297 34.47 40.39 -18.90
N PHE B 298 35.26 39.30 -18.95
CA PHE B 298 34.87 38.00 -18.41
C PHE B 298 34.50 38.13 -16.93
N GLU B 299 35.25 38.92 -16.16
CA GLU B 299 35.04 39.15 -14.72
C GLU B 299 33.81 39.99 -14.45
N GLU B 300 33.60 41.07 -15.23
CA GLU B 300 32.43 41.97 -15.16
C GLU B 300 31.13 41.25 -15.40
N LEU B 301 31.10 40.29 -16.34
CA LEU B 301 29.90 39.50 -16.66
C LEU B 301 29.54 38.47 -15.58
N ASN B 302 30.52 38.05 -14.75
CA ASN B 302 30.34 37.03 -13.73
C ASN B 302 30.55 37.44 -12.28
N ASP B 303 30.78 38.74 -12.00
CA ASP B 303 31.09 39.25 -10.68
C ASP B 303 30.11 38.82 -9.59
N ASP B 304 28.80 38.89 -9.88
CA ASP B 304 27.75 38.49 -8.92
C ASP B 304 27.84 37.00 -8.58
N LEU B 305 28.09 36.15 -9.59
CA LEU B 305 28.21 34.70 -9.41
C LEU B 305 29.46 34.35 -8.66
N PHE B 306 30.56 35.09 -8.91
CA PHE B 306 31.85 34.91 -8.25
C PHE B 306 31.72 35.20 -6.74
N ARG B 307 31.12 36.33 -6.36
CA ARG B 307 30.95 36.74 -4.96
C ARG B 307 29.90 35.90 -4.22
N GLU B 308 28.91 35.39 -4.96
CA GLU B 308 27.88 34.45 -4.51
C GLU B 308 28.54 33.20 -3.86
N THR B 309 29.76 32.81 -4.30
CA THR B 309 30.47 31.65 -3.73
C THR B 309 30.93 31.89 -2.28
N LEU B 310 30.94 33.17 -1.85
CA LEU B 310 31.34 33.52 -0.48
C LEU B 310 30.22 33.30 0.52
N GLU B 311 28.95 33.28 0.04
CA GLU B 311 27.77 33.02 0.86
C GLU B 311 27.88 31.65 1.57
N PRO B 312 28.16 30.50 0.88
CA PRO B 312 28.33 29.24 1.62
C PRO B 312 29.61 29.20 2.50
N VAL B 313 30.60 30.07 2.22
CA VAL B 313 31.86 30.16 3.00
C VAL B 313 31.55 30.81 4.34
N LYS B 314 30.69 31.83 4.36
CA LYS B 314 30.21 32.47 5.58
C LYS B 314 29.36 31.46 6.40
N LYS B 315 28.53 30.64 5.73
CA LYS B 315 27.67 29.60 6.33
C LYS B 315 28.45 28.50 7.07
N VAL B 316 29.51 27.89 6.45
CA VAL B 316 30.34 26.89 7.14
C VAL B 316 31.02 27.45 8.39
N LEU B 317 31.49 28.72 8.33
CA LEU B 317 32.17 29.37 9.45
C LEU B 317 31.18 29.68 10.56
N ASP B 318 29.96 30.07 10.18
CA ASP B 318 28.88 30.36 11.11
C ASP B 318 28.37 29.07 11.80
N ASP B 319 28.15 27.99 11.02
CA ASP B 319 27.68 26.69 11.53
C ASP B 319 28.73 26.05 12.48
N ALA B 320 30.02 26.25 12.18
CA ALA B 320 31.16 25.73 12.95
C ALA B 320 31.47 26.62 14.15
N LYS B 321 30.89 27.85 14.18
CA LYS B 321 31.09 28.88 15.21
C LYS B 321 32.58 29.30 15.23
N TYR B 322 33.15 29.41 14.01
CA TYR B 322 34.54 29.74 13.73
C TYR B 322 34.73 31.20 13.34
N GLU B 323 35.84 31.77 13.79
CA GLU B 323 36.32 33.07 13.33
C GLU B 323 37.13 32.72 12.07
N LYS B 324 37.44 33.72 11.22
CA LYS B 324 38.22 33.47 10.00
C LYS B 324 39.63 32.96 10.34
N SER B 325 40.21 33.44 11.44
CA SER B 325 41.55 33.10 11.94
C SER B 325 41.72 31.61 12.30
N LYS B 326 40.62 30.94 12.67
CA LYS B 326 40.61 29.51 13.04
C LYS B 326 41.01 28.60 11.84
N ILE B 327 40.85 29.10 10.59
CA ILE B 327 41.23 28.38 9.38
C ILE B 327 42.75 28.43 9.24
N ASP B 328 43.39 27.25 9.41
CA ASP B 328 44.85 27.08 9.35
C ASP B 328 45.33 26.83 7.94
N GLU B 329 44.47 26.18 7.10
CA GLU B 329 44.83 25.80 5.75
C GLU B 329 43.68 26.03 4.78
N ILE B 330 44.00 26.49 3.55
CA ILE B 330 43.06 26.73 2.44
C ILE B 330 43.37 25.79 1.25
N VAL B 331 42.37 24.99 0.85
CA VAL B 331 42.53 24.09 -0.30
C VAL B 331 41.56 24.53 -1.39
N LEU B 332 42.08 24.77 -2.61
CA LEU B 332 41.29 25.21 -3.77
C LEU B 332 41.16 24.05 -4.71
N VAL B 333 39.90 23.61 -4.98
CA VAL B 333 39.56 22.44 -5.83
C VAL B 333 38.61 22.87 -6.96
N GLY B 334 38.65 22.17 -8.07
CA GLY B 334 37.84 22.47 -9.24
C GLY B 334 38.58 23.30 -10.24
N GLY B 335 38.33 23.03 -11.52
CA GLY B 335 38.98 23.74 -12.63
C GLY B 335 38.70 25.23 -12.64
N SER B 336 37.57 25.62 -12.02
CA SER B 336 37.15 27.03 -11.93
C SER B 336 37.97 27.83 -10.96
N THR B 337 38.70 27.19 -10.02
CA THR B 337 39.55 27.95 -9.10
C THR B 337 40.85 28.40 -9.79
N ARG B 338 40.97 28.12 -11.10
CA ARG B 338 42.09 28.53 -11.93
C ARG B 338 41.88 29.95 -12.39
N ILE B 339 40.63 30.45 -12.25
CA ILE B 339 40.28 31.81 -12.64
C ILE B 339 40.97 32.73 -11.64
N PRO B 340 41.86 33.61 -12.10
CA PRO B 340 42.57 34.51 -11.18
C PRO B 340 41.68 35.32 -10.25
N LYS B 341 40.51 35.80 -10.73
CA LYS B 341 39.55 36.56 -9.91
C LYS B 341 38.98 35.75 -8.73
N ILE B 342 38.65 34.47 -8.97
CA ILE B 342 38.13 33.58 -7.94
C ILE B 342 39.18 33.44 -6.79
N GLN B 343 40.49 33.30 -7.14
CA GLN B 343 41.60 33.17 -6.20
C GLN B 343 41.74 34.44 -5.38
N GLN B 344 41.63 35.60 -6.05
CA GLN B 344 41.72 36.91 -5.43
C GLN B 344 40.58 37.11 -4.42
N ILE B 345 39.34 36.73 -4.78
CA ILE B 345 38.15 36.88 -3.91
C ILE B 345 38.29 36.02 -2.63
N ILE B 346 38.85 34.80 -2.71
CA ILE B 346 39.05 33.94 -1.53
C ILE B 346 40.17 34.49 -0.64
N LYS B 347 41.29 34.92 -1.26
CA LYS B 347 42.45 35.51 -0.56
C LYS B 347 41.99 36.77 0.20
N GLU B 348 41.28 37.69 -0.49
CA GLU B 348 40.72 38.92 0.10
C GLU B 348 39.75 38.60 1.26
N PHE B 349 38.88 37.57 1.10
CA PHE B 349 37.95 37.15 2.17
C PHE B 349 38.74 36.65 3.38
N PHE B 350 39.85 35.92 3.14
CA PHE B 350 40.67 35.38 4.21
C PHE B 350 41.85 36.31 4.56
N ASN B 351 41.67 37.61 4.30
CA ASN B 351 42.55 38.74 4.65
C ASN B 351 44.01 38.60 4.21
N GLY B 352 44.23 38.13 2.98
CA GLY B 352 45.56 37.98 2.41
C GLY B 352 46.17 36.60 2.55
N LYS B 353 45.44 35.65 3.22
CA LYS B 353 45.93 34.29 3.41
C LYS B 353 45.99 33.54 2.11
N GLU B 354 47.20 33.09 1.76
CA GLU B 354 47.48 32.33 0.55
C GLU B 354 46.97 30.90 0.67
N PRO B 355 46.33 30.33 -0.37
CA PRO B 355 45.91 28.92 -0.29
C PRO B 355 47.07 27.99 -0.62
N ASN B 356 46.86 26.67 -0.47
CA ASN B 356 47.82 25.64 -0.85
C ASN B 356 47.94 25.68 -2.37
N ARG B 357 49.14 25.50 -2.86
CA ARG B 357 49.43 25.45 -4.29
C ARG B 357 50.41 24.36 -4.55
N GLY B 358 50.38 23.83 -5.77
CA GLY B 358 51.31 22.77 -6.21
C GLY B 358 50.72 21.76 -7.17
N ILE B 359 49.41 21.46 -7.04
CA ILE B 359 48.69 20.49 -7.87
C ILE B 359 47.61 21.23 -8.68
N ASN B 360 47.34 20.78 -9.94
CA ASN B 360 46.25 21.37 -10.73
C ASN B 360 44.96 21.11 -9.94
N PRO B 361 44.20 22.20 -9.62
CA PRO B 361 43.01 22.06 -8.74
C PRO B 361 41.95 21.08 -9.23
N ASP B 362 41.81 20.93 -10.55
CA ASP B 362 40.88 19.98 -11.20
C ASP B 362 41.37 18.52 -11.14
N GLU B 363 42.61 18.30 -10.67
CA GLU B 363 43.24 16.98 -10.54
C GLU B 363 43.50 16.53 -9.08
N ALA B 364 43.39 17.47 -8.11
CA ALA B 364 43.65 17.29 -6.68
C ALA B 364 42.81 16.16 -6.04
N VAL B 365 41.52 16.06 -6.40
CA VAL B 365 40.62 15.02 -5.87
C VAL B 365 41.08 13.61 -6.35
N ALA B 366 41.36 13.44 -7.65
CA ALA B 366 41.85 12.16 -8.18
C ALA B 366 43.23 11.82 -7.60
N TYR B 367 44.04 12.86 -7.32
CA TYR B 367 45.38 12.77 -6.73
C TYR B 367 45.31 12.16 -5.32
N GLY B 368 44.41 12.66 -4.47
CA GLY B 368 44.24 12.18 -3.10
C GLY B 368 43.71 10.76 -3.02
N ALA B 369 42.72 10.47 -3.89
CA ALA B 369 42.10 9.18 -4.05
C ALA B 369 43.19 8.17 -4.45
N ALA B 370 44.22 8.62 -5.21
CA ALA B 370 45.34 7.77 -5.62
C ALA B 370 46.32 7.55 -4.45
N ILE B 371 46.47 8.56 -3.58
CA ILE B 371 47.29 8.47 -2.37
C ILE B 371 46.62 7.46 -1.43
N GLN B 372 45.27 7.57 -1.30
CA GLN B 372 44.43 6.68 -0.49
C GLN B 372 44.56 5.24 -0.98
N ALA B 373 44.53 5.05 -2.33
CA ALA B 373 44.70 3.76 -3.01
C ALA B 373 46.02 3.09 -2.64
N GLY B 374 47.10 3.87 -2.57
CA GLY B 374 48.45 3.43 -2.21
C GLY B 374 48.60 3.04 -0.75
N ILE B 375 47.78 3.66 0.15
CA ILE B 375 47.76 3.36 1.58
C ILE B 375 47.08 1.98 1.79
N ILE B 376 45.96 1.76 1.09
CA ILE B 376 45.17 0.52 1.12
C ILE B 376 46.00 -0.67 0.62
N LEU B 377 46.80 -0.46 -0.44
CA LEU B 377 47.67 -1.49 -1.02
C LEU B 377 48.72 -1.94 0.01
N GLY B 378 49.45 -0.99 0.59
CA GLY B 378 50.48 -1.23 1.60
C GLY B 378 51.79 -1.73 0.99
N GLU C 1 -20.40 18.83 -6.63
CA GLU C 1 -20.57 20.14 -5.99
C GLU C 1 -19.23 20.94 -5.87
N GLY C 2 -18.55 20.85 -4.72
CA GLY C 2 -17.33 21.62 -4.44
C GLY C 2 -16.07 20.84 -4.68
N PRO C 3 -15.09 20.82 -3.74
CA PRO C 3 -13.86 20.01 -3.98
C PRO C 3 -14.11 18.51 -3.84
N VAL C 4 -13.62 17.71 -4.82
CA VAL C 4 -13.75 16.26 -4.82
C VAL C 4 -12.35 15.65 -4.88
N ILE C 5 -11.99 14.83 -3.88
CA ILE C 5 -10.67 14.18 -3.75
C ILE C 5 -10.73 12.67 -4.05
N GLY C 6 -9.59 12.07 -4.42
CA GLY C 6 -9.50 10.64 -4.68
C GLY C 6 -8.65 9.95 -3.62
N ILE C 7 -9.20 8.89 -2.98
CA ILE C 7 -8.47 8.16 -1.93
C ILE C 7 -8.36 6.67 -2.25
N ASP C 8 -7.14 6.15 -2.15
CA ASP C 8 -6.81 4.76 -2.25
C ASP C 8 -6.76 4.30 -0.79
N LEU C 9 -7.84 3.61 -0.36
CA LEU C 9 -7.96 3.04 0.99
C LEU C 9 -7.52 1.57 0.87
N GLY C 10 -6.22 1.34 1.02
CA GLY C 10 -5.59 0.04 0.88
C GLY C 10 -5.53 -0.76 2.16
N THR C 11 -5.32 -2.09 2.01
CA THR C 11 -5.20 -3.09 3.09
C THR C 11 -4.09 -2.72 4.05
N THR C 12 -2.91 -2.35 3.51
CA THR C 12 -1.72 -2.02 4.31
C THR C 12 -1.38 -0.52 4.29
N TYR C 13 -1.58 0.16 3.17
CA TYR C 13 -1.27 1.57 3.01
C TYR C 13 -2.40 2.32 2.32
N SER C 14 -2.54 3.61 2.64
CA SER C 14 -3.50 4.55 2.06
C SER C 14 -2.81 5.74 1.37
N CYS C 15 -3.49 6.27 0.34
CA CYS C 15 -2.90 7.33 -0.49
C CYS C 15 -4.00 8.28 -0.96
N VAL C 16 -3.75 9.62 -0.89
CA VAL C 16 -4.73 10.66 -1.28
C VAL C 16 -4.19 11.58 -2.39
N GLY C 17 -5.05 11.87 -3.36
CA GLY C 17 -4.73 12.76 -4.47
C GLY C 17 -5.79 13.80 -4.70
N VAL C 18 -5.37 14.95 -5.24
CA VAL C 18 -6.26 16.05 -5.54
C VAL C 18 -6.11 16.44 -7.00
N PHE C 19 -7.22 16.88 -7.63
CA PHE C 19 -7.24 17.33 -9.01
C PHE C 19 -7.45 18.84 -8.98
N LYS C 20 -6.37 19.60 -9.19
CA LYS C 20 -6.32 21.07 -9.14
C LYS C 20 -5.51 21.63 -10.35
N ASN C 21 -6.06 22.67 -11.02
CA ASN C 21 -5.57 23.33 -12.23
C ASN C 21 -5.22 22.30 -13.34
N GLY C 22 -6.21 21.45 -13.66
CA GLY C 22 -6.18 20.41 -14.67
C GLY C 22 -5.12 19.33 -14.53
N ARG C 23 -4.62 19.10 -13.30
CA ARG C 23 -3.55 18.12 -13.04
C ARG C 23 -3.66 17.55 -11.63
N VAL C 24 -3.32 16.26 -11.45
CA VAL C 24 -3.37 15.52 -10.18
C VAL C 24 -2.11 15.78 -9.33
N GLU C 25 -2.31 15.99 -8.01
CA GLU C 25 -1.25 16.14 -7.03
C GLU C 25 -1.46 15.06 -5.95
N ILE C 26 -0.51 14.15 -5.81
CA ILE C 26 -0.51 13.11 -4.78
C ILE C 26 0.09 13.78 -3.58
N LEU C 27 -0.66 13.79 -2.49
CA LEU C 27 -0.28 14.55 -1.31
C LEU C 27 0.58 13.82 -0.28
N ASN C 28 1.45 14.59 0.38
CA ASN C 28 2.34 14.15 1.45
C ASN C 28 1.66 14.27 2.80
N ASN C 29 1.99 13.34 3.71
CA ASN C 29 1.48 13.38 5.07
C ASN C 29 2.43 14.23 5.94
N GLU C 30 2.19 14.30 7.25
CA GLU C 30 3.02 15.00 8.25
C GLU C 30 4.51 14.63 8.20
N LEU C 31 4.83 13.38 7.79
CA LEU C 31 6.19 12.86 7.74
C LEU C 31 6.82 12.94 6.35
N GLY C 32 6.11 13.57 5.41
CA GLY C 32 6.56 13.76 4.05
C GLY C 32 6.53 12.51 3.21
N ASN C 33 5.53 11.67 3.44
CA ASN C 33 5.38 10.44 2.66
C ASN C 33 4.10 10.54 1.86
N ARG C 34 4.10 10.06 0.60
CA ARG C 34 2.89 10.11 -0.23
C ARG C 34 1.95 8.94 0.04
N ILE C 35 2.41 8.02 0.89
CA ILE C 35 1.68 6.84 1.31
C ILE C 35 1.74 6.75 2.83
N THR C 36 0.63 6.31 3.44
CA THR C 36 0.57 6.19 4.88
C THR C 36 0.05 4.82 5.28
N PRO C 37 0.68 4.15 6.27
CA PRO C 37 0.14 2.85 6.73
C PRO C 37 -1.30 2.90 7.27
N SER C 38 -2.14 1.93 6.87
CA SER C 38 -3.54 1.80 7.30
C SER C 38 -3.57 1.08 8.68
N TYR C 39 -2.94 1.71 9.67
CA TYR C 39 -2.80 1.19 11.03
C TYR C 39 -3.30 2.21 12.01
N VAL C 40 -3.95 1.75 13.08
CA VAL C 40 -4.47 2.56 14.16
C VAL C 40 -4.06 1.87 15.48
N SER C 41 -3.54 2.64 16.45
CA SER C 41 -3.11 2.12 17.76
C SER C 41 -3.77 2.90 18.92
N PHE C 42 -4.04 2.20 20.02
CA PHE C 42 -4.70 2.77 21.21
C PHE C 42 -3.85 2.46 22.46
N VAL C 43 -2.53 2.57 22.34
CA VAL C 43 -1.57 2.29 23.40
C VAL C 43 -1.64 3.40 24.45
N ASP C 44 -1.83 3.03 25.74
CA ASP C 44 -1.93 3.94 26.90
C ASP C 44 -2.92 5.09 26.67
N GLY C 45 -4.07 4.75 26.10
CA GLY C 45 -5.14 5.69 25.77
C GLY C 45 -4.78 6.77 24.78
N GLU C 46 -3.70 6.58 24.00
CA GLU C 46 -3.31 7.56 22.99
C GLU C 46 -3.62 7.00 21.60
N ARG C 47 -4.63 7.55 20.91
CA ARG C 47 -5.00 7.13 19.55
C ARG C 47 -3.99 7.68 18.54
N LYS C 48 -3.40 6.80 17.73
CA LYS C 48 -2.42 7.17 16.70
C LYS C 48 -2.80 6.47 15.40
N VAL C 49 -2.66 7.18 14.28
CA VAL C 49 -3.01 6.67 12.95
C VAL C 49 -1.80 6.81 12.03
N GLY C 50 -1.39 5.74 11.38
CA GLY C 50 -0.25 5.80 10.45
C GLY C 50 1.03 5.16 10.95
N GLU C 51 2.19 5.67 10.49
CA GLU C 51 3.52 5.12 10.81
C GLU C 51 3.82 5.07 12.32
N ALA C 52 3.23 6.00 13.08
CA ALA C 52 3.34 6.05 14.54
C ALA C 52 2.59 4.86 15.19
N ALA C 53 1.51 4.37 14.52
CA ALA C 53 0.74 3.21 14.96
C ALA C 53 1.43 1.94 14.53
N LYS C 54 1.92 1.91 13.26
CA LYS C 54 2.63 0.76 12.70
C LYS C 54 3.88 0.36 13.54
N LEU C 55 4.51 1.33 14.23
CA LEU C 55 5.70 1.09 15.08
C LEU C 55 5.36 0.35 16.38
N GLU C 56 4.13 0.54 16.88
CA GLU C 56 3.60 -0.09 18.10
C GLU C 56 3.21 -1.56 17.88
N ALA C 57 3.02 -1.98 16.61
CA ALA C 57 2.55 -3.31 16.20
C ALA C 57 3.25 -4.48 16.90
N THR C 58 4.58 -4.43 17.07
CA THR C 58 5.30 -5.54 17.69
C THR C 58 5.23 -5.48 19.20
N LEU C 59 5.46 -4.29 19.78
CA LEU C 59 5.44 -4.12 21.24
C LEU C 59 4.07 -4.25 21.87
N HIS C 60 3.01 -3.86 21.12
CA HIS C 60 1.64 -3.88 21.60
C HIS C 60 0.69 -4.53 20.55
N PRO C 61 0.75 -5.88 20.37
CA PRO C 61 -0.10 -6.53 19.36
C PRO C 61 -1.61 -6.53 19.62
N THR C 62 -2.07 -6.37 20.87
CA THR C 62 -3.51 -6.30 21.17
C THR C 62 -4.08 -4.88 21.00
N GLN C 63 -3.20 -3.85 21.09
CA GLN C 63 -3.61 -2.44 21.00
C GLN C 63 -3.43 -1.84 19.61
N THR C 64 -2.85 -2.61 18.69
CA THR C 64 -2.61 -2.12 17.34
C THR C 64 -3.49 -2.91 16.34
N VAL C 65 -4.28 -2.15 15.54
CA VAL C 65 -5.23 -2.67 14.55
C VAL C 65 -4.77 -2.30 13.14
N PHE C 66 -4.90 -3.24 12.21
CA PHE C 66 -4.50 -3.14 10.80
C PHE C 66 -5.26 -4.24 10.03
N ASP C 67 -5.16 -4.28 8.69
CA ASP C 67 -5.80 -5.28 7.78
C ASP C 67 -7.31 -5.40 7.95
N VAL C 68 -7.93 -4.31 8.40
CA VAL C 68 -9.36 -4.18 8.69
C VAL C 68 -10.20 -4.26 7.37
N LYS C 69 -9.53 -4.00 6.22
CA LYS C 69 -10.11 -4.12 4.88
C LYS C 69 -10.53 -5.59 4.57
N ARG C 70 -9.90 -6.56 5.27
CA ARG C 70 -10.20 -8.01 5.13
C ARG C 70 -11.49 -8.40 5.88
N LEU C 71 -12.01 -7.52 6.74
CA LEU C 71 -13.19 -7.75 7.58
C LEU C 71 -14.40 -6.94 7.18
N ILE C 72 -14.17 -5.77 6.57
CA ILE C 72 -15.16 -4.78 6.14
C ILE C 72 -16.25 -5.40 5.21
N GLY C 73 -17.52 -5.17 5.59
CA GLY C 73 -18.70 -5.66 4.88
C GLY C 73 -18.98 -7.14 5.01
N ARG C 74 -18.26 -7.82 5.91
CA ARG C 74 -18.36 -9.27 6.11
C ARG C 74 -18.97 -9.70 7.46
N LYS C 75 -19.39 -10.98 7.52
CA LYS C 75 -19.95 -11.64 8.70
C LYS C 75 -18.82 -12.42 9.38
N PHE C 76 -18.84 -12.50 10.71
CA PHE C 76 -17.81 -13.18 11.51
C PHE C 76 -17.51 -14.64 11.09
N ASP C 77 -18.57 -15.42 10.78
CA ASP C 77 -18.46 -16.84 10.42
C ASP C 77 -18.12 -17.08 8.94
N ASP C 78 -17.87 -15.99 8.17
CA ASP C 78 -17.51 -16.11 6.76
C ASP C 78 -16.14 -16.76 6.69
N GLN C 79 -15.98 -17.70 5.75
CA GLN C 79 -14.76 -18.49 5.49
C GLN C 79 -13.52 -17.63 5.44
N GLU C 80 -13.63 -16.45 4.80
CA GLU C 80 -12.55 -15.46 4.70
C GLU C 80 -12.19 -14.81 6.05
N VAL C 81 -13.18 -14.50 6.89
CA VAL C 81 -12.97 -13.93 8.21
C VAL C 81 -12.39 -14.99 9.16
N VAL C 82 -12.83 -16.27 9.08
CA VAL C 82 -12.34 -17.38 9.93
C VAL C 82 -10.82 -17.61 9.70
N LYS C 83 -10.41 -17.59 8.41
CA LYS C 83 -9.02 -17.74 7.95
C LYS C 83 -8.16 -16.54 8.39
N ASP C 84 -8.64 -15.29 8.20
CA ASP C 84 -7.90 -14.09 8.57
C ASP C 84 -7.80 -13.87 10.08
N ARG C 85 -8.87 -14.20 10.85
CA ARG C 85 -8.93 -14.12 12.31
C ARG C 85 -7.76 -14.87 12.92
N SER C 86 -7.53 -16.10 12.43
CA SER C 86 -6.42 -16.98 12.82
C SER C 86 -5.05 -16.37 12.54
N LEU C 87 -4.94 -15.46 11.55
CA LEU C 87 -3.70 -14.77 11.13
C LEU C 87 -3.41 -13.43 11.85
N LEU C 88 -4.47 -12.70 12.27
CA LEU C 88 -4.40 -11.38 12.91
C LEU C 88 -4.10 -11.45 14.41
N PRO C 89 -3.07 -10.69 14.89
CA PRO C 89 -2.64 -10.79 16.30
C PRO C 89 -3.54 -10.11 17.33
N TYR C 90 -4.41 -9.21 16.87
CA TYR C 90 -5.35 -8.49 17.73
C TYR C 90 -6.66 -9.26 17.88
N GLU C 91 -7.47 -8.93 18.90
CA GLU C 91 -8.69 -9.65 19.17
C GLU C 91 -9.86 -9.25 18.29
N ILE C 92 -10.48 -10.25 17.66
CA ILE C 92 -11.67 -10.08 16.84
C ILE C 92 -12.77 -10.89 17.50
N VAL C 93 -13.83 -10.20 17.94
CA VAL C 93 -14.98 -10.82 18.61
C VAL C 93 -16.16 -10.90 17.66
N ASN C 94 -17.08 -11.81 17.96
CA ASN C 94 -18.34 -12.02 17.25
C ASN C 94 -19.42 -11.19 17.93
N ASN C 95 -19.73 -10.02 17.37
CA ASN C 95 -20.78 -9.18 17.92
C ASN C 95 -22.10 -9.47 17.19
N GLN C 96 -22.79 -10.52 17.63
CA GLN C 96 -24.09 -10.97 17.08
C GLN C 96 -24.02 -11.20 15.55
N GLY C 97 -23.00 -11.91 15.09
CA GLY C 97 -22.80 -12.22 13.68
C GLY C 97 -21.82 -11.34 12.91
N LYS C 98 -21.54 -10.14 13.44
CA LYS C 98 -20.66 -9.17 12.82
C LYS C 98 -19.30 -9.11 13.57
N PRO C 99 -18.14 -9.17 12.86
CA PRO C 99 -16.85 -9.03 13.55
C PRO C 99 -16.64 -7.63 14.14
N ASN C 100 -16.05 -7.61 15.33
CA ASN C 100 -15.71 -6.40 16.02
C ASN C 100 -14.28 -6.53 16.54
N ILE C 101 -13.52 -5.42 16.54
CA ILE C 101 -12.14 -5.40 17.04
C ILE C 101 -12.24 -5.00 18.53
N LYS C 102 -11.73 -5.85 19.42
CA LYS C 102 -11.79 -5.58 20.86
C LYS C 102 -10.45 -5.06 21.36
N VAL C 103 -10.44 -3.82 21.88
CA VAL C 103 -9.25 -3.19 22.45
C VAL C 103 -9.55 -2.67 23.86
N GLN C 104 -8.56 -2.72 24.77
CA GLN C 104 -8.73 -2.19 26.13
C GLN C 104 -8.36 -0.71 26.05
N ILE C 105 -9.31 0.21 26.27
CA ILE C 105 -9.01 1.64 26.10
C ILE C 105 -8.50 2.24 27.46
N LYS C 106 -9.23 2.00 28.57
CA LYS C 106 -8.80 2.41 29.92
C LYS C 106 -8.29 1.10 30.54
N ASP C 107 -9.21 0.41 31.24
CA ASP C 107 -9.12 -0.90 31.87
C ASP C 107 -10.44 -1.54 31.42
N LYS C 108 -11.15 -0.81 30.53
CA LYS C 108 -12.46 -1.13 29.95
C LYS C 108 -12.33 -1.62 28.51
N ASP C 109 -13.14 -2.62 28.16
CA ASP C 109 -13.23 -3.27 26.85
C ASP C 109 -13.95 -2.33 25.88
N THR C 110 -13.34 -2.12 24.72
CA THR C 110 -13.90 -1.24 23.68
C THR C 110 -13.97 -1.98 22.36
N THR C 111 -15.15 -2.01 21.75
CA THR C 111 -15.33 -2.70 20.49
C THR C 111 -15.56 -1.73 19.34
N PHE C 112 -14.92 -2.02 18.21
CA PHE C 112 -15.02 -1.25 16.98
C PHE C 112 -15.45 -2.11 15.81
N ALA C 113 -16.37 -1.57 15.01
CA ALA C 113 -16.78 -2.18 13.75
C ALA C 113 -15.63 -1.92 12.78
N PRO C 114 -15.37 -2.80 11.80
CA PRO C 114 -14.28 -2.54 10.82
C PRO C 114 -14.37 -1.17 10.13
N GLU C 115 -15.59 -0.64 9.89
CA GLU C 115 -15.76 0.66 9.23
C GLU C 115 -15.37 1.84 10.13
N GLN C 116 -15.29 1.62 11.46
CA GLN C 116 -14.88 2.63 12.45
C GLN C 116 -13.36 2.84 12.43
N ILE C 117 -12.58 1.78 12.15
CA ILE C 117 -11.11 1.84 12.03
C ILE C 117 -10.73 2.45 10.67
N SER C 118 -11.39 1.99 9.59
CA SER C 118 -11.19 2.48 8.21
C SER C 118 -11.47 3.99 8.12
N ALA C 119 -12.45 4.48 8.89
CA ALA C 119 -12.88 5.88 9.00
C ALA C 119 -11.80 6.73 9.63
N MET C 120 -11.04 6.18 10.59
CA MET C 120 -9.93 6.88 11.25
C MET C 120 -8.80 7.14 10.23
N VAL C 121 -8.57 6.17 9.34
CA VAL C 121 -7.59 6.28 8.26
C VAL C 121 -8.12 7.32 7.23
N LEU C 122 -9.44 7.27 6.90
CA LEU C 122 -10.05 8.26 5.99
C LEU C 122 -10.02 9.67 6.57
N GLU C 123 -10.13 9.81 7.93
CA GLU C 123 -10.08 11.10 8.62
C GLU C 123 -8.70 11.71 8.40
N LYS C 124 -7.63 10.88 8.45
CA LYS C 124 -6.25 11.32 8.22
C LYS C 124 -6.07 11.77 6.75
N MET C 125 -6.59 11.00 5.77
CA MET C 125 -6.50 11.33 4.35
C MET C 125 -7.26 12.61 4.02
N LYS C 126 -8.46 12.78 4.64
CA LYS C 126 -9.30 13.98 4.50
C LYS C 126 -8.59 15.25 5.01
N GLU C 127 -7.97 15.19 6.21
CA GLU C 127 -7.28 16.36 6.80
C GLU C 127 -6.02 16.77 5.97
N ILE C 128 -5.29 15.77 5.34
CA ILE C 128 -4.12 16.04 4.49
C ILE C 128 -4.62 16.91 3.31
N ALA C 129 -5.67 16.47 2.62
CA ALA C 129 -6.28 17.17 1.48
C ALA C 129 -6.72 18.62 1.83
N GLN C 130 -7.43 18.79 2.98
CA GLN C 130 -7.97 20.06 3.49
C GLN C 130 -6.93 21.09 3.77
N SER C 131 -5.85 20.71 4.49
CA SER C 131 -4.77 21.67 4.73
C SER C 131 -4.03 21.99 3.44
N PHE C 132 -3.97 21.06 2.48
CA PHE C 132 -3.31 21.33 1.20
C PHE C 132 -4.15 22.28 0.33
N LEU C 133 -5.45 21.97 0.19
CA LEU C 133 -6.38 22.75 -0.63
C LEU C 133 -6.80 24.07 -0.04
N GLY C 134 -6.71 24.21 1.29
CA GLY C 134 -7.12 25.40 2.03
C GLY C 134 -8.63 25.61 1.98
N LYS C 135 -9.39 24.52 1.76
CA LYS C 135 -10.85 24.53 1.62
C LYS C 135 -11.44 23.31 2.34
N PRO C 136 -12.71 23.37 2.81
CA PRO C 136 -13.33 22.16 3.39
C PRO C 136 -13.60 21.07 2.34
N VAL C 137 -13.30 19.83 2.69
CA VAL C 137 -13.52 18.67 1.80
C VAL C 137 -14.62 17.79 2.36
N LYS C 138 -15.65 17.56 1.56
CA LYS C 138 -16.73 16.67 1.91
C LYS C 138 -16.77 15.51 0.92
N ASN C 139 -16.77 15.80 -0.38
CA ASN C 139 -16.86 14.79 -1.43
C ASN C 139 -15.53 14.08 -1.74
N ALA C 140 -15.63 12.76 -1.94
CA ALA C 140 -14.49 11.90 -2.27
C ALA C 140 -14.88 10.74 -3.18
N VAL C 141 -13.91 10.29 -3.99
CA VAL C 141 -13.96 9.11 -4.84
C VAL C 141 -13.05 8.12 -4.10
N VAL C 142 -13.58 6.93 -3.75
CA VAL C 142 -12.77 5.96 -3.01
C VAL C 142 -12.72 4.67 -3.82
N THR C 143 -11.55 4.01 -3.84
CA THR C 143 -11.34 2.79 -4.61
C THR C 143 -11.53 1.53 -3.76
N VAL C 144 -11.87 0.42 -4.42
CA VAL C 144 -12.08 -0.88 -3.81
C VAL C 144 -11.59 -1.98 -4.77
N PRO C 145 -11.21 -3.19 -4.27
CA PRO C 145 -10.86 -4.27 -5.19
C PRO C 145 -12.06 -4.63 -6.09
N ALA C 146 -11.81 -5.03 -7.33
CA ALA C 146 -12.85 -5.37 -8.30
C ALA C 146 -13.77 -6.52 -7.84
N TYR C 147 -13.28 -7.39 -6.94
CA TYR C 147 -14.06 -8.53 -6.42
C TYR C 147 -15.01 -8.14 -5.30
N PHE C 148 -14.84 -6.93 -4.74
CA PHE C 148 -15.70 -6.41 -3.66
C PHE C 148 -17.19 -6.49 -4.01
N ASN C 149 -18.00 -7.10 -3.13
CA ASN C 149 -19.44 -7.21 -3.38
C ASN C 149 -20.17 -5.94 -2.94
N ASP C 150 -21.53 -5.93 -2.99
CA ASP C 150 -22.34 -4.78 -2.58
C ASP C 150 -22.19 -4.39 -1.10
N ALA C 151 -22.06 -5.40 -0.21
CA ALA C 151 -21.89 -5.20 1.24
C ALA C 151 -20.57 -4.54 1.54
N GLN C 152 -19.49 -4.99 0.88
CA GLN C 152 -18.14 -4.44 1.04
C GLN C 152 -18.02 -3.00 0.49
N ARG C 153 -18.73 -2.70 -0.61
CA ARG C 153 -18.78 -1.36 -1.23
C ARG C 153 -19.54 -0.39 -0.34
N GLN C 154 -20.67 -0.83 0.22
CA GLN C 154 -21.47 0.00 1.12
C GLN C 154 -20.78 0.19 2.44
N ALA C 155 -20.12 -0.85 2.99
CA ALA C 155 -19.38 -0.72 4.25
C ALA C 155 -18.22 0.32 4.12
N THR C 156 -17.63 0.42 2.91
CA THR C 156 -16.60 1.41 2.61
C THR C 156 -17.25 2.82 2.58
N LYS C 157 -18.45 2.95 1.98
CA LYS C 157 -19.17 4.23 1.95
C LYS C 157 -19.56 4.65 3.37
N ASP C 158 -19.88 3.68 4.25
CA ASP C 158 -20.25 3.91 5.65
C ASP C 158 -19.03 4.39 6.44
N ALA C 159 -17.82 3.84 6.16
CA ALA C 159 -16.55 4.28 6.75
C ALA C 159 -16.32 5.77 6.39
N GLY C 160 -16.69 6.13 5.15
CA GLY C 160 -16.62 7.50 4.65
C GLY C 160 -17.53 8.43 5.40
N THR C 161 -18.77 7.99 5.66
CA THR C 161 -19.77 8.75 6.41
C THR C 161 -19.29 9.07 7.82
N ILE C 162 -18.75 8.05 8.54
CA ILE C 162 -18.19 8.21 9.90
C ILE C 162 -17.08 9.28 9.89
N ALA C 163 -16.22 9.26 8.85
CA ALA C 163 -15.10 10.17 8.61
C ALA C 163 -15.53 11.59 8.18
N GLY C 164 -16.80 11.77 7.84
CA GLY C 164 -17.33 13.06 7.41
C GLY C 164 -17.16 13.31 5.93
N LEU C 165 -17.04 12.23 5.17
CA LEU C 165 -16.88 12.26 3.72
C LEU C 165 -18.10 11.70 3.01
N ASN C 166 -18.52 12.37 1.94
CA ASN C 166 -19.57 11.89 1.09
C ASN C 166 -18.86 11.16 -0.06
N ILE C 167 -18.82 9.83 -0.01
CA ILE C 167 -18.20 9.02 -1.05
C ILE C 167 -19.16 8.98 -2.23
N VAL C 168 -18.99 9.95 -3.14
CA VAL C 168 -19.84 10.16 -4.30
C VAL C 168 -19.74 9.04 -5.34
N ARG C 169 -18.61 8.31 -5.35
CA ARG C 169 -18.40 7.20 -6.28
C ARG C 169 -17.34 6.25 -5.77
N ILE C 170 -17.63 4.96 -5.88
CA ILE C 170 -16.74 3.86 -5.53
C ILE C 170 -16.31 3.31 -6.90
N ILE C 171 -15.00 3.28 -7.15
CA ILE C 171 -14.46 2.76 -8.41
C ILE C 171 -13.52 1.59 -8.12
N ASN C 172 -13.34 0.73 -9.12
CA ASN C 172 -12.46 -0.43 -8.99
C ASN C 172 -11.01 0.01 -9.08
N GLU C 173 -10.15 -0.58 -8.23
CA GLU C 173 -8.70 -0.31 -8.18
C GLU C 173 -8.00 -0.52 -9.55
N PRO C 174 -8.23 -1.62 -10.32
CA PRO C 174 -7.52 -1.75 -11.62
C PRO C 174 -7.98 -0.72 -12.65
N THR C 175 -9.25 -0.29 -12.56
CA THR C 175 -9.86 0.71 -13.44
C THR C 175 -9.27 2.06 -13.12
N ALA C 176 -8.98 2.32 -11.83
CA ALA C 176 -8.38 3.58 -11.35
C ALA C 176 -6.96 3.74 -11.90
N ALA C 177 -6.15 2.67 -11.74
CA ALA C 177 -4.75 2.59 -12.19
C ALA C 177 -4.61 2.73 -13.71
N ALA C 178 -5.61 2.25 -14.48
CA ALA C 178 -5.64 2.35 -15.94
C ALA C 178 -6.05 3.78 -16.36
N LEU C 179 -7.01 4.40 -15.63
CA LEU C 179 -7.47 5.78 -15.82
C LEU C 179 -6.31 6.75 -15.64
N ALA C 180 -5.45 6.47 -14.62
CA ALA C 180 -4.25 7.25 -14.28
C ALA C 180 -3.29 7.32 -15.45
N TYR C 181 -3.19 6.23 -16.23
CA TYR C 181 -2.32 6.15 -17.40
C TYR C 181 -3.02 6.56 -18.70
N GLY C 182 -4.16 7.24 -18.59
CA GLY C 182 -4.96 7.72 -19.71
C GLY C 182 -5.32 6.65 -20.74
N LEU C 183 -5.57 5.40 -20.26
CA LEU C 183 -5.84 4.26 -21.14
C LEU C 183 -7.29 4.15 -21.58
N ASP C 184 -8.15 5.04 -21.04
CA ASP C 184 -9.57 5.24 -21.31
C ASP C 184 -9.83 5.76 -22.74
N LYS C 185 -8.77 6.22 -23.43
CA LYS C 185 -8.81 6.77 -24.77
C LYS C 185 -8.44 5.76 -25.87
N GLU C 187 -9.12 2.26 -28.12
CA GLU C 187 -10.36 1.56 -28.42
C GLU C 187 -10.10 0.10 -28.74
N GLU C 188 -11.04 -0.79 -28.32
CA GLU C 188 -11.00 -2.26 -28.48
C GLU C 188 -9.65 -2.83 -27.98
N THR C 189 -9.20 -2.37 -26.80
CA THR C 189 -7.90 -2.77 -26.27
C THR C 189 -8.01 -3.48 -24.95
N SER C 190 -7.13 -4.46 -24.74
CA SER C 190 -7.09 -5.27 -23.54
C SER C 190 -5.91 -4.88 -22.65
N ILE C 191 -6.19 -4.56 -21.38
CA ILE C 191 -5.23 -4.13 -20.39
C ILE C 191 -5.08 -5.18 -19.32
N LEU C 192 -3.83 -5.52 -19.00
CA LEU C 192 -3.53 -6.41 -17.89
C LEU C 192 -2.99 -5.53 -16.74
N VAL C 193 -3.67 -5.56 -15.60
CA VAL C 193 -3.25 -4.81 -14.42
C VAL C 193 -2.68 -5.79 -13.40
N TYR C 194 -1.36 -5.73 -13.17
CA TYR C 194 -0.64 -6.57 -12.20
C TYR C 194 -0.44 -5.70 -10.97
N ASP C 195 -1.18 -6.01 -9.89
CA ASP C 195 -1.24 -5.28 -8.63
C ASP C 195 -0.69 -6.11 -7.45
N LEU C 196 0.55 -5.84 -7.09
CA LEU C 196 1.21 -6.49 -5.94
C LEU C 196 1.47 -5.45 -4.84
N GLY C 197 0.70 -5.53 -3.76
CA GLY C 197 0.78 -4.60 -2.64
C GLY C 197 1.52 -5.18 -1.46
N GLY C 198 1.04 -4.83 -0.27
CA GLY C 198 1.64 -5.23 0.99
C GLY C 198 1.13 -6.54 1.53
N GLY C 199 -0.13 -6.85 1.31
CA GLY C 199 -0.67 -8.10 1.79
C GLY C 199 -1.40 -8.94 0.77
N THR C 200 -1.84 -8.30 -0.33
CA THR C 200 -2.62 -9.00 -1.36
C THR C 200 -2.05 -8.81 -2.77
N PHE C 201 -2.44 -9.73 -3.66
CA PHE C 201 -2.06 -9.72 -5.06
C PHE C 201 -3.32 -9.86 -5.93
N ASP C 202 -3.49 -8.96 -6.89
CA ASP C 202 -4.65 -8.98 -7.80
C ASP C 202 -4.25 -8.83 -9.29
N VAL C 203 -4.88 -9.59 -10.19
CA VAL C 203 -4.60 -9.46 -11.63
C VAL C 203 -5.89 -9.24 -12.35
N SER C 204 -6.00 -8.15 -13.09
CA SER C 204 -7.25 -7.87 -13.79
C SER C 204 -7.05 -7.62 -15.26
N ILE C 205 -7.97 -8.17 -16.09
CA ILE C 205 -8.00 -7.92 -17.54
C ILE C 205 -9.16 -6.95 -17.75
N LEU C 206 -8.85 -5.76 -18.26
CA LEU C 206 -9.79 -4.68 -18.53
C LEU C 206 -9.92 -4.50 -20.02
N VAL C 207 -11.14 -4.26 -20.51
CA VAL C 207 -11.39 -4.01 -21.94
C VAL C 207 -11.99 -2.62 -22.07
N ILE C 208 -11.43 -1.76 -22.95
CA ILE C 208 -11.98 -0.41 -23.16
C ILE C 208 -12.57 -0.31 -24.55
N ASP C 209 -13.76 0.28 -24.62
CA ASP C 209 -14.51 0.52 -25.85
C ASP C 209 -15.57 1.57 -25.60
N ASN C 210 -15.33 2.76 -26.20
CA ASN C 210 -16.17 3.96 -26.16
C ASN C 210 -16.11 4.62 -24.77
N GLY C 211 -14.87 4.74 -24.26
CA GLY C 211 -14.51 5.35 -22.98
C GLY C 211 -15.11 4.69 -21.74
N VAL C 212 -15.41 3.38 -21.83
CA VAL C 212 -16.00 2.60 -20.74
C VAL C 212 -15.17 1.34 -20.46
N PHE C 213 -14.61 1.23 -19.25
CA PHE C 213 -13.85 0.04 -18.84
C PHE C 213 -14.78 -1.06 -18.38
N GLU C 214 -14.52 -2.26 -18.88
CA GLU C 214 -15.23 -3.47 -18.51
C GLU C 214 -14.19 -4.37 -17.84
N VAL C 215 -14.52 -4.94 -16.68
CA VAL C 215 -13.63 -5.86 -15.97
C VAL C 215 -13.93 -7.25 -16.58
N TYR C 216 -13.11 -7.66 -17.53
CA TYR C 216 -13.27 -8.91 -18.26
C TYR C 216 -12.96 -10.16 -17.44
N ALA C 217 -11.81 -10.18 -16.73
CA ALA C 217 -11.39 -11.29 -15.90
C ALA C 217 -10.55 -10.83 -14.71
N THR C 218 -10.66 -11.53 -13.56
CA THR C 218 -9.90 -11.26 -12.33
C THR C 218 -9.41 -12.57 -11.69
N ALA C 219 -8.27 -12.53 -11.00
CA ALA C 219 -7.66 -13.63 -10.25
C ALA C 219 -6.68 -13.02 -9.26
N GLY C 220 -6.28 -13.78 -8.26
CA GLY C 220 -5.33 -13.28 -7.27
C GLY C 220 -5.02 -14.22 -6.12
N ASN C 221 -4.29 -13.67 -5.15
CA ASN C 221 -3.86 -14.31 -3.91
C ASN C 221 -3.99 -13.24 -2.81
N THR C 222 -4.99 -13.43 -1.94
CA THR C 222 -5.31 -12.55 -0.82
C THR C 222 -4.21 -12.55 0.27
N HIS C 223 -3.28 -13.50 0.22
CA HIS C 223 -2.20 -13.64 1.19
C HIS C 223 -0.84 -13.76 0.52
N LEU C 224 -0.56 -12.84 -0.41
CA LEU C 224 0.72 -12.72 -1.12
C LEU C 224 0.97 -11.25 -1.39
N GLY C 225 2.04 -10.72 -0.82
CA GLY C 225 2.42 -9.32 -0.92
C GLY C 225 3.73 -9.08 -0.23
N GLY C 226 4.13 -7.80 -0.16
CA GLY C 226 5.39 -7.31 0.42
C GLY C 226 5.72 -7.79 1.81
N GLU C 227 4.69 -7.97 2.66
CA GLU C 227 4.78 -8.44 4.06
C GLU C 227 5.46 -9.78 4.08
N ASP C 228 5.12 -10.64 3.11
CA ASP C 228 5.69 -11.98 2.93
C ASP C 228 7.15 -11.96 2.59
N PHE C 229 7.59 -10.98 1.76
CA PHE C 229 8.99 -10.81 1.37
C PHE C 229 9.78 -10.41 2.59
N ASP C 230 9.19 -9.51 3.42
CA ASP C 230 9.73 -9.01 4.70
C ASP C 230 9.94 -10.17 5.69
N GLN C 231 8.92 -11.05 5.87
CA GLN C 231 8.97 -12.20 6.78
C GLN C 231 10.10 -13.17 6.40
N ARG C 232 10.32 -13.38 5.09
CA ARG C 232 11.40 -14.23 4.54
C ARG C 232 12.82 -13.75 4.90
N VAL C 233 12.99 -12.42 5.06
CA VAL C 233 14.25 -11.73 5.40
C VAL C 233 14.41 -11.80 6.94
N MET C 234 13.26 -11.72 7.66
CA MET C 234 13.21 -11.84 9.12
C MET C 234 13.65 -13.25 9.51
N ASP C 235 13.02 -14.26 8.91
CA ASP C 235 13.34 -15.68 9.12
C ASP C 235 14.87 -15.94 8.94
N TYR C 236 15.43 -15.48 7.82
CA TYR C 236 16.86 -15.59 7.48
C TYR C 236 17.78 -14.99 8.55
N PHE C 237 17.49 -13.74 9.01
CA PHE C 237 18.32 -13.10 10.03
C PHE C 237 18.10 -13.66 11.44
N ILE C 238 16.90 -14.19 11.73
CA ILE C 238 16.58 -14.80 13.03
C ILE C 238 17.37 -16.10 13.16
N LYS C 239 17.40 -16.89 12.07
CA LYS C 239 18.13 -18.16 11.93
C LYS C 239 19.62 -17.89 12.09
N MET C 240 20.15 -16.87 11.38
CA MET C 240 21.55 -16.44 11.37
C MET C 240 22.03 -16.02 12.76
N PHE C 241 21.21 -15.21 13.46
CA PHE C 241 21.50 -14.72 14.81
C PHE C 241 21.52 -15.85 15.84
N LYS C 242 20.62 -16.85 15.68
CA LYS C 242 20.51 -18.03 16.55
C LYS C 242 21.71 -18.96 16.38
N LYS C 243 22.27 -19.09 15.16
CA LYS C 243 23.45 -19.92 14.89
C LYS C 243 24.78 -19.26 15.30
N LYS C 244 24.84 -17.91 15.27
CA LYS C 244 26.03 -17.15 15.64
C LYS C 244 26.15 -16.90 17.15
N ASN C 245 25.06 -16.41 17.80
CA ASN C 245 25.06 -16.01 19.20
C ASN C 245 24.27 -16.94 20.15
N ASN C 246 23.55 -17.93 19.60
CA ASN C 246 22.70 -18.89 20.35
C ASN C 246 21.54 -18.17 21.09
N ILE C 247 21.01 -17.10 20.46
CA ILE C 247 19.90 -16.31 21.01
C ILE C 247 18.75 -16.25 20.01
N ASP C 248 17.54 -16.65 20.47
CA ASP C 248 16.32 -16.57 19.67
C ASP C 248 15.76 -15.16 19.87
N LEU C 249 15.83 -14.32 18.82
CA LEU C 249 15.36 -12.94 18.85
C LEU C 249 13.84 -12.82 19.04
N ARG C 250 13.08 -13.87 18.68
CA ARG C 250 11.60 -13.93 18.76
C ARG C 250 11.08 -13.85 20.20
N THR C 251 11.94 -14.11 21.20
CA THR C 251 11.60 -14.06 22.64
C THR C 251 11.55 -12.61 23.12
N ASP C 252 12.33 -11.73 22.47
CA ASP C 252 12.46 -10.30 22.76
C ASP C 252 11.71 -9.48 21.69
N LYS C 253 10.57 -8.87 22.07
CA LYS C 253 9.74 -8.07 21.18
C LYS C 253 10.35 -6.74 20.80
N ARG C 254 11.14 -6.11 21.70
CA ARG C 254 11.82 -4.85 21.38
C ARG C 254 12.86 -5.09 20.27
N ALA C 255 13.52 -6.28 20.30
CA ALA C 255 14.49 -6.73 19.31
C ALA C 255 13.83 -6.95 17.95
N ILE C 256 12.65 -7.62 17.94
CA ILE C 256 11.87 -7.93 16.74
C ILE C 256 11.36 -6.64 16.09
N GLN C 257 10.94 -5.66 16.91
CA GLN C 257 10.47 -4.37 16.42
C GLN C 257 11.58 -3.58 15.70
N LYS C 258 12.82 -3.58 16.26
CA LYS C 258 13.99 -2.92 15.67
C LYS C 258 14.38 -3.61 14.35
N LEU C 259 14.42 -4.95 14.34
CA LEU C 259 14.79 -5.74 13.16
C LEU C 259 13.78 -5.57 12.00
N ARG C 260 12.48 -5.71 12.28
CA ARG C 260 11.39 -5.55 11.33
C ARG C 260 11.42 -4.18 10.64
N LYS C 261 11.62 -3.07 11.41
CA LYS C 261 11.68 -1.72 10.86
C LYS C 261 12.89 -1.63 9.90
N GLU C 262 14.05 -2.13 10.33
CA GLU C 262 15.28 -2.12 9.54
C GLU C 262 15.19 -3.00 8.28
N VAL C 263 14.46 -4.10 8.35
CA VAL C 263 14.23 -4.99 7.22
C VAL C 263 13.39 -4.27 6.11
N GLU C 264 12.33 -3.55 6.50
CA GLU C 264 11.45 -2.83 5.58
C GLU C 264 12.19 -1.75 4.80
N ILE C 265 13.10 -1.02 5.51
CA ILE C 265 13.97 0.01 4.96
C ILE C 265 14.96 -0.67 4.00
N ALA C 266 15.63 -1.75 4.45
CA ALA C 266 16.60 -2.50 3.65
C ALA C 266 15.98 -3.00 2.33
N LYS C 267 14.75 -3.56 2.38
CA LYS C 267 14.03 -4.05 1.19
C LYS C 267 13.79 -2.89 0.20
N ARG C 268 13.29 -1.75 0.69
CA ARG C 268 13.01 -0.60 -0.15
C ARG C 268 14.29 -0.06 -0.77
N ASN C 269 15.41 -0.05 0.00
CA ASN C 269 16.73 0.39 -0.46
C ASN C 269 17.21 -0.50 -1.63
N LEU C 270 16.87 -1.82 -1.58
CA LEU C 270 17.29 -2.80 -2.59
C LEU C 270 16.55 -2.66 -3.92
N SER C 271 15.57 -1.78 -3.98
CA SER C 271 14.82 -1.51 -5.21
C SER C 271 15.51 -0.40 -6.07
N VAL C 272 16.46 0.37 -5.46
CA VAL C 272 17.25 1.43 -6.14
C VAL C 272 18.74 1.00 -6.24
N VAL C 273 19.32 0.43 -5.15
CA VAL C 273 20.71 -0.04 -5.11
C VAL C 273 20.81 -1.59 -5.00
N HIS C 274 22.03 -2.15 -5.13
CA HIS C 274 22.26 -3.61 -5.13
C HIS C 274 22.69 -4.21 -3.79
N SER C 275 23.03 -3.36 -2.81
CA SER C 275 23.46 -3.83 -1.50
C SER C 275 23.06 -2.83 -0.45
N THR C 276 22.77 -3.31 0.77
CA THR C 276 22.40 -2.44 1.89
C THR C 276 22.96 -3.00 3.22
N GLN C 277 23.00 -2.14 4.25
CA GLN C 277 23.50 -2.47 5.57
C GLN C 277 22.40 -2.37 6.62
N ILE C 278 22.24 -3.41 7.45
CA ILE C 278 21.28 -3.42 8.55
C ILE C 278 22.12 -3.38 9.82
N GLU C 279 22.06 -2.24 10.52
CA GLU C 279 22.81 -2.00 11.74
C GLU C 279 21.88 -1.61 12.87
N ILE C 280 21.91 -2.39 13.96
CA ILE C 280 21.11 -2.18 15.17
C ILE C 280 22.04 -2.29 16.39
N GLU C 281 22.33 -1.14 17.02
CA GLU C 281 23.15 -1.07 18.23
C GLU C 281 22.31 -1.62 19.37
N ASP C 282 22.85 -2.62 20.09
CA ASP C 282 22.21 -3.32 21.21
C ASP C 282 20.80 -3.82 20.86
N ILE C 283 20.71 -4.76 19.89
CA ILE C 283 19.47 -5.43 19.49
C ILE C 283 18.93 -6.21 20.71
N VAL C 284 19.86 -6.68 21.54
CA VAL C 284 19.72 -7.37 22.83
C VAL C 284 20.92 -6.93 23.66
N GLU C 285 20.81 -7.01 25.00
CA GLU C 285 21.88 -6.60 25.92
C GLU C 285 23.25 -7.24 25.61
N GLY C 286 24.15 -6.41 25.11
CA GLY C 286 25.51 -6.80 24.77
C GLY C 286 25.76 -7.35 23.38
N HIS C 287 24.79 -7.17 22.46
CA HIS C 287 24.93 -7.66 21.09
C HIS C 287 24.50 -6.61 20.08
N ASN C 288 25.40 -6.29 19.13
CA ASN C 288 25.14 -5.33 18.06
C ASN C 288 24.86 -6.11 16.78
N PHE C 289 23.72 -5.86 16.13
CA PHE C 289 23.37 -6.53 14.88
C PHE C 289 23.96 -5.73 13.72
N SER C 290 24.78 -6.37 12.90
CA SER C 290 25.38 -5.74 11.72
C SER C 290 25.51 -6.77 10.61
N GLU C 291 24.61 -6.68 9.63
CA GLU C 291 24.59 -7.61 8.50
C GLU C 291 24.35 -6.88 7.18
N THR C 292 24.97 -7.39 6.12
CA THR C 292 24.81 -6.89 4.75
C THR C 292 23.67 -7.68 4.11
N LEU C 293 22.82 -7.02 3.30
CA LEU C 293 21.79 -7.69 2.53
C LEU C 293 21.94 -7.22 1.09
N THR C 294 22.28 -8.15 0.19
CA THR C 294 22.42 -7.83 -1.23
C THR C 294 21.07 -8.00 -1.88
N ARG C 295 20.88 -7.33 -3.03
CA ARG C 295 19.65 -7.47 -3.83
C ARG C 295 19.51 -8.96 -4.22
N ALA C 296 20.63 -9.61 -4.58
CA ALA C 296 20.71 -11.01 -4.97
C ALA C 296 20.17 -11.92 -3.88
N LYS C 297 20.60 -11.71 -2.62
CA LYS C 297 20.15 -12.47 -1.46
C LYS C 297 18.64 -12.27 -1.23
N PHE C 298 18.18 -11.00 -1.30
CA PHE C 298 16.76 -10.67 -1.15
C PHE C 298 15.91 -11.44 -2.18
N GLU C 299 16.39 -11.56 -3.43
CA GLU C 299 15.70 -12.26 -4.51
C GLU C 299 15.67 -13.77 -4.32
N GLU C 300 16.81 -14.35 -3.87
CA GLU C 300 16.97 -15.79 -3.56
C GLU C 300 16.01 -16.25 -2.49
N LEU C 301 15.80 -15.44 -1.45
CA LEU C 301 14.91 -15.77 -0.33
C LEU C 301 13.42 -15.71 -0.71
N ASN C 302 13.06 -14.98 -1.79
CA ASN C 302 11.69 -14.77 -2.19
C ASN C 302 11.29 -15.26 -3.58
N ASP C 303 12.20 -15.97 -4.28
CA ASP C 303 11.99 -16.43 -5.65
C ASP C 303 10.70 -17.19 -5.86
N ASP C 304 10.37 -18.14 -4.96
CA ASP C 304 9.15 -18.94 -5.03
C ASP C 304 7.89 -18.04 -4.94
N LEU C 305 7.91 -17.06 -4.03
CA LEU C 305 6.77 -16.14 -3.84
C LEU C 305 6.62 -15.20 -5.01
N PHE C 306 7.77 -14.78 -5.60
CA PHE C 306 7.80 -13.90 -6.78
C PHE C 306 7.14 -14.60 -7.99
N ARG C 307 7.55 -15.84 -8.29
CA ARG C 307 7.05 -16.61 -9.42
C ARG C 307 5.61 -17.09 -9.21
N GLU C 308 5.23 -17.29 -7.95
CA GLU C 308 3.88 -17.64 -7.50
C GLU C 308 2.83 -16.61 -8.02
N THR C 309 3.22 -15.31 -8.17
CA THR C 309 2.31 -14.28 -8.70
C THR C 309 1.93 -14.52 -10.16
N LEU C 310 2.71 -15.34 -10.89
CA LEU C 310 2.42 -15.64 -12.29
C LEU C 310 1.28 -16.65 -12.45
N GLU C 311 1.03 -17.47 -11.41
CA GLU C 311 -0.06 -18.46 -11.36
C GLU C 311 -1.43 -17.78 -11.60
N PRO C 312 -1.83 -16.69 -10.86
CA PRO C 312 -3.10 -16.01 -11.20
C PRO C 312 -3.09 -15.28 -12.56
N VAL C 313 -1.89 -14.91 -13.09
CA VAL C 313 -1.76 -14.27 -14.42
C VAL C 313 -2.15 -15.29 -15.50
N LYS C 314 -1.66 -16.53 -15.37
CA LYS C 314 -1.99 -17.64 -16.27
C LYS C 314 -3.50 -17.91 -16.21
N LYS C 315 -4.10 -17.87 -15.00
CA LYS C 315 -5.54 -18.06 -14.75
C LYS C 315 -6.43 -17.01 -15.44
N VAL C 316 -6.11 -15.70 -15.33
CA VAL C 316 -6.92 -14.65 -16.01
C VAL C 316 -6.91 -14.85 -17.52
N LEU C 317 -5.75 -15.19 -18.09
CA LEU C 317 -5.57 -15.41 -19.52
C LEU C 317 -6.34 -16.64 -20.00
N ASP C 318 -6.38 -17.71 -19.17
CA ASP C 318 -7.13 -18.88 -19.56
C ASP C 318 -8.65 -18.72 -19.33
N ASP C 319 -9.07 -17.97 -18.29
CA ASP C 319 -10.50 -17.66 -18.05
C ASP C 319 -11.06 -16.76 -19.18
N ALA C 320 -10.22 -15.82 -19.68
CA ALA C 320 -10.55 -14.89 -20.76
C ALA C 320 -10.39 -15.53 -22.14
N LYS C 321 -9.75 -16.72 -22.20
CA LYS C 321 -9.45 -17.48 -23.42
C LYS C 321 -8.54 -16.66 -24.34
N TYR C 322 -7.59 -15.95 -23.71
CA TYR C 322 -6.62 -15.04 -24.32
C TYR C 322 -5.26 -15.65 -24.51
N GLU C 323 -4.61 -15.31 -25.63
CA GLU C 323 -3.21 -15.61 -25.86
C GLU C 323 -2.47 -14.43 -25.19
N LYS C 324 -1.16 -14.56 -24.95
CA LYS C 324 -0.38 -13.49 -24.32
C LYS C 324 -0.38 -12.23 -25.20
N SER C 325 -0.36 -12.40 -26.54
CA SER C 325 -0.35 -11.35 -27.55
C SER C 325 -1.56 -10.42 -27.52
N LYS C 326 -2.73 -10.93 -27.05
CA LYS C 326 -3.98 -10.17 -26.93
C LYS C 326 -3.86 -9.00 -25.93
N ILE C 327 -2.90 -9.07 -24.99
CA ILE C 327 -2.65 -8.00 -24.02
C ILE C 327 -1.94 -6.84 -24.72
N ASP C 328 -2.64 -5.72 -24.87
CA ASP C 328 -2.15 -4.50 -25.54
C ASP C 328 -1.39 -3.58 -24.60
N GLU C 329 -1.79 -3.58 -23.31
CA GLU C 329 -1.19 -2.71 -22.30
C GLU C 329 -0.97 -3.43 -20.98
N ILE C 330 0.16 -3.15 -20.29
CA ILE C 330 0.47 -3.71 -18.97
C ILE C 330 0.62 -2.58 -17.96
N VAL C 331 -0.17 -2.65 -16.89
CA VAL C 331 -0.13 -1.66 -15.81
C VAL C 331 0.36 -2.36 -14.55
N LEU C 332 1.43 -1.82 -13.94
CA LEU C 332 1.98 -2.35 -12.70
C LEU C 332 1.56 -1.45 -11.54
N VAL C 333 0.91 -2.04 -10.52
CA VAL C 333 0.37 -1.35 -9.35
C VAL C 333 0.92 -2.02 -8.08
N GLY C 334 1.03 -1.24 -7.03
CA GLY C 334 1.49 -1.75 -5.74
C GLY C 334 2.93 -1.43 -5.42
N GLY C 335 3.18 -1.19 -4.13
CA GLY C 335 4.50 -0.85 -3.61
C GLY C 335 5.51 -1.93 -3.87
N SER C 336 5.05 -3.18 -4.03
CA SER C 336 5.94 -4.30 -4.30
C SER C 336 6.39 -4.39 -5.78
N THR C 337 5.74 -3.67 -6.72
CA THR C 337 6.17 -3.66 -8.12
C THR C 337 7.36 -2.73 -8.35
N ARG C 338 7.91 -2.16 -7.25
CA ARG C 338 9.12 -1.32 -7.30
C ARG C 338 10.39 -2.19 -7.28
N ILE C 339 10.23 -3.53 -7.07
CA ILE C 339 11.32 -4.51 -7.01
C ILE C 339 11.77 -4.91 -8.43
N PRO C 340 13.02 -4.54 -8.87
CA PRO C 340 13.44 -4.89 -10.24
C PRO C 340 13.14 -6.33 -10.67
N LYS C 341 13.29 -7.32 -9.75
CA LYS C 341 13.02 -8.73 -10.06
C LYS C 341 11.57 -8.99 -10.45
N ILE C 342 10.61 -8.37 -9.73
CA ILE C 342 9.19 -8.53 -10.03
C ILE C 342 8.89 -8.00 -11.45
N GLN C 343 9.48 -6.85 -11.83
CA GLN C 343 9.35 -6.19 -13.14
C GLN C 343 9.92 -7.09 -14.22
N GLN C 344 11.08 -7.69 -13.95
CA GLN C 344 11.77 -8.58 -14.88
C GLN C 344 10.94 -9.85 -15.13
N ILE C 345 10.35 -10.45 -14.07
CA ILE C 345 9.53 -11.65 -14.18
C ILE C 345 8.26 -11.40 -15.03
N ILE C 346 7.63 -10.22 -14.93
CA ILE C 346 6.42 -9.88 -15.72
C ILE C 346 6.80 -9.63 -17.18
N LYS C 347 7.89 -8.88 -17.40
CA LYS C 347 8.43 -8.57 -18.74
C LYS C 347 8.78 -9.89 -19.46
N GLU C 348 9.55 -10.78 -18.80
CA GLU C 348 9.92 -12.10 -19.32
C GLU C 348 8.68 -12.97 -19.62
N PHE C 349 7.65 -12.94 -18.75
CA PHE C 349 6.40 -13.70 -18.97
C PHE C 349 5.69 -13.15 -20.22
N PHE C 350 5.70 -11.80 -20.40
CA PHE C 350 5.06 -11.18 -21.55
C PHE C 350 6.04 -10.95 -22.72
N ASN C 351 7.08 -11.80 -22.79
CA ASN C 351 8.08 -11.91 -23.86
C ASN C 351 8.78 -10.60 -24.25
N GLY C 352 9.18 -9.83 -23.24
CA GLY C 352 9.90 -8.57 -23.44
C GLY C 352 9.04 -7.33 -23.50
N LYS C 353 7.69 -7.49 -23.38
CA LYS C 353 6.77 -6.35 -23.40
C LYS C 353 6.96 -5.47 -22.18
N GLU C 354 7.30 -4.22 -22.42
CA GLU C 354 7.53 -3.19 -21.42
C GLU C 354 6.18 -2.71 -20.86
N PRO C 355 6.05 -2.54 -19.52
CA PRO C 355 4.80 -2.00 -18.97
C PRO C 355 4.76 -0.49 -19.24
N ASN C 356 3.57 0.06 -19.48
CA ASN C 356 3.50 1.49 -19.78
C ASN C 356 3.50 2.22 -18.44
N ARG C 357 4.54 3.06 -18.19
CA ARG C 357 4.66 3.71 -16.88
C ARG C 357 5.57 4.91 -16.75
N GLY C 358 5.10 5.86 -15.95
CA GLY C 358 5.69 7.14 -15.56
C GLY C 358 5.15 7.69 -14.24
N ILE C 359 4.35 6.91 -13.50
CA ILE C 359 3.83 7.32 -12.18
C ILE C 359 4.22 6.22 -11.12
N ASN C 360 4.46 6.62 -9.84
CA ASN C 360 4.81 5.67 -8.77
C ASN C 360 3.68 4.63 -8.63
N PRO C 361 3.98 3.31 -8.74
CA PRO C 361 2.92 2.28 -8.78
C PRO C 361 2.04 2.17 -7.53
N ASP C 362 2.56 2.63 -6.38
CA ASP C 362 1.86 2.67 -5.10
C ASP C 362 0.96 3.92 -5.00
N GLU C 363 1.04 4.83 -5.99
CA GLU C 363 0.25 6.08 -6.06
C GLU C 363 -0.75 6.12 -7.24
N ALA C 364 -0.61 5.20 -8.22
CA ALA C 364 -1.41 5.07 -9.44
C ALA C 364 -2.91 4.96 -9.20
N VAL C 365 -3.32 4.15 -8.20
CA VAL C 365 -4.74 3.96 -7.83
C VAL C 365 -5.33 5.28 -7.30
N ALA C 366 -4.64 5.98 -6.37
CA ALA C 366 -5.13 7.27 -5.84
C ALA C 366 -5.13 8.34 -6.93
N TYR C 367 -4.17 8.25 -7.87
CA TYR C 367 -4.03 9.14 -9.03
C TYR C 367 -5.27 9.04 -9.94
N GLY C 368 -5.73 7.82 -10.21
CA GLY C 368 -6.94 7.59 -11.01
C GLY C 368 -8.22 8.01 -10.30
N ALA C 369 -8.27 7.84 -8.97
CA ALA C 369 -9.41 8.20 -8.14
C ALA C 369 -9.57 9.73 -8.15
N ALA C 370 -8.44 10.45 -8.35
CA ALA C 370 -8.37 11.91 -8.44
C ALA C 370 -8.78 12.40 -9.84
N ILE C 371 -8.47 11.62 -10.89
CA ILE C 371 -8.85 11.90 -12.28
C ILE C 371 -10.38 11.73 -12.38
N GLN C 372 -10.91 10.62 -11.82
CA GLN C 372 -12.34 10.31 -11.77
C GLN C 372 -13.09 11.43 -11.02
N ALA C 373 -12.52 11.90 -9.89
CA ALA C 373 -13.05 12.99 -9.08
C ALA C 373 -13.22 14.29 -9.90
N GLY C 374 -12.24 14.59 -10.74
CA GLY C 374 -12.24 15.76 -11.62
C GLY C 374 -13.25 15.67 -12.77
N ILE C 375 -13.60 14.43 -13.19
CA ILE C 375 -14.59 14.17 -14.25
C ILE C 375 -15.99 14.45 -13.69
N ILE C 376 -16.23 13.97 -12.45
CA ILE C 376 -17.49 14.13 -11.70
C ILE C 376 -17.77 15.61 -11.42
N LEU C 377 -16.73 16.38 -11.08
CA LEU C 377 -16.82 17.83 -10.82
C LEU C 377 -17.27 18.58 -12.08
N GLY C 378 -16.58 18.36 -13.19
CA GLY C 378 -16.89 18.97 -14.48
C GLY C 378 -16.37 20.42 -14.59
N GLY D 2 -22.73 -67.06 -35.33
CA GLY D 2 -23.50 -68.16 -34.76
C GLY D 2 -24.19 -67.76 -33.47
N PRO D 3 -24.03 -68.52 -32.35
CA PRO D 3 -24.67 -68.10 -31.08
C PRO D 3 -23.98 -66.89 -30.45
N VAL D 4 -24.78 -65.89 -30.03
CA VAL D 4 -24.27 -64.66 -29.39
C VAL D 4 -24.90 -64.55 -28.01
N ILE D 5 -24.05 -64.49 -26.96
CA ILE D 5 -24.48 -64.44 -25.55
C ILE D 5 -24.23 -63.05 -24.94
N GLY D 6 -24.96 -62.72 -23.89
CA GLY D 6 -24.78 -61.47 -23.18
C GLY D 6 -24.14 -61.75 -21.84
N ILE D 7 -23.07 -60.99 -21.47
CA ILE D 7 -22.41 -61.17 -20.17
C ILE D 7 -22.28 -59.84 -19.42
N ASP D 8 -22.73 -59.85 -18.15
CA ASP D 8 -22.56 -58.75 -17.23
C ASP D 8 -21.30 -59.13 -16.44
N LEU D 9 -20.17 -58.51 -16.78
CA LEU D 9 -18.89 -58.70 -16.09
C LEU D 9 -18.81 -57.55 -15.06
N GLY D 10 -19.32 -57.83 -13.87
CA GLY D 10 -19.39 -56.86 -12.78
C GLY D 10 -18.19 -56.88 -11.85
N THR D 11 -18.02 -55.80 -11.05
CA THR D 11 -16.93 -55.62 -10.10
C THR D 11 -16.87 -56.75 -9.07
N THR D 12 -18.02 -57.10 -8.50
CA THR D 12 -18.15 -58.13 -7.45
C THR D 12 -18.80 -59.41 -7.96
N TYR D 13 -19.81 -59.31 -8.85
CA TYR D 13 -20.52 -60.48 -9.39
C TYR D 13 -20.66 -60.37 -10.90
N SER D 14 -20.70 -61.53 -11.58
CA SER D 14 -20.90 -61.60 -13.01
C SER D 14 -22.16 -62.44 -13.28
N CYS D 15 -22.81 -62.23 -14.43
CA CYS D 15 -24.07 -62.85 -14.81
C CYS D 15 -24.11 -63.05 -16.34
N VAL D 16 -24.59 -64.22 -16.79
CA VAL D 16 -24.68 -64.59 -18.22
C VAL D 16 -26.14 -64.92 -18.64
N GLY D 17 -26.53 -64.41 -19.81
CA GLY D 17 -27.84 -64.64 -20.40
C GLY D 17 -27.75 -65.06 -21.86
N VAL D 18 -28.76 -65.77 -22.30
CA VAL D 18 -28.83 -66.26 -23.66
C VAL D 18 -30.17 -65.91 -24.24
N PHE D 19 -30.18 -65.62 -25.53
CA PHE D 19 -31.37 -65.26 -26.26
C PHE D 19 -31.77 -66.48 -27.04
N LYS D 20 -32.56 -67.32 -26.42
CA LYS D 20 -33.04 -68.53 -27.03
C LYS D 20 -34.44 -68.30 -27.64
N ASN D 21 -34.58 -68.74 -28.88
CA ASN D 21 -35.80 -68.60 -29.69
C ASN D 21 -36.17 -67.12 -29.80
N GLY D 22 -36.99 -66.67 -28.89
CA GLY D 22 -37.37 -65.29 -28.87
C GLY D 22 -37.37 -64.72 -27.48
N ARG D 23 -36.69 -65.36 -26.53
CA ARG D 23 -36.61 -64.90 -25.13
C ARG D 23 -35.24 -64.94 -24.53
N VAL D 24 -35.08 -64.35 -23.36
CA VAL D 24 -33.79 -64.31 -22.68
C VAL D 24 -33.80 -65.31 -21.55
N GLU D 25 -32.79 -66.15 -21.46
CA GLU D 25 -32.67 -67.04 -20.33
C GLU D 25 -31.38 -66.73 -19.59
N ILE D 26 -31.54 -66.32 -18.35
CA ILE D 26 -30.45 -66.06 -17.44
C ILE D 26 -30.03 -67.39 -16.87
N LEU D 27 -28.77 -67.72 -17.06
CA LEU D 27 -28.28 -69.05 -16.73
C LEU D 27 -27.73 -69.25 -15.31
N ASN D 28 -27.91 -70.47 -14.81
CA ASN D 28 -27.43 -70.91 -13.49
C ASN D 28 -26.03 -71.47 -13.61
N ASN D 29 -25.21 -71.27 -12.57
CA ASN D 29 -23.85 -71.83 -12.52
C ASN D 29 -23.91 -73.23 -11.88
N GLU D 30 -22.75 -73.84 -11.62
CA GLU D 30 -22.57 -75.15 -10.98
C GLU D 30 -23.30 -75.28 -9.64
N LEU D 31 -23.45 -74.16 -8.89
CA LEU D 31 -24.12 -74.14 -7.58
C LEU D 31 -25.59 -73.71 -7.63
N GLY D 32 -26.12 -73.56 -8.84
CA GLY D 32 -27.50 -73.17 -9.08
C GLY D 32 -27.80 -71.72 -8.77
N ASN D 33 -26.83 -70.84 -9.04
CA ASN D 33 -26.98 -69.39 -8.81
C ASN D 33 -26.95 -68.68 -10.14
N ARG D 34 -27.82 -67.68 -10.34
CA ARG D 34 -27.85 -66.94 -11.61
C ARG D 34 -26.80 -65.82 -11.62
N ILE D 35 -26.06 -65.67 -10.51
CA ILE D 35 -24.96 -64.74 -10.38
C ILE D 35 -23.76 -65.47 -9.82
N THR D 36 -22.55 -65.10 -10.29
CA THR D 36 -21.30 -65.70 -9.85
C THR D 36 -20.30 -64.65 -9.38
N PRO D 37 -19.63 -64.83 -8.21
CA PRO D 37 -18.66 -63.82 -7.77
C PRO D 37 -17.47 -63.69 -8.73
N SER D 38 -17.05 -62.44 -9.01
CA SER D 38 -15.91 -62.13 -9.86
C SER D 38 -14.61 -62.25 -9.04
N TYR D 39 -14.37 -63.46 -8.52
CA TYR D 39 -13.24 -63.83 -7.66
C TYR D 39 -12.51 -64.99 -8.27
N VAL D 40 -11.18 -64.99 -8.14
CA VAL D 40 -10.28 -66.05 -8.58
C VAL D 40 -9.26 -66.28 -7.43
N SER D 41 -9.08 -67.52 -6.99
CA SER D 41 -8.08 -67.82 -5.96
C SER D 41 -7.04 -68.84 -6.49
N PHE D 42 -5.82 -68.84 -5.92
CA PHE D 42 -4.71 -69.71 -6.34
C PHE D 42 -4.08 -70.37 -5.08
N VAL D 43 -4.94 -70.81 -4.15
CA VAL D 43 -4.54 -71.43 -2.89
C VAL D 43 -4.07 -72.86 -3.17
N ASP D 44 -2.87 -73.21 -2.67
CA ASP D 44 -2.21 -74.52 -2.82
C ASP D 44 -2.14 -74.98 -4.30
N GLY D 45 -1.83 -74.05 -5.20
CA GLY D 45 -1.76 -74.30 -6.63
C GLY D 45 -3.07 -74.71 -7.29
N GLU D 46 -4.22 -74.49 -6.61
CA GLU D 46 -5.51 -74.85 -7.18
C GLU D 46 -6.25 -73.60 -7.57
N ARG D 47 -6.45 -73.38 -8.88
CA ARG D 47 -7.19 -72.25 -9.42
C ARG D 47 -8.69 -72.51 -9.28
N LYS D 48 -9.38 -71.60 -8.59
CA LYS D 48 -10.81 -71.64 -8.30
C LYS D 48 -11.39 -70.31 -8.73
N VAL D 49 -12.54 -70.34 -9.44
CA VAL D 49 -13.24 -69.15 -9.96
C VAL D 49 -14.68 -69.14 -9.40
N GLY D 50 -15.08 -68.00 -8.79
CA GLY D 50 -16.44 -67.81 -8.26
C GLY D 50 -16.61 -67.87 -6.76
N GLU D 51 -17.57 -68.68 -6.28
CA GLU D 51 -17.86 -68.82 -4.84
C GLU D 51 -16.75 -69.53 -4.09
N ALA D 52 -16.20 -70.62 -4.69
CA ALA D 52 -15.12 -71.43 -4.13
C ALA D 52 -13.88 -70.57 -3.89
N ALA D 53 -13.67 -69.56 -4.76
CA ALA D 53 -12.62 -68.56 -4.68
C ALA D 53 -12.99 -67.46 -3.63
N LYS D 54 -14.27 -67.00 -3.61
CA LYS D 54 -14.76 -66.01 -2.65
C LYS D 54 -14.65 -66.48 -1.17
N LEU D 55 -14.76 -67.80 -0.92
CA LEU D 55 -14.66 -68.38 0.42
C LEU D 55 -13.24 -68.34 1.00
N GLU D 56 -12.21 -68.38 0.13
CA GLU D 56 -10.79 -68.33 0.48
C GLU D 56 -10.31 -66.92 0.84
N ALA D 57 -11.09 -65.87 0.46
CA ALA D 57 -10.77 -64.45 0.62
C ALA D 57 -10.25 -64.04 2.01
N THR D 58 -10.87 -64.55 3.08
CA THR D 58 -10.48 -64.21 4.44
C THR D 58 -9.27 -65.03 4.90
N LEU D 59 -9.29 -66.35 4.66
CA LEU D 59 -8.21 -67.23 5.09
C LEU D 59 -6.91 -67.03 4.31
N HIS D 60 -7.01 -66.65 3.03
CA HIS D 60 -5.87 -66.46 2.13
C HIS D 60 -5.97 -65.13 1.34
N PRO D 61 -5.76 -63.97 2.01
CA PRO D 61 -5.87 -62.67 1.33
C PRO D 61 -4.83 -62.36 0.24
N THR D 62 -3.65 -63.02 0.26
CA THR D 62 -2.63 -62.79 -0.77
C THR D 62 -2.85 -63.67 -2.01
N GLN D 63 -3.59 -64.78 -1.86
CA GLN D 63 -3.88 -65.74 -2.92
C GLN D 63 -5.26 -65.55 -3.58
N THR D 64 -6.08 -64.61 -3.07
CA THR D 64 -7.45 -64.32 -3.57
C THR D 64 -7.51 -62.99 -4.26
N VAL D 65 -7.90 -63.05 -5.53
CA VAL D 65 -8.00 -61.85 -6.38
C VAL D 65 -9.46 -61.56 -6.68
N PHE D 66 -9.83 -60.28 -6.61
CA PHE D 66 -11.18 -59.77 -6.83
C PHE D 66 -11.04 -58.27 -7.13
N ASP D 67 -12.16 -57.58 -7.50
CA ASP D 67 -12.25 -56.14 -7.81
C ASP D 67 -11.24 -55.67 -8.90
N VAL D 68 -10.85 -56.60 -9.77
CA VAL D 68 -9.90 -56.42 -10.86
C VAL D 68 -10.45 -55.45 -11.93
N LYS D 69 -11.78 -55.26 -11.96
CA LYS D 69 -12.50 -54.31 -12.83
C LYS D 69 -12.08 -52.85 -12.49
N ARG D 70 -11.58 -52.61 -11.25
CA ARG D 70 -11.12 -51.30 -10.79
C ARG D 70 -9.71 -50.95 -11.33
N LEU D 71 -9.02 -51.95 -11.90
CA LEU D 71 -7.64 -51.83 -12.39
C LEU D 71 -7.55 -51.87 -13.90
N ILE D 72 -8.50 -52.58 -14.55
CA ILE D 72 -8.56 -52.85 -15.99
C ILE D 72 -8.52 -51.56 -16.84
N GLY D 73 -7.62 -51.55 -17.82
CA GLY D 73 -7.41 -50.43 -18.73
C GLY D 73 -6.75 -49.20 -18.13
N ARG D 74 -6.25 -49.31 -16.89
CA ARG D 74 -5.62 -48.21 -16.16
C ARG D 74 -4.10 -48.35 -15.96
N LYS D 75 -3.46 -47.23 -15.58
CA LYS D 75 -2.03 -47.16 -15.31
C LYS D 75 -1.84 -47.19 -13.81
N PHE D 76 -0.68 -47.66 -13.32
CA PHE D 76 -0.34 -47.73 -11.90
C PHE D 76 -0.35 -46.31 -11.26
N ASP D 77 -0.05 -45.27 -12.06
CA ASP D 77 0.01 -43.86 -11.70
C ASP D 77 -1.36 -43.25 -11.37
N ASP D 78 -2.41 -43.66 -12.12
CA ASP D 78 -3.78 -43.15 -12.02
C ASP D 78 -4.26 -43.00 -10.60
N GLN D 79 -4.70 -41.78 -10.24
CA GLN D 79 -5.17 -41.33 -8.92
C GLN D 79 -6.06 -42.38 -8.22
N GLU D 80 -7.08 -42.88 -8.94
CA GLU D 80 -8.00 -43.93 -8.48
C GLU D 80 -7.28 -45.23 -8.20
N VAL D 81 -6.24 -45.56 -9.00
CA VAL D 81 -5.44 -46.78 -8.80
C VAL D 81 -4.58 -46.64 -7.54
N VAL D 82 -4.15 -45.44 -7.17
CA VAL D 82 -3.43 -45.24 -5.90
C VAL D 82 -4.38 -45.62 -4.75
N LYS D 83 -5.61 -45.05 -4.77
CA LYS D 83 -6.71 -45.30 -3.82
C LYS D 83 -7.04 -46.80 -3.78
N ASP D 84 -7.28 -47.42 -4.96
CA ASP D 84 -7.60 -48.85 -5.08
C ASP D 84 -6.55 -49.76 -4.42
N ARG D 85 -5.24 -49.51 -4.65
CA ARG D 85 -4.14 -50.30 -4.07
C ARG D 85 -4.12 -50.34 -2.55
N SER D 86 -4.42 -49.22 -1.88
CA SER D 86 -4.43 -49.15 -0.42
C SER D 86 -5.56 -49.98 0.19
N LEU D 87 -6.71 -50.02 -0.48
CA LEU D 87 -7.89 -50.75 0.00
C LEU D 87 -7.84 -52.25 -0.28
N LEU D 88 -7.08 -52.69 -1.31
CA LEU D 88 -7.03 -54.09 -1.71
C LEU D 88 -6.03 -54.93 -0.90
N PRO D 89 -6.47 -56.14 -0.42
CA PRO D 89 -5.58 -56.94 0.45
C PRO D 89 -4.49 -57.74 -0.24
N TYR D 90 -4.65 -57.98 -1.56
CA TYR D 90 -3.67 -58.73 -2.36
C TYR D 90 -2.59 -57.77 -2.93
N GLU D 91 -1.46 -58.32 -3.36
CA GLU D 91 -0.36 -57.50 -3.89
C GLU D 91 -0.55 -57.05 -5.32
N ILE D 92 -0.44 -55.73 -5.52
CA ILE D 92 -0.51 -55.08 -6.82
C ILE D 92 0.86 -54.44 -7.06
N VAL D 93 1.57 -54.91 -8.08
CA VAL D 93 2.89 -54.39 -8.43
C VAL D 93 2.78 -53.46 -9.65
N ASN D 94 3.84 -52.61 -9.83
CA ASN D 94 3.97 -51.71 -10.95
C ASN D 94 4.85 -52.39 -11.99
N ASN D 95 4.22 -52.96 -13.01
CA ASN D 95 4.97 -53.61 -14.08
C ASN D 95 5.18 -52.60 -15.22
N GLN D 96 6.21 -51.78 -15.08
CA GLN D 96 6.62 -50.75 -16.06
C GLN D 96 5.46 -49.82 -16.45
N GLY D 97 4.74 -49.32 -15.44
CA GLY D 97 3.62 -48.40 -15.63
C GLY D 97 2.22 -49.02 -15.53
N LYS D 98 2.13 -50.32 -15.75
CA LYS D 98 0.87 -51.05 -15.75
C LYS D 98 0.72 -51.88 -14.46
N PRO D 99 -0.45 -51.81 -13.76
CA PRO D 99 -0.62 -52.66 -12.56
C PRO D 99 -0.69 -54.15 -12.90
N ASN D 100 -0.08 -54.96 -12.05
CA ASN D 100 -0.08 -56.41 -12.16
C ASN D 100 -0.40 -57.00 -10.80
N ILE D 101 -1.10 -58.12 -10.77
CA ILE D 101 -1.45 -58.82 -9.53
C ILE D 101 -0.35 -59.86 -9.28
N LYS D 102 0.32 -59.80 -8.13
CA LYS D 102 1.40 -60.73 -7.81
C LYS D 102 0.93 -61.81 -6.84
N VAL D 103 0.94 -63.08 -7.29
CA VAL D 103 0.54 -64.25 -6.48
C VAL D 103 1.61 -65.34 -6.53
N GLN D 104 1.68 -66.20 -5.51
CA GLN D 104 2.61 -67.32 -5.47
C GLN D 104 1.94 -68.56 -6.10
N ILE D 105 2.60 -69.18 -7.10
CA ILE D 105 2.07 -70.38 -7.79
C ILE D 105 3.22 -71.38 -7.92
N LYS D 106 3.05 -72.61 -7.37
CA LYS D 106 4.06 -73.68 -7.39
C LYS D 106 5.38 -73.21 -6.72
N ASP D 107 5.25 -72.35 -5.69
CA ASP D 107 6.34 -71.71 -4.94
C ASP D 107 7.13 -70.74 -5.84
N LYS D 108 6.42 -69.99 -6.73
CA LYS D 108 7.01 -69.01 -7.67
C LYS D 108 6.15 -67.74 -7.81
N ASP D 109 6.81 -66.54 -7.84
CA ASP D 109 6.13 -65.25 -8.06
C ASP D 109 5.49 -65.27 -9.45
N THR D 110 4.18 -65.06 -9.50
CA THR D 110 3.42 -65.05 -10.74
C THR D 110 2.65 -63.75 -10.86
N THR D 111 2.82 -63.07 -11.99
CA THR D 111 2.15 -61.81 -12.21
C THR D 111 1.08 -61.93 -13.28
N PHE D 112 -0.07 -61.31 -13.02
CA PHE D 112 -1.21 -61.29 -13.91
C PHE D 112 -1.61 -59.86 -14.23
N ALA D 113 -1.90 -59.61 -15.52
CA ALA D 113 -2.47 -58.34 -15.95
C ALA D 113 -3.96 -58.40 -15.51
N PRO D 114 -4.62 -57.26 -15.21
CA PRO D 114 -6.03 -57.32 -14.82
C PRO D 114 -6.94 -58.04 -15.83
N GLU D 115 -6.62 -57.95 -17.15
CA GLU D 115 -7.43 -58.63 -18.18
C GLU D 115 -7.28 -60.16 -18.15
N GLN D 116 -6.20 -60.69 -17.52
CA GLN D 116 -5.95 -62.13 -17.37
C GLN D 116 -6.87 -62.74 -16.29
N ILE D 117 -7.18 -61.97 -15.23
CA ILE D 117 -8.09 -62.39 -14.15
C ILE D 117 -9.56 -62.29 -14.65
N SER D 118 -9.90 -61.17 -15.32
CA SER D 118 -11.23 -60.93 -15.88
C SER D 118 -11.61 -62.02 -16.89
N ALA D 119 -10.63 -62.51 -17.66
CA ALA D 119 -10.73 -63.57 -18.66
C ALA D 119 -11.09 -64.88 -18.02
N MET D 120 -10.59 -65.15 -16.81
CA MET D 120 -10.90 -66.37 -16.05
C MET D 120 -12.39 -66.39 -15.65
N VAL D 121 -12.92 -65.22 -15.29
CA VAL D 121 -14.34 -65.02 -14.94
C VAL D 121 -15.19 -65.19 -16.24
N LEU D 122 -14.72 -64.60 -17.37
CA LEU D 122 -15.39 -64.76 -18.67
C LEU D 122 -15.34 -66.21 -19.18
N GLU D 123 -14.26 -66.97 -18.85
CA GLU D 123 -14.13 -68.37 -19.23
C GLU D 123 -15.23 -69.19 -18.52
N LYS D 124 -15.51 -68.87 -17.25
CA LYS D 124 -16.57 -69.52 -16.49
C LYS D 124 -17.96 -69.18 -17.08
N MET D 125 -18.20 -67.91 -17.45
CA MET D 125 -19.48 -67.47 -18.04
C MET D 125 -19.71 -68.11 -19.39
N LYS D 126 -18.63 -68.22 -20.22
CA LYS D 126 -18.65 -68.85 -21.54
C LYS D 126 -18.99 -70.33 -21.42
N GLU D 127 -18.43 -70.99 -20.40
CA GLU D 127 -18.64 -72.42 -20.11
C GLU D 127 -20.08 -72.73 -19.81
N ILE D 128 -20.68 -71.93 -18.93
CA ILE D 128 -22.07 -72.04 -18.50
C ILE D 128 -22.97 -72.01 -19.76
N ALA D 129 -22.77 -70.98 -20.64
CA ALA D 129 -23.57 -70.86 -21.86
C ALA D 129 -23.32 -71.97 -22.86
N GLN D 130 -22.10 -72.53 -22.90
CA GLN D 130 -21.79 -73.62 -23.83
C GLN D 130 -22.51 -74.91 -23.47
N SER D 131 -22.40 -75.36 -22.19
CA SER D 131 -23.12 -76.56 -21.76
C SER D 131 -24.65 -76.39 -21.79
N PHE D 132 -25.17 -75.15 -21.61
CA PHE D 132 -26.62 -74.94 -21.67
C PHE D 132 -27.12 -75.03 -23.10
N LEU D 133 -26.43 -74.34 -24.04
CA LEU D 133 -26.85 -74.29 -25.45
C LEU D 133 -26.53 -75.55 -26.25
N GLY D 134 -25.54 -76.32 -25.78
CA GLY D 134 -25.06 -77.53 -26.44
C GLY D 134 -24.38 -77.25 -27.77
N LYS D 135 -23.85 -76.03 -27.92
CA LYS D 135 -23.17 -75.52 -29.12
C LYS D 135 -21.94 -74.70 -28.70
N PRO D 136 -20.90 -74.59 -29.56
CA PRO D 136 -19.75 -73.73 -29.21
C PRO D 136 -20.11 -72.24 -29.24
N VAL D 137 -19.63 -71.51 -28.24
CA VAL D 137 -19.87 -70.07 -28.12
C VAL D 137 -18.57 -69.29 -28.35
N LYS D 138 -18.57 -68.38 -29.33
CA LYS D 138 -17.45 -67.51 -29.62
C LYS D 138 -17.88 -66.07 -29.39
N ASN D 139 -18.97 -65.64 -30.01
CA ASN D 139 -19.47 -64.27 -29.93
C ASN D 139 -20.25 -63.92 -28.66
N ALA D 140 -19.92 -62.75 -28.10
CA ALA D 140 -20.55 -62.22 -26.89
C ALA D 140 -20.71 -60.71 -26.92
N VAL D 141 -21.73 -60.21 -26.21
CA VAL D 141 -22.02 -58.81 -25.94
C VAL D 141 -21.63 -58.66 -24.46
N VAL D 142 -20.71 -57.73 -24.16
CA VAL D 142 -20.26 -57.57 -22.78
C VAL D 142 -20.54 -56.12 -22.37
N THR D 143 -20.98 -55.94 -21.13
CA THR D 143 -21.33 -54.62 -20.60
C THR D 143 -20.18 -54.00 -19.81
N VAL D 144 -20.18 -52.68 -19.76
CA VAL D 144 -19.16 -51.87 -19.05
C VAL D 144 -19.88 -50.65 -18.44
N PRO D 145 -19.33 -50.03 -17.36
CA PRO D 145 -19.95 -48.79 -16.84
C PRO D 145 -19.91 -47.70 -17.90
N ALA D 146 -20.92 -46.82 -17.91
CA ALA D 146 -21.02 -45.73 -18.90
C ALA D 146 -19.85 -44.75 -18.84
N TYR D 147 -19.15 -44.68 -17.70
CA TYR D 147 -17.99 -43.78 -17.53
C TYR D 147 -16.69 -44.37 -18.11
N PHE D 148 -16.67 -45.66 -18.42
CA PHE D 148 -15.51 -46.37 -18.97
C PHE D 148 -14.97 -45.69 -20.23
N ASN D 149 -13.66 -45.40 -20.26
CA ASN D 149 -13.02 -44.76 -21.41
C ASN D 149 -12.65 -45.80 -22.48
N ASP D 150 -11.96 -45.37 -23.56
CA ASP D 150 -11.55 -46.28 -24.64
C ASP D 150 -10.56 -47.38 -24.22
N ALA D 151 -9.65 -47.06 -23.30
CA ALA D 151 -8.65 -48.01 -22.76
C ALA D 151 -9.34 -49.11 -21.96
N GLN D 152 -10.29 -48.73 -21.10
CA GLN D 152 -11.07 -49.66 -20.27
C GLN D 152 -11.99 -50.57 -21.12
N ARG D 153 -12.56 -50.04 -22.21
CA ARG D 153 -13.42 -50.77 -23.14
C ARG D 153 -12.59 -51.79 -23.93
N GLN D 154 -11.41 -51.38 -24.40
CA GLN D 154 -10.52 -52.26 -25.15
C GLN D 154 -9.90 -53.31 -24.24
N ALA D 155 -9.52 -52.95 -23.00
CA ALA D 155 -8.97 -53.92 -22.03
C ALA D 155 -10.00 -55.01 -21.72
N THR D 156 -11.31 -54.67 -21.73
CA THR D 156 -12.40 -55.64 -21.53
C THR D 156 -12.47 -56.56 -22.74
N LYS D 157 -12.35 -56.00 -23.98
CA LYS D 157 -12.37 -56.80 -25.21
C LYS D 157 -11.16 -57.76 -25.23
N ASP D 158 -10.01 -57.31 -24.70
CA ASP D 158 -8.77 -58.10 -24.61
C ASP D 158 -8.92 -59.25 -23.62
N ALA D 159 -9.64 -59.03 -22.50
CA ALA D 159 -10.00 -60.07 -21.52
C ALA D 159 -10.85 -61.15 -22.22
N GLY D 160 -11.74 -60.70 -23.12
CA GLY D 160 -12.58 -61.57 -23.92
C GLY D 160 -11.78 -62.43 -24.86
N THR D 161 -10.77 -61.84 -25.53
CA THR D 161 -9.86 -62.54 -26.45
C THR D 161 -9.11 -63.66 -25.73
N ILE D 162 -8.52 -63.38 -24.54
CA ILE D 162 -7.81 -64.36 -23.70
C ILE D 162 -8.76 -65.54 -23.37
N ALA D 163 -10.03 -65.24 -23.06
CA ALA D 163 -11.11 -66.18 -22.72
C ALA D 163 -11.63 -66.99 -23.93
N GLY D 164 -11.27 -66.58 -25.15
CA GLY D 164 -11.70 -67.25 -26.37
C GLY D 164 -13.03 -66.73 -26.88
N LEU D 165 -13.38 -65.51 -26.50
CA LEU D 165 -14.61 -64.84 -26.88
C LEU D 165 -14.36 -63.67 -27.79
N ASN D 166 -15.19 -63.55 -28.82
CA ASN D 166 -15.15 -62.40 -29.70
C ASN D 166 -16.21 -61.46 -29.18
N ILE D 167 -15.80 -60.41 -28.44
CA ILE D 167 -16.72 -59.41 -27.90
C ILE D 167 -17.12 -58.49 -29.05
N VAL D 168 -18.20 -58.86 -29.73
CA VAL D 168 -18.71 -58.18 -30.92
C VAL D 168 -19.23 -56.78 -30.62
N ARG D 169 -19.66 -56.53 -29.37
CA ARG D 169 -20.16 -55.24 -28.97
C ARG D 169 -20.02 -55.03 -27.47
N ILE D 170 -19.57 -53.84 -27.09
CA ILE D 170 -19.45 -53.41 -25.71
C ILE D 170 -20.60 -52.40 -25.56
N ILE D 171 -21.49 -52.62 -24.60
CA ILE D 171 -22.61 -51.72 -24.34
C ILE D 171 -22.55 -51.22 -22.92
N ASN D 172 -23.18 -50.06 -22.66
CA ASN D 172 -23.19 -49.45 -21.35
C ASN D 172 -24.16 -50.18 -20.47
N GLU D 173 -23.78 -50.38 -19.19
CA GLU D 173 -24.61 -51.04 -18.19
C GLU D 173 -26.01 -50.38 -18.00
N PRO D 174 -26.17 -49.02 -17.88
CA PRO D 174 -27.52 -48.45 -17.74
C PRO D 174 -28.38 -48.58 -18.99
N THR D 175 -27.73 -48.59 -20.16
CA THR D 175 -28.37 -48.77 -21.47
C THR D 175 -28.85 -50.22 -21.61
N ALA D 176 -28.11 -51.17 -21.02
CA ALA D 176 -28.45 -52.60 -21.06
C ALA D 176 -29.69 -52.85 -20.22
N ALA D 177 -29.72 -52.29 -19.02
CA ALA D 177 -30.84 -52.32 -18.08
C ALA D 177 -32.13 -51.78 -18.70
N ALA D 178 -32.05 -50.61 -19.37
CA ALA D 178 -33.22 -49.97 -20.00
C ALA D 178 -33.70 -50.72 -21.21
N LEU D 179 -32.78 -51.39 -21.91
CA LEU D 179 -33.09 -52.29 -23.04
C LEU D 179 -33.89 -53.50 -22.53
N ALA D 180 -33.49 -54.04 -21.34
CA ALA D 180 -34.11 -55.20 -20.69
C ALA D 180 -35.58 -54.93 -20.38
N TYR D 181 -35.92 -53.66 -20.05
CA TYR D 181 -37.30 -53.27 -19.76
C TYR D 181 -38.03 -52.74 -21.01
N GLY D 182 -37.51 -53.05 -22.21
CA GLY D 182 -38.06 -52.64 -23.49
C GLY D 182 -38.26 -51.14 -23.65
N LEU D 183 -37.38 -50.34 -23.04
CA LEU D 183 -37.48 -48.88 -23.00
C LEU D 183 -37.02 -48.16 -24.26
N ASP D 184 -36.45 -48.86 -25.24
CA ASP D 184 -36.03 -48.27 -26.50
C ASP D 184 -37.21 -47.81 -27.40
N LYS D 185 -38.42 -48.22 -27.07
CA LYS D 185 -39.61 -47.91 -27.85
C LYS D 185 -40.59 -46.94 -27.22
N LYS D 186 -40.09 -46.01 -26.41
CA LYS D 186 -40.92 -45.02 -25.70
C LYS D 186 -41.10 -43.63 -26.34
N GLU D 187 -40.06 -43.15 -27.06
CA GLU D 187 -39.94 -41.83 -27.75
C GLU D 187 -39.78 -40.63 -26.87
N GLU D 188 -38.69 -39.92 -26.99
CA GLU D 188 -38.45 -38.73 -26.19
C GLU D 188 -38.77 -38.82 -24.70
N THR D 189 -38.27 -39.86 -24.05
CA THR D 189 -38.46 -40.02 -22.64
C THR D 189 -37.15 -39.99 -21.93
N SER D 190 -37.20 -39.59 -20.70
CA SER D 190 -36.02 -39.56 -19.85
C SER D 190 -36.11 -40.69 -18.82
N ILE D 191 -35.05 -41.49 -18.76
CA ILE D 191 -34.94 -42.65 -17.86
C ILE D 191 -33.87 -42.40 -16.83
N LEU D 192 -34.20 -42.64 -15.55
CA LEU D 192 -33.20 -42.59 -14.50
C LEU D 192 -32.85 -44.03 -14.16
N VAL D 193 -31.58 -44.37 -14.21
CA VAL D 193 -31.12 -45.71 -13.86
C VAL D 193 -30.33 -45.63 -12.54
N TYR D 194 -30.92 -46.19 -11.46
CA TYR D 194 -30.29 -46.27 -10.14
C TYR D 194 -29.71 -47.68 -10.01
N ASP D 195 -28.38 -47.78 -10.05
CA ASP D 195 -27.57 -49.01 -10.04
C ASP D 195 -26.67 -49.12 -8.78
N LEU D 196 -27.13 -49.93 -7.82
CA LEU D 196 -26.45 -50.15 -6.53
C LEU D 196 -25.98 -51.59 -6.42
N GLY D 197 -24.70 -51.78 -6.69
CA GLY D 197 -24.06 -53.08 -6.71
C GLY D 197 -23.38 -53.48 -5.42
N GLY D 198 -22.34 -54.27 -5.56
CA GLY D 198 -21.58 -54.78 -4.43
C GLY D 198 -20.51 -53.86 -3.94
N GLY D 199 -19.87 -53.14 -4.87
CA GLY D 199 -18.80 -52.25 -4.53
C GLY D 199 -19.00 -50.83 -5.00
N THR D 200 -19.81 -50.64 -6.05
CA THR D 200 -20.01 -49.32 -6.64
C THR D 200 -21.49 -48.92 -6.75
N PHE D 201 -21.72 -47.62 -6.82
CA PHE D 201 -23.02 -47.02 -7.02
C PHE D 201 -22.97 -46.11 -8.27
N ASP D 202 -23.91 -46.29 -9.23
CA ASP D 202 -24.01 -45.48 -10.46
C ASP D 202 -25.42 -45.01 -10.74
N VAL D 203 -25.57 -43.71 -11.05
CA VAL D 203 -26.82 -43.05 -11.48
C VAL D 203 -26.57 -42.53 -12.88
N SER D 204 -27.55 -42.72 -13.76
CA SER D 204 -27.51 -42.26 -15.13
C SER D 204 -28.86 -41.76 -15.53
N ILE D 205 -28.86 -40.76 -16.40
CA ILE D 205 -30.04 -40.25 -17.07
C ILE D 205 -29.83 -40.62 -18.55
N LEU D 206 -30.79 -41.37 -19.09
CA LEU D 206 -30.81 -41.84 -20.47
C LEU D 206 -31.96 -41.14 -21.19
N VAL D 207 -31.69 -40.55 -22.33
CA VAL D 207 -32.74 -39.92 -23.12
C VAL D 207 -32.88 -40.86 -24.34
N ILE D 208 -34.05 -41.51 -24.49
CA ILE D 208 -34.27 -42.42 -25.62
C ILE D 208 -34.84 -41.60 -26.77
N ASP D 209 -34.34 -41.88 -27.99
CA ASP D 209 -34.71 -41.18 -29.22
C ASP D 209 -34.36 -42.06 -30.45
N ASN D 210 -35.38 -42.46 -31.24
CA ASN D 210 -35.31 -43.32 -32.44
C ASN D 210 -34.52 -44.63 -32.19
N GLY D 211 -34.94 -45.38 -31.17
CA GLY D 211 -34.32 -46.64 -30.76
C GLY D 211 -32.90 -46.51 -30.25
N VAL D 212 -32.35 -45.28 -30.28
CA VAL D 212 -31.00 -44.96 -29.84
C VAL D 212 -31.01 -44.27 -28.47
N PHE D 213 -30.28 -44.85 -27.50
CA PHE D 213 -30.13 -44.30 -26.17
C PHE D 213 -28.94 -43.35 -26.14
N GLU D 214 -29.15 -42.20 -25.50
CA GLU D 214 -28.12 -41.20 -25.30
C GLU D 214 -27.93 -41.13 -23.79
N VAL D 215 -26.67 -41.20 -23.32
CA VAL D 215 -26.35 -41.10 -21.91
C VAL D 215 -26.21 -39.59 -21.64
N TYR D 216 -27.29 -38.99 -21.13
CA TYR D 216 -27.39 -37.56 -20.90
C TYR D 216 -26.52 -37.07 -19.73
N ALA D 217 -26.61 -37.74 -18.57
CA ALA D 217 -25.84 -37.39 -17.37
C ALA D 217 -25.54 -38.63 -16.53
N THR D 218 -24.36 -38.64 -15.89
CA THR D 218 -23.91 -39.72 -14.99
C THR D 218 -23.29 -39.17 -13.70
N ALA D 219 -23.41 -39.92 -12.60
CA ALA D 219 -22.84 -39.61 -11.28
C ALA D 219 -22.80 -40.90 -10.47
N GLY D 220 -22.02 -40.92 -9.39
CA GLY D 220 -21.94 -42.09 -8.54
C GLY D 220 -20.97 -42.01 -7.39
N ASN D 221 -20.72 -43.16 -6.79
CA ASN D 221 -19.77 -43.37 -5.71
C ASN D 221 -19.13 -44.74 -5.98
N THR D 222 -17.85 -44.74 -6.37
CA THR D 222 -17.07 -45.93 -6.71
C THR D 222 -16.79 -46.83 -5.50
N HIS D 223 -17.02 -46.29 -4.28
CA HIS D 223 -16.79 -47.01 -3.03
C HIS D 223 -18.03 -47.00 -2.11
N LEU D 224 -19.20 -47.37 -2.69
CA LEU D 224 -20.47 -47.48 -1.99
C LEU D 224 -21.24 -48.58 -2.67
N GLY D 225 -21.48 -49.66 -1.93
CA GLY D 225 -22.18 -50.84 -2.40
C GLY D 225 -22.60 -51.78 -1.27
N GLY D 226 -23.12 -52.93 -1.65
CA GLY D 226 -23.62 -53.95 -0.73
C GLY D 226 -22.65 -54.38 0.36
N GLU D 227 -21.37 -54.48 0.02
CA GLU D 227 -20.26 -54.90 0.90
C GLU D 227 -20.04 -53.96 2.11
N ASP D 228 -20.33 -52.69 1.92
CA ASP D 228 -20.22 -51.68 2.97
C ASP D 228 -21.31 -51.94 4.00
N PHE D 229 -22.49 -52.37 3.52
CA PHE D 229 -23.66 -52.72 4.33
C PHE D 229 -23.41 -53.96 5.21
N ASP D 230 -22.58 -54.92 4.70
CA ASP D 230 -22.21 -56.16 5.42
C ASP D 230 -21.20 -55.78 6.49
N GLN D 231 -20.27 -54.87 6.13
CA GLN D 231 -19.20 -54.44 7.03
C GLN D 231 -19.76 -53.72 8.25
N ARG D 232 -20.84 -52.91 8.08
CA ARG D 232 -21.52 -52.22 9.18
C ARG D 232 -22.16 -53.22 10.11
N VAL D 233 -22.76 -54.28 9.54
CA VAL D 233 -23.38 -55.31 10.35
C VAL D 233 -22.29 -56.08 11.11
N MET D 234 -21.18 -56.41 10.42
CA MET D 234 -20.07 -57.15 10.99
C MET D 234 -19.37 -56.45 12.10
N ASP D 235 -19.21 -55.12 11.96
CA ASP D 235 -18.62 -54.27 12.98
C ASP D 235 -19.47 -54.35 14.26
N TYR D 236 -20.81 -54.31 14.10
CA TYR D 236 -21.82 -54.42 15.16
C TYR D 236 -21.68 -55.76 15.92
N PHE D 237 -21.55 -56.90 15.21
CA PHE D 237 -21.42 -58.21 15.85
C PHE D 237 -20.05 -58.44 16.48
N ILE D 238 -19.00 -57.81 15.92
CA ILE D 238 -17.62 -57.92 16.46
C ILE D 238 -17.56 -57.19 17.82
N LYS D 239 -18.16 -55.99 17.88
CA LYS D 239 -18.28 -55.16 19.05
C LYS D 239 -19.08 -55.91 20.14
N MET D 240 -20.25 -56.48 19.75
CA MET D 240 -21.17 -57.26 20.60
C MET D 240 -20.48 -58.48 21.22
N PHE D 241 -19.73 -59.25 20.39
CA PHE D 241 -19.01 -60.45 20.81
C PHE D 241 -17.89 -60.11 21.79
N LYS D 242 -17.26 -58.93 21.59
CA LYS D 242 -16.20 -58.41 22.43
C LYS D 242 -16.74 -58.09 23.83
N LYS D 243 -17.87 -57.39 23.91
CA LYS D 243 -18.50 -56.99 25.17
C LYS D 243 -19.10 -58.16 25.96
N LYS D 244 -19.55 -59.23 25.26
CA LYS D 244 -20.15 -60.41 25.89
C LYS D 244 -19.11 -61.44 26.37
N ASN D 245 -18.17 -61.83 25.49
CA ASN D 245 -17.19 -62.88 25.76
C ASN D 245 -15.75 -62.40 26.00
N ASN D 246 -15.47 -61.09 25.79
CA ASN D 246 -14.15 -60.46 25.93
C ASN D 246 -13.15 -61.04 24.89
N ILE D 247 -13.65 -61.37 23.68
CA ILE D 247 -12.84 -61.91 22.59
C ILE D 247 -13.00 -61.06 21.31
N ASP D 248 -11.86 -60.59 20.75
CA ASP D 248 -11.84 -59.86 19.48
C ASP D 248 -11.78 -60.93 18.36
N LEU D 249 -12.89 -61.07 17.62
CA LEU D 249 -13.00 -62.04 16.53
C LEU D 249 -12.04 -61.77 15.35
N ARG D 250 -11.61 -60.50 15.19
CA ARG D 250 -10.71 -60.05 14.12
C ARG D 250 -9.31 -60.69 14.17
N THR D 251 -8.94 -61.27 15.32
CA THR D 251 -7.64 -61.94 15.53
C THR D 251 -7.65 -63.33 14.89
N ASP D 252 -8.85 -63.95 14.79
CA ASP D 252 -9.11 -65.27 14.24
C ASP D 252 -9.78 -65.13 12.87
N LYS D 253 -9.03 -65.46 11.80
CA LYS D 253 -9.51 -65.36 10.42
C LYS D 253 -10.54 -66.42 10.06
N ARG D 254 -10.44 -67.62 10.68
CA ARG D 254 -11.39 -68.72 10.48
C ARG D 254 -12.77 -68.24 10.95
N ALA D 255 -12.80 -67.54 12.11
CA ALA D 255 -13.98 -66.95 12.74
C ALA D 255 -14.61 -65.86 11.87
N ILE D 256 -13.78 -64.96 11.31
CA ILE D 256 -14.20 -63.85 10.45
C ILE D 256 -14.79 -64.38 9.15
N GLN D 257 -14.20 -65.47 8.60
CA GLN D 257 -14.70 -66.10 7.37
C GLN D 257 -16.12 -66.70 7.58
N LYS D 258 -16.36 -67.37 8.73
CA LYS D 258 -17.67 -67.94 9.06
C LYS D 258 -18.73 -66.83 9.25
N LEU D 259 -18.35 -65.75 9.99
CA LEU D 259 -19.24 -64.64 10.28
C LEU D 259 -19.63 -63.86 9.01
N ARG D 260 -18.65 -63.52 8.17
CA ARG D 260 -18.82 -62.83 6.89
C ARG D 260 -19.80 -63.56 5.96
N LYS D 261 -19.63 -64.88 5.81
CA LYS D 261 -20.51 -65.71 4.97
C LYS D 261 -21.96 -65.64 5.51
N GLU D 262 -22.11 -65.81 6.82
CA GLU D 262 -23.41 -65.77 7.48
C GLU D 262 -24.07 -64.39 7.45
N VAL D 263 -23.26 -63.32 7.44
CA VAL D 263 -23.77 -61.94 7.40
C VAL D 263 -24.33 -61.60 5.99
N GLU D 264 -23.74 -62.18 4.95
CA GLU D 264 -24.17 -61.95 3.56
C GLU D 264 -25.50 -62.63 3.29
N ILE D 265 -25.66 -63.85 3.85
CA ILE D 265 -26.88 -64.66 3.79
C ILE D 265 -27.99 -63.92 4.57
N ALA D 266 -27.68 -63.50 5.82
CA ALA D 266 -28.62 -62.78 6.69
C ALA D 266 -29.15 -61.50 6.01
N LYS D 267 -28.26 -60.72 5.37
CA LYS D 267 -28.64 -59.50 4.63
C LYS D 267 -29.65 -59.83 3.53
N ARG D 268 -29.33 -60.83 2.70
CA ARG D 268 -30.20 -61.26 1.61
C ARG D 268 -31.56 -61.79 2.10
N ASN D 269 -31.57 -62.48 3.26
CA ASN D 269 -32.76 -63.00 3.91
C ASN D 269 -33.71 -61.86 4.32
N LEU D 270 -33.13 -60.70 4.75
CA LEU D 270 -33.90 -59.54 5.19
C LEU D 270 -34.56 -58.76 4.04
N SER D 271 -34.30 -59.18 2.78
CA SER D 271 -34.93 -58.55 1.63
C SER D 271 -36.32 -59.10 1.44
N VAL D 272 -36.58 -60.34 1.96
CA VAL D 272 -37.85 -61.02 1.82
C VAL D 272 -38.59 -61.08 3.17
N VAL D 273 -37.86 -61.38 4.28
CA VAL D 273 -38.46 -61.45 5.64
C VAL D 273 -37.95 -60.30 6.56
N HIS D 274 -38.56 -60.16 7.75
CA HIS D 274 -38.27 -59.08 8.70
C HIS D 274 -37.26 -59.41 9.79
N SER D 275 -36.95 -60.70 9.97
CA SER D 275 -36.01 -61.12 10.99
C SER D 275 -35.27 -62.35 10.52
N THR D 276 -34.02 -62.50 10.95
CA THR D 276 -33.19 -63.65 10.58
C THR D 276 -32.29 -64.09 11.74
N GLN D 277 -31.78 -65.32 11.66
CA GLN D 277 -30.92 -65.92 12.69
C GLN D 277 -29.54 -66.21 12.15
N ILE D 278 -28.50 -65.78 12.87
CA ILE D 278 -27.12 -66.04 12.51
C ILE D 278 -26.61 -67.01 13.57
N GLU D 279 -26.36 -68.25 13.16
CA GLU D 279 -25.90 -69.31 14.04
C GLU D 279 -24.62 -69.93 13.50
N ILE D 280 -23.55 -69.90 14.31
CA ILE D 280 -22.23 -70.45 13.99
C ILE D 280 -21.76 -71.27 15.18
N GLU D 281 -21.79 -72.61 15.02
CA GLU D 281 -21.34 -73.56 16.04
C GLU D 281 -19.81 -73.48 16.08
N ASP D 282 -19.27 -73.23 17.28
CA ASP D 282 -17.82 -73.09 17.54
C ASP D 282 -17.14 -72.07 16.59
N ILE D 283 -17.56 -70.79 16.69
CA ILE D 283 -16.99 -69.66 15.93
C ILE D 283 -15.51 -69.52 16.34
N VAL D 284 -15.25 -69.86 17.61
CA VAL D 284 -13.96 -69.94 18.31
C VAL D 284 -14.09 -71.13 19.28
N GLU D 285 -12.97 -71.73 19.70
CA GLU D 285 -13.02 -72.91 20.59
C GLU D 285 -13.80 -72.65 21.88
N GLY D 286 -14.95 -73.31 22.00
CA GLY D 286 -15.83 -73.24 23.15
C GLY D 286 -16.85 -72.13 23.15
N HIS D 287 -17.10 -71.49 21.99
CA HIS D 287 -18.08 -70.42 21.88
C HIS D 287 -18.95 -70.57 20.65
N ASN D 288 -20.28 -70.59 20.85
CA ASN D 288 -21.26 -70.69 19.78
C ASN D 288 -21.87 -69.32 19.55
N PHE D 289 -21.81 -68.83 18.30
CA PHE D 289 -22.39 -67.53 17.97
C PHE D 289 -23.86 -67.74 17.59
N SER D 290 -24.77 -67.05 18.29
CA SER D 290 -26.20 -67.12 18.01
C SER D 290 -26.83 -65.77 18.26
N GLU D 291 -27.12 -65.03 17.18
CA GLU D 291 -27.73 -63.70 17.27
C GLU D 291 -28.83 -63.52 16.24
N THR D 292 -29.85 -62.76 16.61
CA THR D 292 -30.96 -62.39 15.73
C THR D 292 -30.60 -61.07 15.06
N LEU D 293 -30.95 -60.92 13.78
CA LEU D 293 -30.77 -59.65 13.06
C LEU D 293 -32.11 -59.30 12.42
N THR D 294 -32.71 -58.20 12.88
CA THR D 294 -33.98 -57.75 12.33
C THR D 294 -33.71 -56.86 11.12
N ARG D 295 -34.70 -56.74 10.22
CA ARG D 295 -34.63 -55.85 9.07
C ARG D 295 -34.41 -54.42 9.61
N ALA D 296 -35.12 -54.06 10.70
CA ALA D 296 -35.05 -52.75 11.36
C ALA D 296 -33.63 -52.42 11.79
N LYS D 297 -32.93 -53.38 12.44
CA LYS D 297 -31.55 -53.23 12.89
C LYS D 297 -30.62 -53.04 11.70
N PHE D 298 -30.78 -53.88 10.65
CA PHE D 298 -29.98 -53.81 9.43
C PHE D 298 -30.09 -52.40 8.80
N GLU D 299 -31.31 -51.81 8.82
CA GLU D 299 -31.57 -50.48 8.25
C GLU D 299 -30.95 -49.35 9.10
N GLU D 300 -31.06 -49.44 10.44
CA GLU D 300 -30.47 -48.52 11.41
C GLU D 300 -28.96 -48.44 11.30
N LEU D 301 -28.28 -49.57 11.06
CA LEU D 301 -26.82 -49.62 10.91
C LEU D 301 -26.31 -49.01 9.60
N ASN D 302 -27.18 -48.94 8.57
CA ASN D 302 -26.81 -48.47 7.24
C ASN D 302 -27.52 -47.24 6.71
N ASP D 303 -28.37 -46.58 7.53
CA ASP D 303 -29.18 -45.45 7.12
C ASP D 303 -28.41 -44.33 6.43
N ASP D 304 -27.25 -43.95 6.98
CA ASP D 304 -26.41 -42.88 6.42
C ASP D 304 -25.89 -43.26 5.02
N LEU D 305 -25.46 -44.52 4.85
CA LEU D 305 -24.96 -45.01 3.57
C LEU D 305 -26.08 -45.13 2.53
N PHE D 306 -27.29 -45.49 2.99
CA PHE D 306 -28.48 -45.61 2.14
C PHE D 306 -28.86 -44.23 1.58
N ARG D 307 -28.96 -43.21 2.44
CA ARG D 307 -29.35 -41.85 2.03
C ARG D 307 -28.25 -41.15 1.22
N GLU D 308 -26.99 -41.52 1.47
CA GLU D 308 -25.78 -41.08 0.75
C GLU D 308 -25.94 -41.35 -0.78
N THR D 309 -26.73 -42.39 -1.17
CA THR D 309 -26.98 -42.73 -2.59
C THR D 309 -27.85 -41.66 -3.29
N LEU D 310 -28.53 -40.81 -2.51
CA LEU D 310 -29.36 -39.76 -3.07
C LEU D 310 -28.55 -38.55 -3.51
N GLU D 311 -27.34 -38.38 -2.93
CA GLU D 311 -26.40 -37.31 -3.29
C GLU D 311 -26.05 -37.35 -4.80
N PRO D 312 -25.59 -38.48 -5.40
CA PRO D 312 -25.38 -38.50 -6.86
C PRO D 312 -26.67 -38.37 -7.69
N VAL D 313 -27.85 -38.73 -7.14
CA VAL D 313 -29.15 -38.61 -7.83
C VAL D 313 -29.45 -37.10 -8.00
N LYS D 314 -29.25 -36.31 -6.92
CA LYS D 314 -29.42 -34.86 -6.94
C LYS D 314 -28.46 -34.24 -7.97
N LYS D 315 -27.20 -34.73 -8.04
CA LYS D 315 -26.15 -34.29 -8.97
C LYS D 315 -26.50 -34.51 -10.45
N VAL D 316 -26.99 -35.72 -10.84
CA VAL D 316 -27.40 -35.96 -12.24
C VAL D 316 -28.53 -35.03 -12.67
N LEU D 317 -29.53 -34.80 -11.77
CA LEU D 317 -30.67 -33.94 -12.04
C LEU D 317 -30.24 -32.50 -12.15
N ASP D 318 -29.26 -32.09 -11.32
CA ASP D 318 -28.69 -30.74 -11.34
C ASP D 318 -27.86 -30.51 -12.61
N ASP D 319 -27.00 -31.48 -12.98
CA ASP D 319 -26.15 -31.39 -14.19
C ASP D 319 -27.00 -31.36 -15.47
N ALA D 320 -28.13 -32.10 -15.47
CA ALA D 320 -29.07 -32.20 -16.60
C ALA D 320 -30.03 -31.01 -16.64
N LYS D 321 -30.08 -30.23 -15.54
CA LYS D 321 -30.97 -29.07 -15.32
C LYS D 321 -32.45 -29.54 -15.37
N TYR D 322 -32.67 -30.72 -14.77
CA TYR D 322 -33.94 -31.43 -14.70
C TYR D 322 -34.64 -31.23 -13.36
N GLU D 323 -35.97 -31.14 -13.44
CA GLU D 323 -36.84 -31.19 -12.29
C GLU D 323 -37.08 -32.71 -12.10
N LYS D 324 -37.58 -33.12 -10.93
CA LYS D 324 -37.86 -34.54 -10.65
C LYS D 324 -38.90 -35.10 -11.61
N SER D 325 -39.91 -34.27 -11.97
CA SER D 325 -41.02 -34.59 -12.87
C SER D 325 -40.58 -34.99 -14.30
N LYS D 326 -39.42 -34.50 -14.76
CA LYS D 326 -38.88 -34.78 -16.08
C LYS D 326 -38.52 -36.28 -16.26
N ILE D 327 -38.30 -37.00 -15.14
CA ILE D 327 -38.01 -38.43 -15.16
C ILE D 327 -39.32 -39.20 -15.44
N ASP D 328 -39.37 -39.84 -16.62
CA ASP D 328 -40.51 -40.61 -17.10
C ASP D 328 -40.48 -42.05 -16.64
N GLU D 329 -39.26 -42.60 -16.47
CA GLU D 329 -39.06 -44.00 -16.10
C GLU D 329 -37.93 -44.16 -15.07
N ILE D 330 -38.12 -45.08 -14.12
CA ILE D 330 -37.10 -45.40 -13.13
C ILE D 330 -36.70 -46.86 -13.30
N VAL D 331 -35.39 -47.13 -13.45
CA VAL D 331 -34.86 -48.48 -13.54
C VAL D 331 -33.92 -48.74 -12.35
N LEU D 332 -34.17 -49.85 -11.62
CA LEU D 332 -33.36 -50.30 -10.48
C LEU D 332 -32.49 -51.47 -10.88
N VAL D 333 -31.18 -51.27 -10.71
CA VAL D 333 -30.15 -52.26 -11.08
C VAL D 333 -29.25 -52.55 -9.86
N GLY D 334 -28.72 -53.76 -9.80
CA GLY D 334 -27.86 -54.16 -8.71
C GLY D 334 -28.59 -54.98 -7.69
N GLY D 335 -27.88 -55.94 -7.11
CA GLY D 335 -28.47 -56.79 -6.08
C GLY D 335 -28.98 -56.03 -4.87
N SER D 336 -28.33 -54.88 -4.52
CA SER D 336 -28.71 -54.08 -3.33
C SER D 336 -30.03 -53.29 -3.49
N THR D 337 -30.58 -53.18 -4.72
CA THR D 337 -31.89 -52.54 -4.89
C THR D 337 -33.01 -53.48 -4.39
N ARG D 338 -32.66 -54.75 -4.10
CA ARG D 338 -33.59 -55.77 -3.56
C ARG D 338 -33.87 -55.44 -2.10
N ILE D 339 -33.07 -54.52 -1.49
CA ILE D 339 -33.26 -54.08 -0.11
C ILE D 339 -34.54 -53.25 -0.08
N PRO D 340 -35.58 -53.69 0.67
CA PRO D 340 -36.83 -52.92 0.70
C PRO D 340 -36.66 -51.45 1.06
N LYS D 341 -35.73 -51.09 1.98
CA LYS D 341 -35.47 -49.69 2.38
C LYS D 341 -34.92 -48.84 1.25
N ILE D 342 -34.02 -49.42 0.46
CA ILE D 342 -33.42 -48.74 -0.70
C ILE D 342 -34.53 -48.34 -1.71
N GLN D 343 -35.50 -49.25 -1.97
CA GLN D 343 -36.65 -49.05 -2.87
C GLN D 343 -37.52 -47.94 -2.35
N GLN D 344 -37.77 -47.94 -1.04
CA GLN D 344 -38.61 -46.96 -0.35
C GLN D 344 -37.97 -45.56 -0.43
N ILE D 345 -36.63 -45.45 -0.22
CA ILE D 345 -35.91 -44.18 -0.27
C ILE D 345 -35.95 -43.56 -1.69
N ILE D 346 -35.87 -44.37 -2.77
CA ILE D 346 -35.93 -43.87 -4.15
C ILE D 346 -37.35 -43.42 -4.49
N LYS D 347 -38.36 -44.23 -4.10
CA LYS D 347 -39.79 -43.95 -4.31
C LYS D 347 -40.16 -42.63 -3.60
N GLU D 348 -39.78 -42.48 -2.32
CA GLU D 348 -40.00 -41.27 -1.53
C GLU D 348 -39.31 -40.05 -2.15
N PHE D 349 -38.06 -40.20 -2.66
CA PHE D 349 -37.34 -39.12 -3.34
C PHE D 349 -38.11 -38.70 -4.62
N PHE D 350 -38.64 -39.68 -5.36
CA PHE D 350 -39.40 -39.40 -6.58
C PHE D 350 -40.91 -39.28 -6.34
N ASN D 351 -41.28 -38.89 -5.10
CA ASN D 351 -42.63 -38.56 -4.63
C ASN D 351 -43.72 -39.63 -4.90
N GLY D 352 -43.38 -40.87 -4.64
CA GLY D 352 -44.31 -41.98 -4.80
C GLY D 352 -44.22 -42.69 -6.14
N LYS D 353 -43.34 -42.22 -7.07
CA LYS D 353 -43.20 -42.84 -8.38
C LYS D 353 -42.60 -44.21 -8.26
N GLU D 354 -43.36 -45.20 -8.74
CA GLU D 354 -43.00 -46.62 -8.76
C GLU D 354 -41.97 -46.89 -9.84
N PRO D 355 -40.90 -47.67 -9.53
CA PRO D 355 -39.92 -47.99 -10.58
C PRO D 355 -40.43 -49.16 -11.42
N ASN D 356 -39.69 -49.50 -12.49
CA ASN D 356 -39.99 -50.64 -13.34
C ASN D 356 -39.75 -51.91 -12.50
N ARG D 357 -40.58 -52.91 -12.74
CA ARG D 357 -40.48 -54.19 -12.06
C ARG D 357 -40.83 -55.32 -13.01
N GLY D 358 -40.19 -56.47 -12.80
CA GLY D 358 -40.38 -57.66 -13.62
C GLY D 358 -39.15 -58.54 -13.73
N ILE D 359 -37.94 -57.94 -13.66
CA ILE D 359 -36.64 -58.65 -13.80
C ILE D 359 -35.84 -58.55 -12.49
N ASN D 360 -35.14 -59.64 -12.10
CA ASN D 360 -34.28 -59.57 -10.90
C ASN D 360 -33.24 -58.46 -11.14
N PRO D 361 -33.13 -57.51 -10.19
CA PRO D 361 -32.28 -56.33 -10.44
C PRO D 361 -30.83 -56.64 -10.75
N ASP D 362 -30.29 -57.72 -10.14
CA ASP D 362 -28.93 -58.20 -10.33
C ASP D 362 -28.72 -58.94 -11.66
N GLU D 363 -29.82 -59.20 -12.41
CA GLU D 363 -29.79 -59.91 -13.68
C GLU D 363 -30.20 -59.03 -14.90
N ALA D 364 -30.71 -57.79 -14.65
CA ALA D 364 -31.22 -56.84 -15.64
C ALA D 364 -30.18 -56.42 -16.68
N VAL D 365 -28.93 -56.18 -16.26
CA VAL D 365 -27.82 -55.81 -17.16
C VAL D 365 -27.48 -56.98 -18.11
N ALA D 366 -27.33 -58.23 -17.59
CA ALA D 366 -27.06 -59.41 -18.44
C ALA D 366 -28.25 -59.72 -19.36
N TYR D 367 -29.47 -59.41 -18.88
CA TYR D 367 -30.71 -59.56 -19.63
C TYR D 367 -30.73 -58.64 -20.85
N GLY D 368 -30.41 -57.37 -20.64
CA GLY D 368 -30.37 -56.37 -21.71
C GLY D 368 -29.27 -56.68 -22.71
N ALA D 369 -28.11 -57.15 -22.21
CA ALA D 369 -26.96 -57.59 -23.01
C ALA D 369 -27.36 -58.79 -23.90
N ALA D 370 -28.23 -59.69 -23.39
CA ALA D 370 -28.73 -60.82 -24.18
C ALA D 370 -29.78 -60.39 -25.24
N ILE D 371 -30.54 -59.31 -24.98
CA ILE D 371 -31.49 -58.71 -25.92
C ILE D 371 -30.67 -58.08 -27.05
N GLN D 372 -29.60 -57.33 -26.69
CA GLN D 372 -28.69 -56.71 -27.64
C GLN D 372 -28.04 -57.77 -28.54
N ALA D 373 -27.61 -58.91 -27.94
CA ALA D 373 -27.02 -60.06 -28.63
C ALA D 373 -27.95 -60.63 -29.71
N GLY D 374 -29.25 -60.71 -29.38
CA GLY D 374 -30.29 -61.20 -30.27
C GLY D 374 -30.61 -60.27 -31.42
N ILE D 375 -30.40 -58.95 -31.22
CA ILE D 375 -30.61 -57.92 -32.24
C ILE D 375 -29.49 -58.04 -33.29
N ILE D 376 -28.24 -58.19 -32.82
CA ILE D 376 -27.02 -58.32 -33.62
C ILE D 376 -27.10 -59.57 -34.51
N LEU D 377 -27.61 -60.69 -33.95
CA LEU D 377 -27.78 -61.96 -34.66
C LEU D 377 -28.75 -61.79 -35.84
N GLY D 378 -29.94 -61.26 -35.56
CA GLY D 378 -30.98 -61.01 -36.57
C GLY D 378 -31.77 -62.29 -36.91
MG MG E . -8.12 37.59 24.11
P PO4 F . -5.73 38.47 21.23
O1 PO4 F . -4.60 38.57 20.16
O2 PO4 F . -6.11 39.95 21.70
O3 PO4 F . -5.24 37.62 22.48
O4 PO4 F . -6.96 37.67 20.59
PB ADP G . -10.06 38.84 21.21
O1B ADP G . -9.79 38.03 20.02
O2B ADP G . -10.05 40.27 20.81
O3B ADP G . -9.15 38.50 22.36
PA ADP G . -12.44 37.25 21.96
O1A ADP G . -11.65 36.22 22.66
O2A ADP G . -13.63 37.74 22.78
O3A ADP G . -11.59 38.54 21.56
O5' ADP G . -13.01 36.62 20.58
C5' ADP G . -13.85 37.32 19.63
C4' ADP G . -14.55 36.30 18.77
O4' ADP G . -15.37 35.44 19.60
C3' ADP G . -15.49 36.89 17.71
O3' ADP G . -15.19 36.37 16.42
C2' ADP G . -16.90 36.50 18.22
O2' ADP G . -17.90 36.37 17.22
C1' ADP G . -16.57 35.20 18.92
N9 ADP G . -17.57 34.72 19.87
C8 ADP G . -18.00 35.35 21.01
N7 ADP G . -18.98 34.75 21.63
C5 ADP G . -19.21 33.62 20.84
C6 ADP G . -20.12 32.54 20.96
N6 ADP G . -21.08 32.48 21.90
N1 ADP G . -20.05 31.55 20.04
C2 ADP G . -19.15 31.65 19.06
N3 ADP G . -18.26 32.62 18.84
C4 ADP G . -18.34 33.59 19.76
MG MG H . 34.45 18.04 -8.64
P PO4 I . 31.31 17.42 -8.09
O1 PO4 I . 31.60 16.18 -9.05
O2 PO4 I . 31.09 16.96 -6.69
O3 PO4 I . 32.62 18.36 -8.13
O4 PO4 I . 30.05 18.19 -8.70
PB ADP J . 33.68 18.65 -11.78
O1B ADP J . 32.81 17.77 -12.63
O2B ADP J . 34.18 17.99 -10.55
O3B ADP J . 32.84 19.85 -11.54
PA ADP J . 36.15 20.06 -12.78
O1A ADP J . 37.01 19.59 -13.95
O2A ADP J . 36.86 20.14 -11.48
O3A ADP J . 34.90 19.06 -12.72
O5' ADP J . 35.61 21.49 -13.25
C5' ADP J . 35.03 21.66 -14.55
C4' ADP J . 35.00 23.10 -14.99
O4' ADP J . 36.31 23.70 -14.91
C3' ADP J . 34.52 23.27 -16.44
O3' ADP J . 33.34 24.07 -16.53
C2' ADP J . 35.75 23.86 -17.15
O2' ADP J . 35.44 24.74 -18.22
C1' ADP J . 36.42 24.60 -15.99
N9 ADP J . 37.82 24.99 -16.20
C8 ADP J . 38.86 24.19 -16.58
N7 ADP J . 40.00 24.83 -16.73
C5 ADP J . 39.68 26.15 -16.42
C6 ADP J . 40.44 27.33 -16.40
N6 ADP J . 41.72 27.40 -16.79
N1 ADP J . 39.81 28.48 -16.04
C2 ADP J . 38.52 28.43 -15.75
N3 ADP J . 37.69 27.38 -15.75
C4 ADP J . 38.33 26.26 -16.09
MG MG K . -3.98 -1.61 -4.14
P PO4 L . -5.55 -3.75 -1.69
O1 PO4 L . -5.49 -5.18 -0.96
O2 PO4 L . -5.71 -2.57 -0.62
O3 PO4 L . -4.22 -3.46 -2.47
O4 PO4 L . -6.84 -3.77 -2.63
PB ADP M . -1.72 -1.77 -0.25
O1B ADP M . -1.15 -3.12 -0.12
O2B ADP M . -2.45 -1.47 0.97
O3B ADP M . -2.62 -1.60 -1.55
PA ADP M . 0.78 -0.78 -1.43
O1A ADP M . 0.29 -1.48 -2.68
O2A ADP M . 1.32 0.57 -1.64
O3A ADP M . -0.48 -0.77 -0.45
O5' ADP M . 1.92 -1.79 -0.88
C5' ADP M . 2.83 -1.56 0.20
C4' ADP M . 3.94 -2.61 0.13
O4' ADP M . 4.93 -2.21 -0.85
C3' ADP M . 4.70 -2.83 1.44
O3' ADP M . 4.96 -4.22 1.69
C2' ADP M . 5.98 -2.03 1.23
O2' ADP M . 7.11 -2.43 2.02
C1' ADP M . 6.22 -2.25 -0.25
N9 ADP M . 7.09 -1.27 -0.90
C8 ADP M . 6.87 0.09 -1.01
N7 ADP M . 7.85 0.73 -1.61
C5 ADP M . 8.76 -0.27 -1.92
C6 ADP M . 10.00 -0.25 -2.59
N6 ADP M . 10.58 0.86 -3.05
N1 ADP M . 10.66 -1.42 -2.72
C2 ADP M . 10.11 -2.54 -2.22
N3 ADP M . 8.94 -2.68 -1.58
C4 ADP M . 8.31 -1.50 -1.47
MG MG N . -23.42 -54.49 -11.61
P PO4 O . -20.61 -52.42 -11.69
O1 PO4 O . -19.74 -53.63 -12.28
O2 PO4 O . -20.54 -51.26 -12.61
O3 PO4 O . -22.16 -52.82 -11.51
O4 PO4 O . -19.90 -52.24 -10.28
PB ADP P . -22.05 -55.91 -9.43
O1B ADP P . -20.69 -56.58 -9.08
O2B ADP P . -22.25 -55.85 -10.85
O3B ADP P . -22.16 -54.55 -8.83
PA ADP P . -24.54 -57.11 -8.13
O1A ADP P . -24.78 -58.58 -8.22
O2A ADP P . -25.59 -56.32 -8.87
O3A ADP P . -23.04 -56.91 -8.65
O5' ADP P . -24.55 -56.69 -6.59
C5' ADP P . -23.75 -57.35 -5.59
C4' ADP P . -24.33 -57.09 -4.22
O4' ADP P . -25.76 -57.30 -4.25
C3' ADP P . -23.76 -58.01 -3.13
O3' ADP P . -23.12 -57.27 -2.09
C2' ADP P . -24.99 -58.82 -2.68
O2' ADP P . -25.03 -59.15 -1.29
C1' ADP P . -26.13 -57.88 -3.02
N9 ADP P . -27.43 -58.55 -3.15
C8 ADP P . -27.73 -59.60 -3.97
N7 ADP P . -28.86 -60.21 -3.70
C5 ADP P . -29.37 -59.47 -2.64
C6 ADP P . -30.58 -59.54 -1.93
N6 ADP P . -31.50 -60.50 -2.14
N1 ADP P . -30.83 -58.59 -1.00
C2 ADP P . -29.90 -57.66 -0.76
N3 ADP P . -28.71 -57.51 -1.35
C4 ADP P . -28.50 -58.44 -2.29
#